data_7YIX
#
_entry.id   7YIX
#
_cell.length_a   1.00
_cell.length_b   1.00
_cell.length_c   1.00
_cell.angle_alpha   90.00
_cell.angle_beta   90.00
_cell.angle_gamma   90.00
#
_symmetry.space_group_name_H-M   'P 1'
#
loop_
_entity.id
_entity.type
_entity.pdbx_description
1 polymer 'Alkaline phosphatase, tissue-nonspecific isozyme'
2 polymer scFv
3 branched 2-acetamido-2-deoxy-beta-D-glucopyranose-(1-4)-2-acetamido-2-deoxy-beta-D-glucopyranose
4 non-polymer 2-acetamido-2-deoxy-beta-D-glucopyranose
5 non-polymer 'MAGNESIUM ION'
6 non-polymer 'ZINC ION'
7 non-polymer 'CALCIUM ION'
#
loop_
_entity_poly.entity_id
_entity_poly.type
_entity_poly.pdbx_seq_one_letter_code
_entity_poly.pdbx_strand_id
1 'polypeptide(L)'
;MKTIIALSYIFCLVFAGRALVPEKEKDPKYWRDQAQETLKYALELQKLNTNVAKNVIMFLGDGMGVSTVTAARILKGQLH
HNPGEETRLEMDKFPFVALSKTYNTNAQVPDSAGTATAYLCGVKANEGTVGVSAATERSRCNTTQGNEVTSILRWAKDAG
KSVGIVTTTRVNHATPSAAYAHSADRDWYSDNEMPPEALSQGCKDIAYQLMHNIRDIDVIMGGGRKYMYPKNKTDVEYES
DEKARGTRLDGLDLVDTWKSFKPRYKHSHFIWNRTELLTLDPHNVDYLLGLFEPGDMQYELNRNNVTDPSLSEMVVVAIQ
ILRKNPKGFFLLVEGGRIDHGHHEGKAKQALHEAVEMDRAIGQAGSLTSSEDTLTVVTADHSHVFTFGGYTPRGNSIFGL
APMLSDTDKKPFTAILYGNGPGYKVVGGERENVSMVDYAHNNYQAQSAVPLRHETHGGEDVAVFSKGPMAHLLHGVHEQN
YVPHVMAYAACIGANLGHCAPAAAAENLYFQGCCPGCC
;
A,B
2 'polypeptide(L)'
;MYRMQLLSCIALSLALVTNSAAQPAMAQVQLVQSGAEVKKPGASVKVSCKASGYTFTSYGISWVRQAPGQGLEWMGWISA
YNGNTNYAQKLQGRVTMTTDTSTSTAYMELRSLRSDDTAVYYCARDKGWNSEGSLEYWGQGTLVTVSSGGGGSGGGGSGG
GGSDIVMTQSPSSVSASVGDRVTITCRASQGISNWLGWYQQKPGKAPKLLIYGASSLQSGVPSRFSGSGSGTDFTLTISS
LQPEDFATYFCQQAYSLPLTFGGGTKLEIKRGAAA
;
C,D
#
# COMPACT_ATOMS: atom_id res chain seq x y z
N LEU A 20 -28.20 10.62 0.02
CA LEU A 20 -28.20 11.78 -0.86
C LEU A 20 -28.35 11.31 -2.31
N VAL A 21 -27.54 10.31 -2.67
CA VAL A 21 -27.58 9.59 -3.95
C VAL A 21 -27.77 10.55 -5.12
N PRO A 22 -26.73 11.28 -5.53
CA PRO A 22 -26.85 12.15 -6.70
C PRO A 22 -27.22 11.36 -7.94
N GLU A 23 -27.91 12.02 -8.87
CA GLU A 23 -28.46 11.33 -10.03
C GLU A 23 -27.37 10.67 -10.86
N LYS A 24 -26.25 11.36 -11.07
CA LYS A 24 -25.19 10.84 -11.93
C LYS A 24 -24.62 9.53 -11.44
N GLU A 25 -24.79 9.21 -10.16
CA GLU A 25 -24.25 7.98 -9.59
C GLU A 25 -25.23 6.81 -9.66
N LYS A 26 -26.39 6.99 -10.29
CA LYS A 26 -27.38 5.94 -10.38
C LYS A 26 -27.20 5.03 -11.60
N ASP A 27 -26.15 5.24 -12.39
CA ASP A 27 -25.91 4.44 -13.59
C ASP A 27 -24.68 3.57 -13.41
N PRO A 28 -24.77 2.27 -13.70
CA PRO A 28 -23.58 1.42 -13.62
C PRO A 28 -22.47 1.83 -14.58
N LYS A 29 -22.83 2.46 -15.70
CA LYS A 29 -21.82 2.87 -16.67
C LYS A 29 -20.86 3.89 -16.09
N TYR A 30 -21.34 4.75 -15.19
CA TYR A 30 -20.47 5.73 -14.55
C TYR A 30 -19.36 5.05 -13.76
N TRP A 31 -19.72 4.09 -12.91
CA TRP A 31 -18.74 3.37 -12.12
C TRP A 31 -17.82 2.52 -13.00
N ARG A 32 -18.37 1.89 -14.03
CA ARG A 32 -17.54 1.08 -14.93
C ARG A 32 -16.51 1.94 -15.64
N ASP A 33 -16.92 3.12 -16.14
CA ASP A 33 -15.99 4.02 -16.81
C ASP A 33 -14.92 4.53 -15.86
N GLN A 34 -15.32 4.87 -14.62
CA GLN A 34 -14.36 5.32 -13.64
C GLN A 34 -13.31 4.24 -13.36
N ALA A 35 -13.77 3.00 -13.18
CA ALA A 35 -12.83 1.90 -12.92
C ALA A 35 -11.92 1.65 -14.12
N GLN A 36 -12.46 1.77 -15.33
CA GLN A 36 -11.63 1.57 -16.52
C GLN A 36 -10.56 2.65 -16.64
N GLU A 37 -10.92 3.91 -16.35
CA GLU A 37 -9.91 4.97 -16.39
C GLU A 37 -8.83 4.76 -15.34
N THR A 38 -9.23 4.35 -14.13
CA THR A 38 -8.25 4.05 -13.10
C THR A 38 -7.33 2.90 -13.53
N LEU A 39 -7.91 1.88 -14.15
CA LEU A 39 -7.11 0.75 -14.65
C LEU A 39 -6.13 1.20 -15.72
N LYS A 40 -6.57 2.07 -16.64
CA LYS A 40 -5.67 2.55 -17.68
C LYS A 40 -4.51 3.34 -17.10
N TYR A 41 -4.79 4.20 -16.12
CA TYR A 41 -3.71 4.95 -15.49
C TYR A 41 -2.73 4.04 -14.76
N ALA A 42 -3.25 3.06 -14.01
CA ALA A 42 -2.38 2.14 -13.29
C ALA A 42 -1.58 1.27 -14.25
N LEU A 43 -2.12 1.01 -15.44
CA LEU A 43 -1.40 0.22 -16.43
C LEU A 43 -0.30 1.03 -17.10
N GLU A 44 -0.57 2.31 -17.36
CA GLU A 44 0.47 3.20 -17.88
C GLU A 44 1.54 3.49 -16.85
N LEU A 45 1.23 3.36 -15.57
CA LEU A 45 2.20 3.62 -14.50
C LEU A 45 3.28 2.57 -14.42
N GLN A 46 3.20 1.48 -15.19
CA GLN A 46 4.16 0.39 -15.09
C GLN A 46 5.57 0.82 -15.48
N LYS A 47 5.73 1.96 -16.13
CA LYS A 47 7.05 2.48 -16.49
C LYS A 47 7.71 3.03 -15.23
N LEU A 48 8.64 2.25 -14.68
CA LEU A 48 9.27 2.62 -13.41
C LEU A 48 10.19 3.83 -13.59
N ASN A 49 10.28 4.63 -12.53
CA ASN A 49 11.15 5.80 -12.50
C ASN A 49 12.43 5.44 -11.76
N THR A 50 13.53 5.28 -12.50
CA THR A 50 14.81 4.87 -11.95
C THR A 50 15.84 5.98 -12.01
N ASN A 51 15.40 7.23 -11.91
CA ASN A 51 16.31 8.36 -11.86
C ASN A 51 16.95 8.46 -10.48
N VAL A 52 17.78 9.48 -10.30
CA VAL A 52 18.43 9.76 -9.02
C VAL A 52 17.68 10.89 -8.34
N ALA A 53 17.27 10.67 -7.09
CA ALA A 53 16.51 11.68 -6.36
C ALA A 53 17.41 12.84 -5.98
N LYS A 54 17.44 13.88 -6.81
CA LYS A 54 18.28 15.04 -6.52
C LYS A 54 17.79 15.78 -5.28
N ASN A 55 16.47 15.87 -5.09
CA ASN A 55 15.88 16.49 -3.91
C ASN A 55 15.02 15.48 -3.18
N VAL A 56 14.98 15.60 -1.85
CA VAL A 56 14.15 14.75 -1.01
C VAL A 56 13.33 15.63 -0.09
N ILE A 57 12.02 15.40 -0.05
CA ILE A 57 11.11 16.12 0.83
C ILE A 57 10.35 15.09 1.66
N MET A 58 10.31 15.30 2.97
CA MET A 58 9.71 14.37 3.90
C MET A 58 8.67 15.10 4.74
N PHE A 59 7.40 14.88 4.43
CA PHE A 59 6.30 15.41 5.22
C PHE A 59 5.93 14.42 6.31
N LEU A 60 5.70 14.93 7.52
CA LEU A 60 5.50 14.09 8.68
C LEU A 60 4.34 14.63 9.49
N GLY A 61 3.32 13.79 9.68
CA GLY A 61 2.18 14.18 10.49
C GLY A 61 2.13 13.43 11.81
N ASP A 62 2.23 14.16 12.92
CA ASP A 62 2.26 13.52 14.23
C ASP A 62 0.88 12.98 14.58
N GLY A 63 0.80 11.68 14.81
CA GLY A 63 -0.47 11.07 15.20
C GLY A 63 -1.52 11.10 14.12
N MET A 64 -1.15 10.79 12.88
CA MET A 64 -2.06 10.78 11.75
C MET A 64 -2.19 9.34 11.26
N GLY A 65 -3.18 8.62 11.78
CA GLY A 65 -3.42 7.24 11.38
C GLY A 65 -4.15 7.15 10.06
N VAL A 66 -5.11 6.22 10.00
CA VAL A 66 -5.96 6.06 8.83
C VAL A 66 -7.34 6.67 9.06
N SER A 67 -7.88 6.51 10.27
CA SER A 67 -9.15 7.17 10.60
C SER A 67 -9.00 8.69 10.54
N THR A 68 -7.87 9.21 11.00
CA THR A 68 -7.64 10.65 10.91
C THR A 68 -7.58 11.10 9.45
N VAL A 69 -6.93 10.32 8.59
CA VAL A 69 -6.85 10.67 7.18
C VAL A 69 -8.23 10.67 6.55
N THR A 70 -9.05 9.65 6.85
CA THR A 70 -10.39 9.60 6.28
C THR A 70 -11.25 10.77 6.77
N ALA A 71 -11.18 11.08 8.07
CA ALA A 71 -11.95 12.20 8.60
C ALA A 71 -11.48 13.52 8.01
N ALA A 72 -10.17 13.68 7.81
CA ALA A 72 -9.66 14.89 7.19
C ALA A 72 -10.13 15.03 5.76
N ARG A 73 -10.17 13.91 5.03
CA ARG A 73 -10.69 13.95 3.66
C ARG A 73 -12.16 14.37 3.64
N ILE A 74 -12.96 13.81 4.53
CA ILE A 74 -14.39 14.16 4.56
C ILE A 74 -14.55 15.64 4.93
N LEU A 75 -13.78 16.11 5.91
CA LEU A 75 -13.89 17.52 6.32
C LEU A 75 -13.43 18.45 5.20
N LYS A 76 -12.36 18.11 4.50
CA LYS A 76 -11.90 18.94 3.39
C LYS A 76 -12.94 18.99 2.28
N GLY A 77 -13.58 17.85 1.99
CA GLY A 77 -14.64 17.86 1.00
C GLY A 77 -15.83 18.71 1.43
N GLN A 78 -16.22 18.61 2.70
CA GLN A 78 -17.39 19.33 3.18
C GLN A 78 -17.14 20.82 3.39
N LEU A 79 -15.87 21.22 3.51
CA LEU A 79 -15.57 22.65 3.61
C LEU A 79 -15.89 23.39 2.32
N HIS A 80 -15.97 22.69 1.19
CA HIS A 80 -16.30 23.28 -0.10
C HIS A 80 -17.72 22.95 -0.54
N HIS A 81 -18.60 22.62 0.41
CA HIS A 81 -20.01 22.32 0.13
C HIS A 81 -20.15 21.11 -0.79
N ASN A 82 -19.63 19.99 -0.33
CA ASN A 82 -19.68 18.71 -1.02
C ASN A 82 -20.00 17.63 0.00
N PRO A 83 -20.50 16.47 -0.46
CA PRO A 83 -20.63 15.34 0.46
C PRO A 83 -19.31 14.94 1.12
N GLY A 84 -18.21 15.01 0.36
CA GLY A 84 -16.87 14.89 0.90
C GLY A 84 -16.26 13.51 0.78
N GLU A 85 -17.07 12.46 0.72
CA GLU A 85 -16.52 11.10 0.70
C GLU A 85 -15.75 10.83 -0.58
N GLU A 86 -16.22 11.36 -1.71
CA GLU A 86 -15.60 11.09 -3.01
C GLU A 86 -14.41 12.00 -3.31
N THR A 87 -14.17 13.02 -2.49
CA THR A 87 -13.09 13.96 -2.77
C THR A 87 -11.74 13.29 -2.54
N ARG A 88 -10.69 13.94 -3.06
CA ARG A 88 -9.33 13.41 -3.00
C ARG A 88 -8.42 14.43 -2.34
N LEU A 89 -7.64 13.97 -1.35
CA LEU A 89 -6.64 14.81 -0.73
C LEU A 89 -5.42 14.92 -1.64
N GLU A 90 -4.54 15.87 -1.29
CA GLU A 90 -3.31 16.03 -2.06
C GLU A 90 -2.35 14.86 -1.87
N MET A 91 -2.48 14.13 -0.76
CA MET A 91 -1.68 12.94 -0.53
C MET A 91 -2.31 11.67 -1.08
N ASP A 92 -3.57 11.73 -1.52
CA ASP A 92 -4.22 10.58 -2.13
C ASP A 92 -3.82 10.40 -3.59
N LYS A 93 -3.26 11.42 -4.21
CA LYS A 93 -2.76 11.34 -5.57
C LYS A 93 -1.33 10.83 -5.64
N PHE A 94 -0.73 10.52 -4.49
CA PHE A 94 0.61 9.94 -4.47
C PHE A 94 0.52 8.49 -4.93
N PRO A 95 1.27 8.09 -5.95
CA PRO A 95 1.06 6.75 -6.53
C PRO A 95 1.29 5.59 -5.57
N PHE A 96 2.25 5.64 -4.66
CA PHE A 96 2.64 4.45 -3.93
C PHE A 96 2.30 4.56 -2.45
N VAL A 97 1.80 3.47 -1.88
CA VAL A 97 1.34 3.41 -0.50
C VAL A 97 1.86 2.13 0.14
N ALA A 98 2.39 2.24 1.36
CA ALA A 98 2.87 1.10 2.13
C ALA A 98 2.42 1.24 3.58
N LEU A 99 2.67 0.20 4.35
CA LEU A 99 2.31 0.17 5.77
C LEU A 99 3.56 -0.04 6.62
N SER A 100 3.58 0.61 7.78
CA SER A 100 4.73 0.60 8.66
C SER A 100 4.32 0.16 10.06
N LYS A 101 5.15 -0.70 10.66
CA LYS A 101 4.98 -1.15 12.03
C LYS A 101 5.74 -0.21 12.96
N THR A 102 5.08 0.23 14.03
CA THR A 102 5.58 1.33 14.85
C THR A 102 6.01 0.93 16.25
N TYR A 103 6.15 -0.37 16.52
CA TYR A 103 6.51 -0.78 17.88
C TYR A 103 7.93 -0.33 18.22
N ASN A 104 8.18 -0.16 19.51
CA ASN A 104 9.49 0.21 20.02
C ASN A 104 10.20 -1.01 20.60
N THR A 105 11.51 -0.85 20.83
CA THR A 105 12.27 -1.92 21.47
C THR A 105 11.82 -2.13 22.91
N ASN A 106 11.54 -1.04 23.63
CA ASN A 106 11.16 -1.11 25.04
C ASN A 106 9.66 -1.13 25.26
N ALA A 107 8.87 -0.58 24.35
CA ALA A 107 7.43 -0.43 24.55
C ALA A 107 6.68 -1.04 23.37
N GLN A 108 5.47 -1.51 23.66
CA GLN A 108 4.59 -2.09 22.65
C GLN A 108 3.75 -1.03 21.95
N VAL A 109 3.29 -0.03 22.68
CA VAL A 109 2.61 1.13 22.12
C VAL A 109 3.66 2.22 21.91
N PRO A 110 3.82 2.75 20.70
CA PRO A 110 4.97 3.60 20.40
C PRO A 110 5.00 4.92 21.15
N ASP A 111 6.06 5.70 20.91
CA ASP A 111 6.24 7.01 21.50
C ASP A 111 6.69 7.97 20.40
N SER A 112 7.05 9.21 20.76
CA SER A 112 7.49 10.18 19.75
C SER A 112 8.99 10.12 19.52
N ALA A 113 9.78 10.09 20.59
CA ALA A 113 11.23 10.12 20.46
C ALA A 113 11.77 8.83 19.85
N GLY A 114 11.30 7.68 20.34
CA GLY A 114 11.78 6.41 19.81
C GLY A 114 11.42 6.21 18.35
N THR A 115 10.18 6.52 17.99
CA THR A 115 9.76 6.40 16.59
C THR A 115 10.51 7.39 15.70
N ALA A 116 10.74 8.60 16.20
CA ALA A 116 11.50 9.58 15.43
C ALA A 116 12.92 9.09 15.18
N THR A 117 13.55 8.51 16.19
CA THR A 117 14.86 7.89 15.99
C THR A 117 14.76 6.78 14.94
N ALA A 118 13.70 5.97 15.02
CA ALA A 118 13.55 4.85 14.09
C ALA A 118 13.49 5.31 12.64
N TYR A 119 12.65 6.31 12.35
CA TYR A 119 12.47 6.71 10.96
C TYR A 119 13.38 7.84 10.51
N LEU A 120 14.25 8.36 11.37
CA LEU A 120 15.22 9.35 10.94
C LEU A 120 16.65 8.84 10.95
N CYS A 121 17.04 8.01 11.92
CA CYS A 121 18.39 7.48 11.99
C CYS A 121 18.50 6.07 11.41
N GLY A 122 17.38 5.36 11.24
CA GLY A 122 17.40 4.03 10.69
C GLY A 122 17.62 2.91 11.69
N VAL A 123 17.61 3.21 12.99
CA VAL A 123 17.83 2.22 14.04
C VAL A 123 16.77 2.41 15.10
N LYS A 124 16.07 1.32 15.45
CA LYS A 124 15.07 1.37 16.50
C LYS A 124 15.74 1.53 17.86
N ALA A 125 15.05 2.22 18.77
CA ALA A 125 15.61 2.56 20.06
C ALA A 125 14.53 2.53 21.12
N ASN A 126 14.94 2.76 22.37
CA ASN A 126 14.02 2.78 23.48
C ASN A 126 13.11 4.00 23.39
N GLU A 127 12.23 4.15 24.38
CA GLU A 127 11.34 5.29 24.46
C GLU A 127 11.97 6.37 25.33
N GLY A 128 11.72 7.63 24.96
CA GLY A 128 12.23 8.76 25.71
C GLY A 128 13.66 9.14 25.42
N THR A 129 14.34 8.45 24.50
CA THR A 129 15.71 8.74 24.15
C THR A 129 15.79 9.15 22.68
N VAL A 130 16.49 10.24 22.41
CA VAL A 130 16.59 10.81 21.06
C VAL A 130 17.99 10.59 20.53
N GLY A 131 18.09 10.04 19.32
CA GLY A 131 19.35 9.97 18.61
C GLY A 131 20.36 8.98 19.13
N VAL A 132 19.94 8.01 19.95
CA VAL A 132 20.84 7.01 20.50
C VAL A 132 20.23 5.63 20.28
N SER A 133 21.07 4.60 20.45
CA SER A 133 20.65 3.23 20.19
C SER A 133 19.88 2.69 21.39
N ALA A 134 19.57 1.40 21.37
CA ALA A 134 18.78 0.76 22.40
C ALA A 134 19.61 0.30 23.59
N ALA A 135 20.93 0.48 23.55
CA ALA A 135 21.80 0.07 24.65
C ALA A 135 21.86 1.08 25.77
N THR A 136 21.22 2.24 25.62
CA THR A 136 21.22 3.29 26.63
C THR A 136 19.97 3.20 27.49
N GLU A 137 20.06 3.78 28.68
CA GLU A 137 18.96 3.82 29.63
C GLU A 137 18.49 5.25 29.81
N ARG A 138 17.18 5.42 29.95
CA ARG A 138 16.60 6.75 30.01
C ARG A 138 17.07 7.50 31.24
N SER A 139 17.36 8.80 31.06
CA SER A 139 17.75 9.70 32.15
C SER A 139 19.02 9.22 32.85
N ARG A 140 20.00 8.81 32.06
CA ARG A 140 21.32 8.44 32.58
C ARG A 140 22.38 8.95 31.60
N CYS A 141 23.23 9.86 32.08
CA CYS A 141 24.18 10.52 31.20
C CYS A 141 25.37 9.61 30.86
N ASN A 142 25.85 8.84 31.82
CA ASN A 142 27.08 8.08 31.62
C ASN A 142 26.88 6.80 30.84
N THR A 143 25.75 6.65 30.14
CA THR A 143 25.50 5.49 29.31
C THR A 143 25.20 5.84 27.86
N THR A 144 25.29 7.11 27.47
CA THR A 144 25.06 7.53 26.10
C THR A 144 26.34 7.74 25.31
N GLN A 145 27.50 7.48 25.91
CA GLN A 145 28.77 7.68 25.23
C GLN A 145 29.09 6.47 24.35
N GLY A 146 29.29 6.70 23.06
CA GLY A 146 29.57 5.64 22.13
C GLY A 146 28.36 4.94 21.56
N ASN A 147 27.15 5.33 21.97
CA ASN A 147 25.92 4.73 21.47
C ASN A 147 25.14 5.67 20.55
N GLU A 148 25.77 6.73 20.07
CA GLU A 148 25.08 7.70 19.22
C GLU A 148 24.88 7.14 17.82
N VAL A 149 23.88 7.67 17.13
CA VAL A 149 23.59 7.34 15.74
C VAL A 149 23.32 8.64 14.99
N THR A 150 23.79 8.73 13.76
CA THR A 150 23.66 9.94 12.95
C THR A 150 22.45 9.82 12.05
N SER A 151 21.66 10.89 11.99
CA SER A 151 20.41 10.89 11.24
C SER A 151 20.66 11.14 9.76
N ILE A 152 19.57 11.12 8.98
CA ILE A 152 19.68 11.34 7.54
C ILE A 152 20.05 12.77 7.21
N LEU A 153 19.79 13.71 8.13
CA LEU A 153 20.19 15.09 7.90
C LEU A 153 21.70 15.22 7.79
N ARG A 154 22.44 14.51 8.64
CA ARG A 154 23.89 14.53 8.58
C ARG A 154 24.40 13.89 7.30
N TRP A 155 23.77 12.80 6.85
CA TRP A 155 24.15 12.19 5.58
C TRP A 155 23.94 13.15 4.42
N ALA A 156 22.81 13.85 4.42
CA ALA A 156 22.54 14.82 3.35
C ALA A 156 23.54 15.97 3.39
N LYS A 157 23.87 16.47 4.59
CA LYS A 157 24.77 17.61 4.67
C LYS A 157 26.20 17.22 4.32
N ASP A 158 26.61 15.99 4.62
CA ASP A 158 27.97 15.56 4.31
C ASP A 158 28.19 15.31 2.83
N ALA A 159 27.12 15.25 2.03
CA ALA A 159 27.23 15.05 0.59
C ALA A 159 27.19 16.35 -0.19
N GLY A 160 27.20 17.49 0.49
CA GLY A 160 27.13 18.78 -0.18
C GLY A 160 25.74 19.35 -0.34
N LYS A 161 24.69 18.60 0.03
CA LYS A 161 23.34 19.08 -0.11
C LYS A 161 23.01 20.08 1.00
N SER A 162 21.93 20.81 0.80
CA SER A 162 21.39 21.71 1.81
C SER A 162 20.43 20.96 2.73
N VAL A 163 20.25 21.49 3.93
CA VAL A 163 19.37 20.87 4.92
C VAL A 163 18.43 21.93 5.47
N GLY A 164 17.18 21.54 5.73
CA GLY A 164 16.21 22.46 6.27
C GLY A 164 15.18 21.82 7.18
N ILE A 165 14.77 22.53 8.23
CA ILE A 165 13.81 22.03 9.20
C ILE A 165 12.70 23.05 9.34
N VAL A 166 11.45 22.61 9.13
CA VAL A 166 10.28 23.45 9.29
C VAL A 166 9.31 22.72 10.21
N THR A 167 8.93 23.34 11.32
CA THR A 167 8.04 22.73 12.28
C THR A 167 7.02 23.75 12.75
N THR A 168 5.83 23.27 13.09
CA THR A 168 4.82 24.08 13.76
C THR A 168 4.88 23.97 15.27
N THR A 169 5.78 23.13 15.79
CA THR A 169 6.06 22.98 17.21
C THR A 169 7.42 23.58 17.52
N ARG A 170 7.89 23.38 18.75
CA ARG A 170 9.20 23.87 19.14
C ARG A 170 10.28 23.23 18.28
N VAL A 171 11.32 24.00 17.98
CA VAL A 171 12.44 23.47 17.20
C VAL A 171 13.21 22.41 17.97
N ASN A 172 13.11 22.41 19.31
CA ASN A 172 13.76 21.41 20.14
C ASN A 172 12.76 20.41 20.72
N HIS A 173 11.69 20.13 19.98
CA HIS A 173 10.76 19.08 20.37
C HIS A 173 11.33 17.73 19.93
N ALA A 174 10.67 16.65 20.37
CA ALA A 174 11.24 15.31 20.18
C ALA A 174 11.42 14.99 18.70
N THR A 175 10.37 15.21 17.90
CA THR A 175 10.42 14.82 16.48
C THR A 175 11.51 15.55 15.70
N PRO A 176 11.67 16.89 15.79
CA PRO A 176 12.78 17.52 15.05
C PRO A 176 14.13 17.27 15.70
N SER A 177 14.18 17.22 17.04
CA SER A 177 15.46 17.04 17.72
C SER A 177 16.03 15.64 17.51
N ALA A 178 15.22 14.67 17.09
CA ALA A 178 15.80 13.37 16.78
C ALA A 178 16.69 13.39 15.53
N ALA A 179 16.88 14.55 14.90
CA ALA A 179 17.68 14.63 13.69
C ALA A 179 19.03 15.30 13.90
N TYR A 180 19.23 16.01 15.01
CA TYR A 180 20.50 16.65 15.30
C TYR A 180 21.02 16.42 16.72
N ALA A 181 20.21 15.87 17.62
CA ALA A 181 20.58 15.75 19.02
C ALA A 181 20.78 14.28 19.40
N HIS A 182 21.65 14.07 20.39
CA HIS A 182 21.91 12.75 20.97
C HIS A 182 21.78 12.91 22.48
N SER A 183 20.57 12.75 23.00
CA SER A 183 20.29 12.96 24.42
C SER A 183 19.61 11.72 24.98
N ALA A 184 19.87 11.46 26.26
CA ALA A 184 19.30 10.32 26.96
C ALA A 184 17.93 10.59 27.54
N ASP A 185 17.41 11.81 27.40
CA ASP A 185 16.07 12.14 27.85
C ASP A 185 15.50 13.20 26.92
N ARG A 186 14.21 13.07 26.62
CA ARG A 186 13.53 14.02 25.75
C ARG A 186 12.98 15.23 26.49
N ASP A 187 13.01 15.22 27.82
CA ASP A 187 12.47 16.30 28.63
C ASP A 187 13.52 17.34 28.99
N TRP A 188 14.73 17.24 28.44
CA TRP A 188 15.81 18.19 28.74
C TRP A 188 15.85 19.26 27.66
N TYR A 189 14.80 20.10 27.66
CA TYR A 189 14.69 21.16 26.67
C TYR A 189 15.79 22.20 26.82
N SER A 190 16.09 22.59 28.07
CA SER A 190 17.17 23.53 28.35
C SER A 190 17.83 23.11 29.65
N ASP A 191 18.90 23.82 30.04
CA ASP A 191 19.59 23.48 31.27
C ASP A 191 18.75 23.74 32.51
N ASN A 192 17.65 24.49 32.38
CA ASN A 192 16.76 24.70 33.51
C ASN A 192 16.03 23.42 33.90
N GLU A 193 15.72 22.57 32.92
CA GLU A 193 15.02 21.31 33.18
C GLU A 193 15.97 20.15 33.45
N MET A 194 17.28 20.35 33.34
CA MET A 194 18.21 19.25 33.55
C MET A 194 18.60 19.16 35.02
N PRO A 195 18.55 17.96 35.61
CA PRO A 195 18.93 17.81 37.02
C PRO A 195 20.41 18.10 37.21
N PRO A 196 20.82 18.48 38.42
CA PRO A 196 22.24 18.79 38.65
C PRO A 196 23.16 17.61 38.40
N GLU A 197 22.69 16.38 38.58
CA GLU A 197 23.52 15.21 38.32
C GLU A 197 23.91 15.13 36.86
N ALA A 198 22.97 15.44 35.95
CA ALA A 198 23.29 15.48 34.53
C ALA A 198 24.24 16.61 34.20
N LEU A 199 24.09 17.76 34.86
CA LEU A 199 25.00 18.88 34.63
C LEU A 199 26.42 18.54 35.05
N SER A 200 26.57 17.83 36.17
CA SER A 200 27.91 17.47 36.65
C SER A 200 28.59 16.51 35.70
N GLN A 201 27.84 15.59 35.09
CA GLN A 201 28.43 14.55 34.25
C GLN A 201 28.69 15.00 32.82
N GLY A 202 28.34 16.24 32.46
CA GLY A 202 28.73 16.80 31.19
C GLY A 202 27.70 16.77 30.08
N CYS A 203 26.45 16.42 30.37
CA CYS A 203 25.42 16.41 29.34
C CYS A 203 25.06 17.84 28.93
N LYS A 204 24.55 17.97 27.71
CA LYS A 204 24.15 19.24 27.15
C LYS A 204 22.69 19.17 26.72
N ASP A 205 21.96 20.26 26.95
CA ASP A 205 20.55 20.33 26.60
C ASP A 205 20.38 20.35 25.08
N ILE A 206 19.12 20.27 24.64
CA ILE A 206 18.85 20.08 23.22
C ILE A 206 19.13 21.35 22.43
N ALA A 207 18.85 22.53 23.00
CA ALA A 207 19.08 23.78 22.28
C ALA A 207 20.56 24.01 22.00
N TYR A 208 21.41 23.71 22.98
CA TYR A 208 22.86 23.81 22.78
C TYR A 208 23.32 22.92 21.64
N GLN A 209 22.80 21.70 21.58
CA GLN A 209 23.14 20.80 20.48
C GLN A 209 22.58 21.29 19.16
N LEU A 210 21.41 21.93 19.17
CA LEU A 210 20.86 22.49 17.95
C LEU A 210 21.78 23.55 17.38
N MET A 211 22.32 24.40 18.24
CA MET A 211 23.21 25.48 17.80
C MET A 211 24.67 25.05 17.68
N HIS A 212 25.03 23.82 18.08
CA HIS A 212 26.43 23.45 18.12
C HIS A 212 26.77 22.18 17.34
N ASN A 213 25.83 21.22 17.27
CA ASN A 213 26.13 19.95 16.61
C ASN A 213 26.43 20.15 15.12
N ILE A 214 25.44 20.61 14.37
CA ILE A 214 25.60 20.94 12.96
C ILE A 214 25.57 22.46 12.86
N ARG A 215 26.70 23.05 12.48
CA ARG A 215 26.87 24.49 12.57
C ARG A 215 26.49 25.23 11.29
N ASP A 216 26.02 24.52 10.27
CA ASP A 216 25.67 25.15 8.99
C ASP A 216 24.34 24.62 8.45
N ILE A 217 23.33 24.55 9.33
CA ILE A 217 21.97 24.27 8.89
C ILE A 217 21.40 25.54 8.28
N ASP A 218 20.86 25.44 7.07
CA ASP A 218 20.48 26.63 6.32
C ASP A 218 19.20 27.25 6.88
N VAL A 219 18.10 26.52 6.81
CA VAL A 219 16.78 27.05 7.16
C VAL A 219 16.26 26.32 8.40
N ILE A 220 15.97 27.08 9.45
CA ILE A 220 15.30 26.57 10.63
C ILE A 220 14.07 27.43 10.86
N MET A 221 12.90 26.81 11.01
CA MET A 221 11.67 27.55 11.25
C MET A 221 10.82 26.82 12.26
N GLY A 222 10.32 27.55 13.25
CA GLY A 222 9.47 26.96 14.26
C GLY A 222 9.29 27.89 15.44
N GLY A 223 8.84 27.34 16.55
CA GLY A 223 8.68 28.06 17.78
C GLY A 223 9.84 27.87 18.73
N GLY A 224 9.58 28.09 20.01
CA GLY A 224 10.58 27.88 21.04
C GLY A 224 11.59 28.99 21.16
N ARG A 225 11.11 30.23 21.33
CA ARG A 225 11.98 31.38 21.41
C ARG A 225 12.46 31.70 22.82
N LYS A 226 11.90 31.04 23.84
CA LYS A 226 12.29 31.33 25.21
C LYS A 226 13.41 30.43 25.72
N TYR A 227 13.82 29.42 24.94
CA TYR A 227 14.94 28.56 25.31
C TYR A 227 16.26 29.05 24.73
N MET A 228 16.27 30.18 24.03
CA MET A 228 17.47 30.70 23.41
C MET A 228 18.02 31.93 24.10
N TYR A 229 17.38 32.39 25.18
CA TYR A 229 17.73 33.63 25.86
C TYR A 229 18.08 33.35 27.31
N PRO A 230 18.88 34.22 27.93
CA PRO A 230 19.20 34.04 29.34
C PRO A 230 17.97 34.20 30.23
N LYS A 231 18.12 33.77 31.47
CA LYS A 231 17.00 33.74 32.41
C LYS A 231 16.51 35.16 32.72
N ASN A 232 15.19 35.27 32.89
CA ASN A 232 14.54 36.53 33.26
C ASN A 232 14.82 37.63 32.24
N LYS A 233 14.64 37.31 30.97
CA LYS A 233 14.76 38.26 29.88
C LYS A 233 13.40 38.47 29.24
N THR A 234 12.97 39.73 29.17
CA THR A 234 11.64 40.05 28.65
C THR A 234 11.54 39.70 27.18
N ASP A 235 10.35 39.26 26.77
CA ASP A 235 10.12 38.88 25.39
C ASP A 235 9.76 40.10 24.54
N VAL A 236 10.14 40.05 23.27
CA VAL A 236 9.85 41.15 22.36
C VAL A 236 8.35 41.20 22.03
N GLU A 237 7.73 40.04 21.84
CA GLU A 237 6.32 40.00 21.44
C GLU A 237 5.40 40.23 22.62
N TYR A 238 5.58 39.47 23.70
CA TYR A 238 4.75 39.58 24.91
C TYR A 238 5.58 40.23 26.00
N GLU A 239 5.32 41.51 26.26
CA GLU A 239 6.11 42.26 27.23
C GLU A 239 5.76 41.88 28.67
N SER A 240 4.48 41.71 28.99
CA SER A 240 4.03 41.50 30.36
C SER A 240 3.83 40.04 30.71
N ASP A 241 3.95 39.12 29.77
CA ASP A 241 3.74 37.71 30.05
C ASP A 241 4.93 37.14 30.81
N GLU A 242 4.67 36.54 31.97
CA GLU A 242 5.74 35.99 32.80
C GLU A 242 6.18 34.61 32.35
N LYS A 243 5.41 33.93 31.51
CA LYS A 243 5.79 32.61 31.01
C LYS A 243 6.60 32.69 29.72
N ALA A 244 6.71 33.86 29.12
CA ALA A 244 7.43 34.03 27.87
C ALA A 244 8.88 34.45 28.05
N ARG A 245 9.36 34.55 29.28
CA ARG A 245 10.72 34.98 29.54
C ARG A 245 11.71 33.84 29.25
N GLY A 246 13.00 34.18 29.26
CA GLY A 246 14.03 33.20 29.00
C GLY A 246 14.18 32.19 30.13
N THR A 247 14.89 31.11 29.84
CA THR A 247 15.06 30.02 30.79
C THR A 247 16.50 29.52 30.93
N ARG A 248 17.42 29.92 30.06
CA ARG A 248 18.78 29.41 30.13
C ARG A 248 19.49 29.92 31.37
N LEU A 249 20.23 29.03 32.02
CA LEU A 249 21.05 29.38 33.18
C LEU A 249 22.51 29.62 32.84
N ASP A 250 22.94 29.28 31.62
CA ASP A 250 24.31 29.56 31.20
C ASP A 250 24.56 31.06 31.14
N GLY A 251 23.60 31.82 30.63
CA GLY A 251 23.80 33.21 30.30
C GLY A 251 24.17 33.45 28.86
N LEU A 252 24.02 32.45 27.99
CA LEU A 252 24.41 32.58 26.58
C LEU A 252 23.19 32.93 25.74
N ASP A 253 23.36 33.89 24.85
CA ASP A 253 22.35 34.24 23.87
C ASP A 253 22.54 33.34 22.65
N LEU A 254 21.68 32.33 22.51
CA LEU A 254 21.92 31.30 21.50
C LEU A 254 21.72 31.83 20.09
N VAL A 255 20.85 32.81 19.89
CA VAL A 255 20.72 33.40 18.56
C VAL A 255 21.97 34.21 18.21
N ASP A 256 22.54 34.89 19.20
CA ASP A 256 23.80 35.60 18.98
C ASP A 256 24.91 34.63 18.65
N THR A 257 24.94 33.48 19.32
CA THR A 257 25.91 32.44 18.98
C THR A 257 25.69 31.93 17.56
N TRP A 258 24.42 31.75 17.17
CA TRP A 258 24.12 31.26 15.83
C TRP A 258 24.59 32.24 14.76
N LYS A 259 24.40 33.54 15.00
CA LYS A 259 24.90 34.53 14.05
C LYS A 259 26.43 34.62 14.03
N SER A 260 27.10 34.06 15.03
CA SER A 260 28.55 34.15 15.14
C SER A 260 29.27 32.89 14.69
N PHE A 261 28.54 31.93 14.11
CA PHE A 261 29.13 30.69 13.64
C PHE A 261 29.16 30.60 12.11
N LYS A 262 28.98 31.72 11.43
CA LYS A 262 28.85 31.72 9.97
C LYS A 262 29.76 32.79 9.37
N PRO A 263 30.22 32.58 8.13
CA PRO A 263 31.19 33.51 7.54
C PRO A 263 30.63 34.92 7.44
N ARG A 264 31.52 35.89 7.62
CA ARG A 264 31.12 37.30 7.66
C ARG A 264 30.71 37.84 6.29
N TYR A 265 30.98 37.11 5.21
CA TYR A 265 30.62 37.55 3.86
C TYR A 265 29.31 36.94 3.39
N LYS A 266 28.48 36.46 4.30
CA LYS A 266 27.17 35.89 3.97
C LYS A 266 26.09 36.59 4.79
N HIS A 267 24.84 36.24 4.52
CA HIS A 267 23.68 36.94 5.08
C HIS A 267 22.92 36.03 6.02
N SER A 268 22.72 36.50 7.26
CA SER A 268 21.91 35.83 8.26
C SER A 268 20.93 36.84 8.83
N HIS A 269 19.68 36.42 9.02
CA HIS A 269 18.59 37.38 9.26
C HIS A 269 17.95 37.27 10.63
N PHE A 270 17.49 36.09 11.03
CA PHE A 270 16.71 35.90 12.26
C PHE A 270 15.44 36.77 12.26
N ILE A 271 14.53 36.40 11.38
CA ILE A 271 13.18 36.95 11.41
C ILE A 271 12.41 36.34 12.57
N TRP A 272 11.39 37.07 13.05
CA TRP A 272 10.55 36.53 14.11
C TRP A 272 9.06 36.85 13.95
N ASN A 273 8.62 37.33 12.79
CA ASN A 273 7.19 37.49 12.54
C ASN A 273 6.93 37.30 11.05
N ARG A 274 5.71 37.59 10.63
CA ARG A 274 5.27 37.32 9.26
C ARG A 274 5.58 38.46 8.30
N THR A 275 5.56 39.71 8.78
CA THR A 275 5.87 40.84 7.91
C THR A 275 7.27 40.74 7.36
N GLU A 276 8.24 40.40 8.22
CA GLU A 276 9.60 40.21 7.75
C GLU A 276 9.70 39.02 6.82
N LEU A 277 9.04 37.90 7.16
CA LEU A 277 9.08 36.72 6.30
C LEU A 277 8.59 37.04 4.90
N LEU A 278 7.57 37.88 4.79
CA LEU A 278 7.10 38.30 3.47
C LEU A 278 8.01 39.33 2.82
N THR A 279 8.72 40.14 3.61
CA THR A 279 9.58 41.17 3.05
C THR A 279 10.83 40.57 2.40
N LEU A 280 11.41 39.54 3.00
CA LEU A 280 12.63 38.95 2.47
C LEU A 280 12.44 38.39 1.07
N ASP A 281 13.50 38.51 0.26
CA ASP A 281 13.58 37.84 -1.03
C ASP A 281 14.62 36.73 -0.97
N PRO A 282 14.26 35.50 -1.34
CA PRO A 282 15.19 34.38 -1.17
C PRO A 282 16.45 34.47 -2.02
N HIS A 283 16.56 35.43 -2.92
CA HIS A 283 17.75 35.56 -3.76
C HIS A 283 18.91 36.25 -3.06
N ASN A 284 18.69 36.81 -1.87
CA ASN A 284 19.76 37.46 -1.12
C ASN A 284 19.86 36.92 0.31
N VAL A 285 19.39 35.70 0.55
CA VAL A 285 19.41 35.09 1.87
C VAL A 285 20.10 33.74 1.77
N ASP A 286 21.04 33.48 2.66
CA ASP A 286 21.76 32.21 2.70
C ASP A 286 21.42 31.36 3.92
N TYR A 287 21.22 31.97 5.08
CA TYR A 287 20.87 31.26 6.30
C TYR A 287 19.70 31.96 6.97
N LEU A 288 18.73 31.19 7.45
CA LEU A 288 17.53 31.75 8.04
C LEU A 288 17.16 30.99 9.31
N LEU A 289 16.81 31.75 10.35
CA LEU A 289 16.36 31.22 11.63
C LEU A 289 15.10 31.96 12.04
N GLY A 290 13.95 31.28 11.99
CA GLY A 290 12.69 31.88 12.37
C GLY A 290 12.10 31.27 13.61
N LEU A 291 11.97 32.07 14.66
CA LEU A 291 11.34 31.65 15.91
C LEU A 291 10.16 32.58 16.15
N PHE A 292 8.96 32.11 15.80
CA PHE A 292 7.79 32.96 15.77
C PHE A 292 6.98 32.96 17.07
N GLU A 293 7.16 31.97 17.93
CA GLU A 293 6.39 31.86 19.15
C GLU A 293 7.30 31.48 20.30
N PRO A 294 7.03 31.98 21.51
CA PRO A 294 7.84 31.57 22.67
C PRO A 294 7.82 30.08 22.93
N GLY A 295 6.68 29.43 22.71
CA GLY A 295 6.59 27.99 22.87
C GLY A 295 6.10 27.30 21.61
N ASP A 296 4.99 26.57 21.73
CA ASP A 296 4.38 25.96 20.57
C ASP A 296 3.58 27.01 19.79
N MET A 297 3.63 26.91 18.47
CA MET A 297 2.84 27.81 17.64
C MET A 297 1.35 27.53 17.82
N GLN A 298 0.54 28.56 17.64
CA GLN A 298 -0.88 28.46 17.95
C GLN A 298 -1.58 27.52 16.97
N TYR A 299 -2.80 27.13 17.36
CA TYR A 299 -3.63 26.28 16.52
C TYR A 299 -4.00 27.02 15.23
N GLU A 300 -4.42 26.24 14.23
CA GLU A 300 -4.80 26.83 12.96
C GLU A 300 -6.03 27.72 13.09
N LEU A 301 -6.99 27.31 13.92
CA LEU A 301 -8.19 28.09 14.14
C LEU A 301 -8.00 29.23 15.13
N ASN A 302 -6.90 29.24 15.88
CA ASN A 302 -6.59 30.32 16.80
C ASN A 302 -5.44 31.20 16.33
N ARG A 303 -4.97 30.99 15.10
CA ARG A 303 -3.80 31.71 14.60
C ARG A 303 -4.13 33.19 14.40
N ASN A 304 -3.10 34.02 14.50
CA ASN A 304 -3.20 35.45 14.23
C ASN A 304 -2.68 35.73 12.83
N ASN A 305 -3.51 36.36 12.01
CA ASN A 305 -3.11 36.62 10.62
C ASN A 305 -1.92 37.57 10.55
N VAL A 306 -1.92 38.62 11.36
CA VAL A 306 -0.98 39.72 11.17
C VAL A 306 0.44 39.30 11.53
N THR A 307 0.60 38.62 12.67
CA THR A 307 1.94 38.44 13.25
C THR A 307 2.48 37.02 13.17
N ASP A 308 1.69 36.04 12.76
CA ASP A 308 2.18 34.67 12.66
C ASP A 308 1.87 34.08 11.29
N PRO A 309 2.82 33.42 10.65
CA PRO A 309 2.57 32.83 9.34
C PRO A 309 2.10 31.38 9.44
N SER A 310 1.41 30.95 8.39
CA SER A 310 0.91 29.59 8.31
C SER A 310 2.03 28.65 7.87
N LEU A 311 1.72 27.35 7.83
CA LEU A 311 2.71 26.37 7.40
C LEU A 311 3.02 26.49 5.91
N SER A 312 2.03 26.85 5.10
CA SER A 312 2.23 26.94 3.66
C SER A 312 3.25 28.01 3.30
N GLU A 313 3.14 29.19 3.91
CA GLU A 313 4.07 30.27 3.61
C GLU A 313 5.49 29.90 4.01
N MET A 314 5.65 29.30 5.20
CA MET A 314 6.97 28.91 5.66
C MET A 314 7.56 27.84 4.75
N VAL A 315 6.76 26.86 4.33
CA VAL A 315 7.26 25.82 3.42
C VAL A 315 7.68 26.43 2.09
N VAL A 316 6.88 27.37 1.57
CA VAL A 316 7.20 27.99 0.29
C VAL A 316 8.51 28.76 0.37
N VAL A 317 8.69 29.55 1.43
CA VAL A 317 9.92 30.32 1.57
C VAL A 317 11.12 29.41 1.77
N ALA A 318 10.97 28.33 2.55
CA ALA A 318 12.07 27.40 2.74
C ALA A 318 12.45 26.72 1.44
N ILE A 319 11.47 26.32 0.63
CA ILE A 319 11.77 25.70 -0.65
C ILE A 319 12.50 26.68 -1.56
N GLN A 320 12.03 27.94 -1.60
CA GLN A 320 12.66 28.93 -2.47
C GLN A 320 14.09 29.20 -2.03
N ILE A 321 14.37 29.20 -0.73
CA ILE A 321 15.73 29.42 -0.27
C ILE A 321 16.62 28.21 -0.59
N LEU A 322 16.12 27.00 -0.33
CA LEU A 322 16.93 25.80 -0.53
C LEU A 322 17.09 25.40 -1.99
N ARG A 323 16.28 25.94 -2.89
CA ARG A 323 16.32 25.56 -4.30
C ARG A 323 17.59 26.00 -5.02
N LYS A 324 18.38 26.89 -4.43
CA LYS A 324 19.54 27.45 -5.13
C LYS A 324 20.69 26.47 -5.23
N ASN A 325 20.74 25.45 -4.40
CA ASN A 325 21.88 24.54 -4.37
C ASN A 325 21.88 23.62 -5.59
N PRO A 326 22.93 23.61 -6.40
CA PRO A 326 22.98 22.67 -7.53
C PRO A 326 23.00 21.21 -7.11
N LYS A 327 23.40 20.90 -5.89
CA LYS A 327 23.44 19.53 -5.41
C LYS A 327 22.10 19.01 -4.91
N GLY A 328 21.15 19.89 -4.66
CA GLY A 328 19.85 19.51 -4.14
C GLY A 328 19.66 19.99 -2.71
N PHE A 329 18.64 19.44 -2.06
CA PHE A 329 18.34 19.80 -0.68
C PHE A 329 17.55 18.67 -0.03
N PHE A 330 17.50 18.72 1.30
CA PHE A 330 16.67 17.83 2.10
C PHE A 330 15.89 18.67 3.09
N LEU A 331 14.56 18.64 2.97
CA LEU A 331 13.68 19.43 3.81
C LEU A 331 12.82 18.50 4.67
N LEU A 332 12.74 18.80 5.96
CA LEU A 332 11.93 18.03 6.90
C LEU A 332 10.83 18.94 7.44
N VAL A 333 9.58 18.63 7.09
CA VAL A 333 8.42 19.44 7.47
C VAL A 333 7.58 18.63 8.45
N GLU A 334 7.18 19.26 9.54
CA GLU A 334 6.37 18.61 10.57
C GLU A 334 5.06 19.36 10.78
N GLY A 335 3.94 18.67 10.60
CA GLY A 335 2.66 19.14 11.07
C GLY A 335 2.35 18.60 12.46
N GLY A 336 3.07 19.09 13.47
CA GLY A 336 3.09 18.48 14.78
C GLY A 336 2.00 18.88 15.76
N ARG A 337 1.01 19.66 15.34
CA ARG A 337 -0.07 20.04 16.24
C ARG A 337 -1.24 19.07 16.21
N ILE A 338 -1.24 18.10 15.29
CA ILE A 338 -2.27 17.07 15.30
C ILE A 338 -2.20 16.25 16.58
N ASP A 339 -0.98 15.91 17.00
CA ASP A 339 -0.79 15.14 18.23
C ASP A 339 -1.34 15.89 19.43
N HIS A 340 -1.04 17.18 19.55
CA HIS A 340 -1.53 17.96 20.68
C HIS A 340 -3.05 18.11 20.63
N GLY A 341 -3.60 18.34 19.44
CA GLY A 341 -5.03 18.46 19.31
C GLY A 341 -5.77 17.19 19.71
N HIS A 342 -5.21 16.04 19.35
CA HIS A 342 -5.80 14.77 19.78
C HIS A 342 -5.61 14.55 21.28
N HIS A 343 -4.42 14.84 21.80
CA HIS A 343 -4.15 14.63 23.22
C HIS A 343 -5.10 15.43 24.09
N GLU A 344 -5.33 16.69 23.75
CA GLU A 344 -6.22 17.52 24.55
C GLU A 344 -7.67 17.00 24.49
N GLY A 345 -8.01 16.23 23.47
CA GLY A 345 -9.33 15.64 23.34
C GLY A 345 -10.26 16.31 22.36
N LYS A 346 -9.76 17.23 21.53
CA LYS A 346 -10.58 17.98 20.59
C LYS A 346 -10.30 17.50 19.18
N ALA A 347 -11.34 17.08 18.48
CA ALA A 347 -11.19 16.54 17.13
C ALA A 347 -11.21 17.62 16.05
N LYS A 348 -11.97 18.70 16.26
CA LYS A 348 -12.06 19.75 15.26
C LYS A 348 -10.68 20.36 14.98
N GLN A 349 -9.95 20.68 16.05
CA GLN A 349 -8.62 21.25 15.88
C GLN A 349 -7.72 20.31 15.10
N ALA A 350 -7.62 19.06 15.54
CA ALA A 350 -6.69 18.11 14.91
C ALA A 350 -7.02 17.90 13.44
N LEU A 351 -8.31 17.79 13.11
CA LEU A 351 -8.69 17.65 11.71
C LEU A 351 -8.34 18.91 10.92
N HIS A 352 -8.44 20.09 11.54
CA HIS A 352 -8.08 21.30 10.82
C HIS A 352 -6.58 21.40 10.54
N GLU A 353 -5.73 20.99 11.51
CA GLU A 353 -4.31 20.95 11.16
C GLU A 353 -3.99 19.83 10.17
N ALA A 354 -4.77 18.75 10.15
CA ALA A 354 -4.58 17.77 9.08
C ALA A 354 -4.87 18.38 7.71
N VAL A 355 -5.94 19.16 7.61
CA VAL A 355 -6.27 19.83 6.37
C VAL A 355 -5.19 20.83 5.98
N GLU A 356 -4.67 21.58 6.96
CA GLU A 356 -3.60 22.53 6.68
C GLU A 356 -2.33 21.82 6.22
N MET A 357 -2.03 20.67 6.82
CA MET A 357 -0.87 19.88 6.39
C MET A 357 -1.05 19.43 4.94
N ASP A 358 -2.26 19.02 4.58
CA ASP A 358 -2.53 18.64 3.18
C ASP A 358 -2.35 19.82 2.24
N ARG A 359 -2.82 21.00 2.64
CA ARG A 359 -2.63 22.19 1.82
C ARG A 359 -1.15 22.51 1.64
N ALA A 360 -0.36 22.36 2.71
CA ALA A 360 1.08 22.58 2.61
C ALA A 360 1.72 21.58 1.67
N ILE A 361 1.26 20.32 1.70
CA ILE A 361 1.78 19.31 0.78
C ILE A 361 1.52 19.73 -0.66
N GLY A 362 0.30 20.20 -0.93
CA GLY A 362 -0.01 20.65 -2.29
C GLY A 362 0.84 21.83 -2.73
N GLN A 363 1.00 22.82 -1.85
CA GLN A 363 1.81 23.99 -2.19
C GLN A 363 3.26 23.59 -2.45
N ALA A 364 3.82 22.71 -1.63
CA ALA A 364 5.20 22.28 -1.83
C ALA A 364 5.35 21.49 -3.11
N GLY A 365 4.39 20.63 -3.42
CA GLY A 365 4.45 19.86 -4.66
C GLY A 365 4.27 20.70 -5.90
N SER A 366 3.60 21.85 -5.79
CA SER A 366 3.48 22.74 -6.94
C SER A 366 4.84 23.29 -7.37
N LEU A 367 5.70 23.62 -6.41
CA LEU A 367 6.97 24.28 -6.73
C LEU A 367 7.95 23.33 -7.41
N THR A 368 8.10 22.12 -6.89
CA THR A 368 9.12 21.20 -7.36
C THR A 368 8.60 20.37 -8.54
N SER A 369 9.46 19.51 -9.07
CA SER A 369 9.14 18.65 -10.19
C SER A 369 9.33 17.19 -9.77
N SER A 370 8.35 16.34 -10.13
CA SER A 370 8.37 14.95 -9.70
C SER A 370 9.44 14.12 -10.41
N GLU A 371 10.10 14.65 -11.43
CA GLU A 371 11.08 13.87 -12.17
C GLU A 371 12.37 13.68 -11.37
N ASP A 372 12.74 14.64 -10.52
CA ASP A 372 13.96 14.55 -9.73
C ASP A 372 13.70 14.99 -8.29
N THR A 373 12.59 14.56 -7.71
CA THR A 373 12.29 14.89 -6.33
C THR A 373 11.48 13.75 -5.72
N LEU A 374 11.97 13.22 -4.60
CA LEU A 374 11.31 12.13 -3.90
C LEU A 374 10.53 12.72 -2.73
N THR A 375 9.20 12.66 -2.82
CA THR A 375 8.32 13.18 -1.78
C THR A 375 7.72 12.01 -1.01
N VAL A 376 7.89 12.02 0.31
CA VAL A 376 7.41 10.95 1.17
C VAL A 376 6.60 11.57 2.31
N VAL A 377 5.32 11.20 2.39
CA VAL A 377 4.45 11.63 3.48
C VAL A 377 4.26 10.44 4.42
N THR A 378 4.44 10.67 5.72
CA THR A 378 4.39 9.59 6.68
C THR A 378 3.87 10.11 8.01
N ALA A 379 3.70 9.17 8.95
CA ALA A 379 3.28 9.48 10.31
C ALA A 379 4.09 8.64 11.29
N ASP A 380 4.16 9.11 12.53
CA ASP A 380 4.95 8.42 13.53
C ASP A 380 4.15 7.41 14.36
N HIS A 381 2.88 7.66 14.61
CA HIS A 381 1.98 6.66 15.20
C HIS A 381 0.54 7.09 14.94
N SER A 382 -0.39 6.43 15.62
CA SER A 382 -1.81 6.72 15.49
C SER A 382 -2.43 6.77 16.88
N HIS A 383 -3.63 7.33 16.95
CA HIS A 383 -4.35 7.53 18.21
C HIS A 383 -5.54 6.59 18.29
N VAL A 384 -6.39 6.82 19.30
CA VAL A 384 -7.58 6.02 19.54
C VAL A 384 -8.83 6.73 19.00
N PHE A 385 -8.66 7.65 18.08
CA PHE A 385 -9.78 8.33 17.42
C PHE A 385 -10.61 7.34 16.61
N THR A 386 -11.93 7.37 16.79
CA THR A 386 -12.84 6.56 15.98
C THR A 386 -14.03 7.41 15.56
N PHE A 387 -14.63 7.04 14.43
CA PHE A 387 -15.88 7.66 14.00
C PHE A 387 -16.73 6.63 13.28
N GLY A 388 -18.02 6.62 13.57
CA GLY A 388 -18.92 5.65 12.98
C GLY A 388 -20.32 5.82 13.54
N GLY A 389 -21.20 4.91 13.17
CA GLY A 389 -22.56 4.95 13.68
C GLY A 389 -23.63 5.00 12.60
N TYR A 390 -23.32 4.49 11.42
CA TYR A 390 -24.27 4.41 10.30
C TYR A 390 -24.79 5.80 9.92
N THR A 391 -23.87 6.74 9.79
CA THR A 391 -24.27 8.09 9.41
C THR A 391 -24.67 8.14 7.94
N PRO A 392 -25.68 8.94 7.59
CA PRO A 392 -26.11 9.02 6.19
C PRO A 392 -25.13 9.82 5.34
N ARG A 393 -25.31 9.71 4.04
CA ARG A 393 -24.43 10.40 3.10
C ARG A 393 -24.61 11.92 3.23
N GLY A 394 -23.49 12.63 3.25
CA GLY A 394 -23.50 14.07 3.37
C GLY A 394 -23.66 14.58 4.79
N ASN A 395 -23.75 13.69 5.77
CA ASN A 395 -23.89 14.11 7.16
C ASN A 395 -22.62 14.81 7.62
N SER A 396 -22.80 15.87 8.41
CA SER A 396 -21.66 16.59 8.95
C SER A 396 -20.85 15.68 9.86
N ILE A 397 -19.52 15.77 9.75
CA ILE A 397 -18.66 14.86 10.51
C ILE A 397 -18.66 15.17 12.00
N PHE A 398 -19.17 16.33 12.39
CA PHE A 398 -19.29 16.70 13.80
C PHE A 398 -20.73 16.62 14.29
N GLY A 399 -21.60 15.91 13.57
CA GLY A 399 -23.00 15.83 13.91
C GLY A 399 -23.37 14.54 14.61
N LEU A 400 -24.62 14.50 15.07
CA LEU A 400 -25.12 13.36 15.83
C LEU A 400 -25.34 12.16 14.93
N ALA A 401 -25.47 10.99 15.56
CA ALA A 401 -25.84 9.78 14.85
C ALA A 401 -27.34 9.78 14.58
N PRO A 402 -27.77 9.15 13.47
CA PRO A 402 -29.19 9.24 13.09
C PRO A 402 -30.16 8.68 14.11
N MET A 403 -29.77 7.65 14.85
CA MET A 403 -30.65 6.98 15.79
C MET A 403 -30.21 7.26 17.22
N LEU A 404 -31.18 7.37 18.13
CA LEU A 404 -30.86 7.49 19.54
C LEU A 404 -30.36 6.16 20.08
N SER A 405 -29.72 6.22 21.24
CA SER A 405 -29.30 4.99 21.90
C SER A 405 -30.52 4.20 22.35
N ASP A 406 -30.45 2.88 22.18
CA ASP A 406 -31.55 1.99 22.50
C ASP A 406 -31.52 1.49 23.94
N THR A 407 -30.55 1.91 24.75
CA THR A 407 -30.43 1.49 26.13
C THR A 407 -30.83 2.57 27.12
N ASP A 408 -30.36 3.81 26.92
CA ASP A 408 -30.70 4.92 27.79
C ASP A 408 -31.44 6.04 27.09
N LYS A 409 -31.70 5.91 25.79
CA LYS A 409 -32.52 6.85 25.02
C LYS A 409 -31.93 8.26 25.04
N LYS A 410 -30.70 8.37 24.54
CA LYS A 410 -30.01 9.65 24.45
C LYS A 410 -29.19 9.68 23.16
N PRO A 411 -29.06 10.85 22.55
CA PRO A 411 -28.27 10.95 21.32
C PRO A 411 -26.78 10.81 21.59
N PHE A 412 -26.05 10.35 20.56
CA PHE A 412 -24.60 10.24 20.64
C PHE A 412 -24.00 10.68 19.32
N THR A 413 -22.83 11.31 19.41
CA THR A 413 -22.14 11.84 18.24
C THR A 413 -21.43 10.73 17.48
N ALA A 414 -20.99 11.06 16.27
CA ALA A 414 -20.27 10.10 15.44
C ALA A 414 -18.81 9.94 15.89
N ILE A 415 -18.19 11.01 16.35
CA ILE A 415 -16.79 10.99 16.76
C ILE A 415 -16.69 10.54 18.22
N LEU A 416 -15.88 9.52 18.46
CA LEU A 416 -15.68 8.98 19.80
C LEU A 416 -14.20 8.69 20.01
N TYR A 417 -13.80 8.68 21.27
CA TYR A 417 -12.43 8.44 21.67
C TYR A 417 -12.37 7.25 22.60
N GLY A 418 -11.31 6.45 22.48
CA GLY A 418 -11.14 5.31 23.36
C GLY A 418 -10.97 5.73 24.81
N ASN A 419 -10.23 6.81 25.05
CA ASN A 419 -10.00 7.34 26.38
C ASN A 419 -9.71 8.83 26.27
N GLY A 420 -9.73 9.51 27.40
CA GLY A 420 -9.35 10.91 27.44
C GLY A 420 -10.11 11.70 28.47
N PRO A 421 -10.04 13.04 28.37
CA PRO A 421 -10.77 13.90 29.29
C PRO A 421 -12.21 14.18 28.88
N GLY A 422 -12.69 13.58 27.79
CA GLY A 422 -14.06 13.77 27.38
C GLY A 422 -15.08 12.95 28.13
N TYR A 423 -14.64 12.02 28.97
CA TYR A 423 -15.56 11.17 29.74
C TYR A 423 -16.39 12.02 30.70
N LYS A 424 -17.68 12.14 30.42
CA LYS A 424 -18.58 12.93 31.23
C LYS A 424 -19.74 12.08 31.73
N VAL A 425 -19.97 12.08 33.04
CA VAL A 425 -21.11 11.42 33.66
C VAL A 425 -21.71 12.38 34.66
N VAL A 426 -23.00 12.68 34.51
CA VAL A 426 -23.67 13.66 35.37
C VAL A 426 -24.61 12.96 36.33
N GLY A 427 -24.12 12.65 37.53
CA GLY A 427 -24.95 12.07 38.56
C GLY A 427 -25.45 10.66 38.29
N GLY A 428 -24.65 9.84 37.63
CA GLY A 428 -25.01 8.45 37.38
C GLY A 428 -25.39 8.13 35.95
N GLU A 429 -25.64 9.12 35.11
CA GLU A 429 -25.96 8.91 33.71
C GLU A 429 -25.09 9.80 32.84
N ARG A 430 -24.79 9.33 31.64
CA ARG A 430 -23.91 10.08 30.76
C ARG A 430 -24.61 11.35 30.26
N GLU A 431 -23.82 12.23 29.66
CA GLU A 431 -24.32 13.55 29.30
C GLU A 431 -25.30 13.48 28.14
N ASN A 432 -26.35 14.29 28.22
CA ASN A 432 -27.31 14.44 27.13
C ASN A 432 -26.75 15.45 26.13
N VAL A 433 -26.33 14.95 24.96
CA VAL A 433 -25.59 15.78 24.00
C VAL A 433 -26.46 16.91 23.46
N SER A 434 -27.78 16.75 23.45
CA SER A 434 -28.66 17.78 22.91
C SER A 434 -28.69 19.04 23.77
N MET A 435 -28.12 19.01 24.98
CA MET A 435 -28.10 20.16 25.86
C MET A 435 -26.90 21.07 25.63
N VAL A 436 -25.94 20.68 24.78
CA VAL A 436 -24.72 21.43 24.60
C VAL A 436 -24.46 21.63 23.11
N ASP A 437 -23.55 22.55 22.80
CA ASP A 437 -23.18 22.89 21.43
C ASP A 437 -22.02 21.99 21.01
N TYR A 438 -22.35 20.88 20.35
CA TYR A 438 -21.34 19.91 19.93
C TYR A 438 -20.59 20.33 18.69
N ALA A 439 -20.93 21.46 18.08
CA ALA A 439 -20.24 21.96 16.91
C ALA A 439 -19.23 23.04 17.24
N HIS A 440 -18.93 23.26 18.52
CA HIS A 440 -18.00 24.30 18.93
C HIS A 440 -16.58 23.91 18.56
N ASN A 441 -15.65 24.86 18.75
CA ASN A 441 -14.24 24.62 18.48
C ASN A 441 -13.53 23.89 19.61
N ASN A 442 -14.03 23.99 20.84
CA ASN A 442 -13.40 23.41 22.01
C ASN A 442 -14.30 22.37 22.66
N TYR A 443 -14.90 21.51 21.85
CA TYR A 443 -15.75 20.43 22.33
C TYR A 443 -14.96 19.12 22.35
N GLN A 444 -15.08 18.39 23.45
CA GLN A 444 -14.35 17.14 23.66
C GLN A 444 -15.33 15.98 23.60
N ALA A 445 -15.09 15.05 22.68
CA ALA A 445 -15.99 13.93 22.49
C ALA A 445 -15.92 12.95 23.66
N GLN A 446 -17.00 12.22 23.86
CA GLN A 446 -17.09 11.31 25.00
C GLN A 446 -16.18 10.10 24.81
N SER A 447 -15.73 9.54 25.93
CA SER A 447 -14.74 8.48 25.94
C SER A 447 -15.15 7.40 26.91
N ALA A 448 -14.41 6.28 26.89
CA ALA A 448 -14.74 5.09 27.67
C ALA A 448 -14.20 5.15 29.09
N VAL A 449 -12.90 5.45 29.24
CA VAL A 449 -12.26 5.51 30.55
C VAL A 449 -11.73 6.92 30.78
N PRO A 450 -11.95 7.50 31.97
CA PRO A 450 -11.51 8.89 32.19
C PRO A 450 -10.01 8.98 32.40
N LEU A 451 -9.39 9.91 31.68
CA LEU A 451 -7.97 10.20 31.81
C LEU A 451 -7.79 11.71 31.68
N ARG A 452 -6.55 12.15 31.83
CA ARG A 452 -6.21 13.56 31.61
C ARG A 452 -5.62 13.80 30.23
N HIS A 453 -5.24 12.75 29.52
CA HIS A 453 -4.66 12.87 28.19
C HIS A 453 -4.84 11.54 27.48
N GLU A 454 -5.50 11.56 26.32
CA GLU A 454 -5.75 10.30 25.61
C GLU A 454 -4.45 9.75 25.05
N THR A 455 -4.28 8.44 25.17
CA THR A 455 -2.99 7.81 24.90
C THR A 455 -2.77 7.64 23.40
N HIS A 456 -1.73 6.91 23.03
CA HIS A 456 -1.43 6.66 21.63
C HIS A 456 -2.13 5.37 21.19
N GLY A 457 -1.79 4.87 20.03
CA GLY A 457 -2.36 3.63 19.53
C GLY A 457 -1.33 2.78 18.84
N GLY A 458 -1.54 1.47 18.91
CA GLY A 458 -0.61 0.51 18.35
C GLY A 458 -0.84 0.14 16.90
N GLU A 459 -1.78 0.80 16.22
CA GLU A 459 -2.10 0.43 14.84
C GLU A 459 -0.95 0.79 13.91
N ASP A 460 -0.86 0.05 12.80
CA ASP A 460 0.12 0.34 11.77
C ASP A 460 -0.21 1.66 11.08
N VAL A 461 0.82 2.31 10.54
CA VAL A 461 0.64 3.61 9.92
C VAL A 461 0.85 3.49 8.41
N ALA A 462 0.35 4.46 7.68
CA ALA A 462 0.42 4.46 6.22
C ALA A 462 1.49 5.43 5.75
N VAL A 463 2.22 5.03 4.72
CA VAL A 463 3.31 5.82 4.15
C VAL A 463 3.02 6.02 2.67
N PHE A 464 2.83 7.26 2.26
CA PHE A 464 2.59 7.61 0.86
C PHE A 464 3.88 8.15 0.25
N SER A 465 4.10 7.82 -1.01
CA SER A 465 5.35 8.22 -1.65
C SER A 465 5.16 8.40 -3.15
N LYS A 466 5.91 9.36 -3.69
CA LYS A 466 6.01 9.60 -5.13
C LYS A 466 7.41 10.09 -5.44
N GLY A 467 7.80 9.93 -6.70
CA GLY A 467 9.10 10.39 -7.16
C GLY A 467 9.99 9.26 -7.63
N PRO A 468 11.25 9.57 -7.93
CA PRO A 468 12.19 8.53 -8.35
C PRO A 468 12.42 7.49 -7.26
N MET A 469 12.46 6.23 -7.68
CA MET A 469 12.71 5.10 -6.78
C MET A 469 11.72 5.09 -5.62
N ALA A 470 10.47 5.45 -5.90
CA ALA A 470 9.42 5.47 -4.89
C ALA A 470 8.65 4.15 -4.82
N HIS A 471 8.96 3.19 -5.69
CA HIS A 471 8.28 1.91 -5.70
C HIS A 471 8.91 0.89 -4.76
N LEU A 472 9.96 1.27 -4.03
CA LEU A 472 10.62 0.36 -3.10
C LEU A 472 9.91 0.33 -1.74
N LEU A 473 8.86 1.11 -1.57
CA LEU A 473 8.02 1.07 -0.37
C LEU A 473 6.68 0.47 -0.80
N HIS A 474 6.59 -0.86 -0.72
CA HIS A 474 5.47 -1.58 -1.31
C HIS A 474 4.58 -2.28 -0.30
N GLY A 475 5.14 -3.14 0.55
CA GLY A 475 4.37 -3.99 1.44
C GLY A 475 4.28 -3.45 2.85
N VAL A 476 4.10 -4.36 3.80
CA VAL A 476 4.08 -4.03 5.21
C VAL A 476 5.47 -4.27 5.77
N HIS A 477 6.10 -3.22 6.29
CA HIS A 477 7.50 -3.31 6.70
C HIS A 477 7.68 -2.58 8.02
N GLU A 478 8.92 -2.58 8.50
CA GLU A 478 9.29 -1.88 9.72
C GLU A 478 9.47 -0.39 9.43
N GLN A 479 9.50 0.39 10.51
CA GLN A 479 9.63 1.84 10.37
C GLN A 479 11.05 2.22 9.91
N ASN A 480 12.07 1.59 10.49
CA ASN A 480 13.45 1.96 10.19
C ASN A 480 13.85 1.65 8.76
N TYR A 481 12.98 1.00 7.97
CA TYR A 481 13.25 0.82 6.55
C TYR A 481 13.05 2.10 5.75
N VAL A 482 12.29 3.06 6.29
CA VAL A 482 12.01 4.29 5.54
C VAL A 482 13.27 5.09 5.24
N PRO A 483 14.15 5.40 6.20
CA PRO A 483 15.33 6.21 5.86
C PRO A 483 16.44 5.46 5.16
N HIS A 484 16.31 4.15 4.97
CA HIS A 484 17.32 3.38 4.24
C HIS A 484 17.06 3.33 2.75
N VAL A 485 15.87 3.69 2.31
CA VAL A 485 15.57 3.73 0.88
C VAL A 485 15.79 5.11 0.29
N MET A 486 15.43 6.17 1.04
CA MET A 486 15.68 7.53 0.54
C MET A 486 17.17 7.76 0.33
N ALA A 487 17.99 7.38 1.29
CA ALA A 487 19.43 7.47 1.13
C ALA A 487 19.93 6.62 -0.03
N TYR A 488 19.18 5.57 -0.40
CA TYR A 488 19.57 4.78 -1.56
C TYR A 488 19.25 5.51 -2.85
N ALA A 489 18.18 6.31 -2.87
CA ALA A 489 17.77 6.97 -4.10
C ALA A 489 18.66 8.16 -4.43
N ALA A 490 19.25 8.81 -3.42
CA ALA A 490 20.01 10.03 -3.62
C ALA A 490 21.52 9.81 -3.61
N CYS A 491 21.98 8.56 -3.55
CA CYS A 491 23.41 8.24 -3.47
C CYS A 491 24.07 8.94 -2.29
N ILE A 492 23.43 8.85 -1.13
CA ILE A 492 23.98 9.37 0.12
C ILE A 492 23.92 8.26 1.16
N GLY A 493 24.77 8.36 2.18
CA GLY A 493 24.77 7.40 3.25
C GLY A 493 25.80 6.30 3.09
N ALA A 494 25.42 5.07 3.45
CA ALA A 494 26.34 3.94 3.43
C ALA A 494 26.22 3.07 2.19
N ASN A 495 25.09 3.11 1.50
CA ASN A 495 24.87 2.34 0.28
C ASN A 495 24.90 3.29 -0.91
N LEU A 496 25.93 3.19 -1.74
CA LEU A 496 26.12 4.05 -2.89
C LEU A 496 26.05 3.26 -4.19
N GLY A 497 25.29 2.17 -4.20
CA GLY A 497 25.22 1.31 -5.37
C GLY A 497 24.22 1.72 -6.42
N HIS A 498 23.42 2.76 -6.16
CA HIS A 498 22.43 3.19 -7.15
C HIS A 498 23.09 3.83 -8.36
N CYS A 499 24.03 4.74 -8.12
CA CYS A 499 24.73 5.45 -9.18
C CYS A 499 26.19 5.01 -9.34
N ALA A 500 26.55 3.86 -8.80
CA ALA A 500 27.85 3.28 -9.07
C ALA A 500 27.89 2.72 -10.50
N PRO A 501 29.04 2.78 -11.17
CA PRO A 501 29.18 2.25 -12.54
C PRO A 501 28.97 0.74 -12.61
N LEU B 20 11.19 -8.25 26.67
CA LEU B 20 11.56 -6.91 27.10
C LEU B 20 13.00 -6.57 26.73
N VAL B 21 13.17 -5.96 25.57
CA VAL B 21 14.47 -5.55 25.04
C VAL B 21 15.37 -6.77 24.95
N PRO B 22 15.16 -7.66 23.97
CA PRO B 22 16.07 -8.79 23.79
C PRO B 22 17.48 -8.31 23.50
N GLU B 23 18.45 -9.12 23.91
CA GLU B 23 19.86 -8.72 23.80
C GLU B 23 20.24 -8.44 22.36
N LYS B 24 19.82 -9.31 21.43
CA LYS B 24 20.23 -9.18 20.04
C LYS B 24 19.79 -7.86 19.42
N GLU B 25 18.79 -7.21 19.99
CA GLU B 25 18.28 -5.96 19.45
C GLU B 25 18.97 -4.73 20.02
N LYS B 26 19.99 -4.91 20.85
CA LYS B 26 20.69 -3.78 21.45
C LYS B 26 21.82 -3.25 20.57
N ASP B 27 22.03 -3.82 19.39
CA ASP B 27 23.13 -3.43 18.52
C ASP B 27 22.60 -2.86 17.22
N PRO B 28 23.03 -1.66 16.81
CA PRO B 28 22.49 -1.07 15.59
C PRO B 28 22.74 -1.87 14.33
N LYS B 29 23.82 -2.67 14.30
CA LYS B 29 24.12 -3.47 13.11
C LYS B 29 22.99 -4.43 12.78
N TYR B 30 22.28 -4.93 13.80
CA TYR B 30 21.15 -5.82 13.55
C TYR B 30 20.08 -5.13 12.72
N TRP B 31 19.67 -3.94 13.14
CA TRP B 31 18.63 -3.21 12.40
C TRP B 31 19.11 -2.78 11.03
N ARG B 32 20.38 -2.35 10.92
CA ARG B 32 20.91 -1.95 9.62
C ARG B 32 20.94 -3.12 8.65
N ASP B 33 21.37 -4.30 9.11
CA ASP B 33 21.38 -5.48 8.24
C ASP B 33 19.97 -5.88 7.85
N GLN B 34 19.02 -5.81 8.78
CA GLN B 34 17.64 -6.11 8.44
C GLN B 34 17.12 -5.19 7.35
N ALA B 35 17.38 -3.89 7.49
CA ALA B 35 16.92 -2.93 6.49
C ALA B 35 17.59 -3.16 5.14
N GLN B 36 18.88 -3.51 5.14
CA GLN B 36 19.56 -3.74 3.87
C GLN B 36 19.03 -4.99 3.18
N GLU B 37 18.74 -6.05 3.94
CA GLU B 37 18.15 -7.25 3.33
C GLU B 37 16.78 -6.94 2.76
N THR B 38 15.96 -6.18 3.48
CA THR B 38 14.66 -5.78 2.96
C THR B 38 14.81 -4.97 1.67
N LEU B 39 15.77 -4.07 1.63
CA LEU B 39 16.00 -3.26 0.43
C LEU B 39 16.44 -4.13 -0.74
N LYS B 40 17.30 -5.12 -0.48
CA LYS B 40 17.74 -6.02 -1.55
C LYS B 40 16.57 -6.81 -2.10
N TYR B 41 15.69 -7.32 -1.23
CA TYR B 41 14.51 -8.02 -1.71
C TYR B 41 13.61 -7.11 -2.53
N ALA B 42 13.43 -5.87 -2.07
CA ALA B 42 12.60 -4.92 -2.82
C ALA B 42 13.20 -4.61 -4.19
N LEU B 43 14.54 -4.53 -4.27
CA LEU B 43 15.18 -4.32 -5.56
C LEU B 43 14.99 -5.52 -6.48
N GLU B 44 15.12 -6.74 -5.95
CA GLU B 44 14.88 -7.92 -6.77
C GLU B 44 13.43 -8.03 -7.21
N LEU B 45 12.52 -7.43 -6.44
CA LEU B 45 11.10 -7.47 -6.76
C LEU B 45 10.74 -6.60 -7.97
N GLN B 46 11.68 -5.82 -8.50
CA GLN B 46 11.37 -4.91 -9.61
C GLN B 46 11.01 -5.64 -10.90
N LYS B 47 11.26 -6.95 -10.97
CA LYS B 47 10.89 -7.73 -12.15
C LYS B 47 9.41 -8.03 -12.09
N LEU B 48 8.63 -7.30 -12.88
CA LEU B 48 7.18 -7.42 -12.84
C LEU B 48 6.72 -8.78 -13.38
N ASN B 49 5.62 -9.26 -12.82
CA ASN B 49 5.03 -10.54 -13.23
C ASN B 49 3.82 -10.24 -14.12
N THR B 50 3.95 -10.52 -15.41
CA THR B 50 2.92 -10.18 -16.39
C THR B 50 2.31 -11.43 -17.03
N ASN B 51 2.28 -12.54 -16.31
CA ASN B 51 1.65 -13.74 -16.80
C ASN B 51 0.13 -13.62 -16.69
N VAL B 52 -0.58 -14.56 -17.31
CA VAL B 52 -2.03 -14.63 -17.25
C VAL B 52 -2.42 -15.45 -16.03
N ALA B 53 -3.24 -14.87 -15.17
CA ALA B 53 -3.66 -15.53 -13.93
C ALA B 53 -4.66 -16.63 -14.26
N LYS B 54 -4.17 -17.87 -14.35
CA LYS B 54 -5.07 -18.99 -14.60
C LYS B 54 -6.04 -19.20 -13.45
N ASN B 55 -5.58 -19.04 -12.21
CA ASN B 55 -6.39 -19.24 -11.02
C ASN B 55 -6.51 -17.93 -10.27
N VAL B 56 -7.67 -17.70 -9.66
CA VAL B 56 -7.92 -16.52 -8.85
C VAL B 56 -8.50 -16.97 -7.51
N ILE B 57 -7.89 -16.52 -6.42
CA ILE B 57 -8.37 -16.82 -5.08
C ILE B 57 -8.58 -15.50 -4.35
N MET B 58 -9.72 -15.35 -3.70
CA MET B 58 -10.11 -14.11 -3.04
C MET B 58 -10.49 -14.41 -1.60
N PHE B 59 -9.60 -14.05 -0.67
CA PHE B 59 -9.87 -14.16 0.75
C PHE B 59 -10.49 -12.87 1.26
N LEU B 60 -11.51 -13.00 2.11
CA LEU B 60 -12.34 -11.88 2.49
C LEU B 60 -12.59 -11.93 4.00
N GLY B 61 -12.01 -11.00 4.73
CA GLY B 61 -12.24 -10.91 6.16
C GLY B 61 -13.31 -9.90 6.51
N ASP B 62 -14.47 -10.38 6.96
CA ASP B 62 -15.58 -9.49 7.27
C ASP B 62 -15.24 -8.64 8.49
N GLY B 63 -15.21 -7.33 8.31
CA GLY B 63 -14.92 -6.42 9.41
C GLY B 63 -13.51 -6.51 9.95
N MET B 64 -12.52 -6.62 9.07
CA MET B 64 -11.11 -6.72 9.45
C MET B 64 -10.40 -5.45 8.98
N GLY B 65 -10.31 -4.46 9.87
CA GLY B 65 -9.70 -3.20 9.52
C GLY B 65 -8.19 -3.22 9.58
N VAL B 66 -7.60 -2.18 10.17
CA VAL B 66 -6.17 -2.09 10.34
C VAL B 66 -5.74 -2.33 11.79
N SER B 67 -6.60 -2.02 12.77
CA SER B 67 -6.29 -2.37 14.15
C SER B 67 -6.47 -3.87 14.39
N THR B 68 -7.47 -4.46 13.73
CA THR B 68 -7.72 -5.89 13.92
C THR B 68 -6.56 -6.72 13.41
N VAL B 69 -5.97 -6.35 12.28
CA VAL B 69 -4.90 -7.16 11.71
C VAL B 69 -3.65 -7.11 12.59
N THR B 70 -3.31 -5.93 13.12
CA THR B 70 -2.14 -5.85 13.98
C THR B 70 -2.38 -6.52 15.33
N ALA B 71 -3.60 -6.41 15.86
CA ALA B 71 -3.92 -7.14 17.09
C ALA B 71 -3.84 -8.64 16.86
N ALA B 72 -4.31 -9.12 15.70
CA ALA B 72 -4.21 -10.54 15.39
C ALA B 72 -2.76 -10.97 15.22
N ARG B 73 -1.92 -10.11 14.66
CA ARG B 73 -0.49 -10.43 14.54
C ARG B 73 0.13 -10.58 15.92
N ILE B 74 -0.18 -9.66 16.83
CA ILE B 74 0.37 -9.76 18.18
C ILE B 74 -0.13 -11.01 18.88
N LEU B 75 -1.42 -11.33 18.74
CA LEU B 75 -1.96 -12.52 19.38
C LEU B 75 -1.35 -13.80 18.80
N LYS B 76 -1.16 -13.86 17.48
CA LYS B 76 -0.56 -15.02 16.87
C LYS B 76 0.89 -15.20 17.32
N GLY B 77 1.63 -14.09 17.44
CA GLY B 77 2.98 -14.18 17.98
C GLY B 77 3.00 -14.66 19.42
N GLN B 78 2.08 -14.15 20.24
CA GLN B 78 2.08 -14.52 21.66
C GLN B 78 1.54 -15.92 21.91
N LEU B 79 0.79 -16.49 20.96
CA LEU B 79 0.34 -17.86 21.11
C LEU B 79 1.49 -18.86 21.04
N HIS B 80 2.62 -18.47 20.46
CA HIS B 80 3.81 -19.32 20.37
C HIS B 80 4.90 -18.88 21.33
N HIS B 81 4.53 -18.18 22.42
CA HIS B 81 5.45 -17.80 23.49
C HIS B 81 6.53 -16.84 22.98
N ASN B 82 6.09 -15.78 22.31
CA ASN B 82 6.93 -14.72 21.79
C ASN B 82 6.34 -13.38 22.20
N PRO B 83 7.14 -12.31 22.19
CA PRO B 83 6.55 -10.97 22.35
C PRO B 83 5.46 -10.67 21.33
N GLY B 84 5.65 -11.09 20.08
CA GLY B 84 4.61 -11.07 19.08
C GLY B 84 4.60 -9.86 18.18
N GLU B 85 5.24 -8.76 18.59
CA GLU B 85 5.19 -7.54 17.79
C GLU B 85 5.93 -7.71 16.47
N GLU B 86 7.04 -8.44 16.47
CA GLU B 86 7.88 -8.61 15.29
C GLU B 86 7.42 -9.75 14.39
N THR B 87 6.48 -10.58 14.83
CA THR B 87 6.06 -11.73 14.05
C THR B 87 5.31 -11.30 12.81
N ARG B 88 5.35 -12.14 11.77
CA ARG B 88 4.75 -11.86 10.48
C ARG B 88 3.59 -12.81 10.23
N LEU B 89 2.44 -12.25 9.87
CA LEU B 89 1.30 -13.05 9.46
C LEU B 89 1.52 -13.61 8.06
N GLU B 90 0.68 -14.57 7.68
CA GLU B 90 0.76 -15.12 6.33
C GLU B 90 0.36 -14.10 5.27
N MET B 91 -0.43 -13.09 5.63
CA MET B 91 -0.79 -12.03 4.70
C MET B 91 0.20 -10.87 4.70
N ASP B 92 1.16 -10.86 5.63
CA ASP B 92 2.19 -9.82 5.65
C ASP B 92 3.31 -10.09 4.67
N LYS B 93 3.41 -11.32 4.16
CA LYS B 93 4.41 -11.66 3.16
C LYS B 93 3.94 -11.34 1.74
N PHE B 94 2.73 -10.81 1.58
CA PHE B 94 2.24 -10.41 0.27
C PHE B 94 2.94 -9.13 -0.15
N PRO B 95 3.58 -9.11 -1.32
CA PRO B 95 4.43 -7.95 -1.67
C PRO B 95 3.69 -6.62 -1.77
N PHE B 96 2.44 -6.61 -2.21
CA PHE B 96 1.77 -5.38 -2.60
C PHE B 96 0.56 -5.11 -1.71
N VAL B 97 0.44 -3.85 -1.27
CA VAL B 97 -0.61 -3.41 -0.36
C VAL B 97 -1.20 -2.12 -0.91
N ALA B 98 -2.54 -2.03 -0.90
CA ALA B 98 -3.24 -0.83 -1.32
C ALA B 98 -4.32 -0.49 -0.30
N LEU B 99 -4.94 0.68 -0.48
CA LEU B 99 -5.99 1.15 0.40
C LEU B 99 -7.28 1.34 -0.39
N SER B 100 -8.40 0.99 0.23
CA SER B 100 -9.70 1.04 -0.41
C SER B 100 -10.65 1.91 0.40
N LYS B 101 -11.36 2.80 -0.29
CA LYS B 101 -12.39 3.63 0.31
C LYS B 101 -13.71 2.89 0.28
N THR B 102 -14.40 2.85 1.41
CA THR B 102 -15.53 1.95 1.58
C THR B 102 -16.84 2.68 1.87
N TYR B 103 -17.15 3.73 1.12
CA TYR B 103 -18.41 4.44 1.29
C TYR B 103 -19.44 3.91 0.30
N ASN B 104 -20.71 3.94 0.72
CA ASN B 104 -21.80 3.60 -0.17
C ASN B 104 -22.34 4.85 -0.85
N THR B 105 -23.29 4.65 -1.76
CA THR B 105 -23.96 5.77 -2.42
C THR B 105 -25.16 6.27 -1.63
N ASN B 106 -25.46 5.66 -0.48
CA ASN B 106 -26.59 6.07 0.33
C ASN B 106 -26.16 6.38 1.75
N ALA B 107 -25.09 5.74 2.22
CA ALA B 107 -24.66 5.85 3.60
C ALA B 107 -23.18 6.23 3.66
N GLN B 108 -22.85 7.05 4.66
CA GLN B 108 -21.46 7.44 4.87
C GLN B 108 -20.66 6.30 5.49
N VAL B 109 -21.25 5.58 6.44
CA VAL B 109 -20.63 4.41 7.07
C VAL B 109 -21.13 3.17 6.35
N PRO B 110 -20.25 2.30 5.86
CA PRO B 110 -20.68 1.22 4.95
C PRO B 110 -21.58 0.16 5.58
N ASP B 111 -21.96 -0.81 4.76
CA ASP B 111 -22.76 -1.95 5.19
C ASP B 111 -22.14 -3.21 4.58
N SER B 112 -22.77 -4.37 4.76
CA SER B 112 -22.24 -5.60 4.20
C SER B 112 -22.69 -5.82 2.76
N ALA B 113 -23.99 -5.62 2.49
CA ALA B 113 -24.53 -5.90 1.17
C ALA B 113 -24.02 -4.91 0.12
N GLY B 114 -24.04 -3.62 0.44
CA GLY B 114 -23.59 -2.62 -0.51
C GLY B 114 -22.12 -2.77 -0.86
N THR B 115 -21.28 -2.97 0.15
CA THR B 115 -19.85 -3.15 -0.09
C THR B 115 -19.59 -4.46 -0.84
N ALA B 116 -20.33 -5.51 -0.51
CA ALA B 116 -20.17 -6.78 -1.22
C ALA B 116 -20.51 -6.62 -2.70
N THR B 117 -21.60 -5.91 -3.00
CA THR B 117 -21.91 -5.60 -4.38
C THR B 117 -20.77 -4.80 -5.02
N ALA B 118 -20.23 -3.83 -4.27
CA ALA B 118 -19.17 -2.98 -4.83
C ALA B 118 -17.96 -3.80 -5.24
N TYR B 119 -17.47 -4.68 -4.38
CA TYR B 119 -16.23 -5.39 -4.69
C TYR B 119 -16.45 -6.73 -5.38
N LEU B 120 -17.68 -7.17 -5.60
CA LEU B 120 -17.92 -8.39 -6.35
C LEU B 120 -18.53 -8.17 -7.72
N CYS B 121 -19.27 -7.07 -7.93
CA CYS B 121 -19.88 -6.77 -9.21
C CYS B 121 -19.25 -5.59 -9.92
N GLY B 122 -18.48 -4.76 -9.23
CA GLY B 122 -17.83 -3.62 -9.82
C GLY B 122 -18.64 -2.35 -9.88
N VAL B 123 -19.82 -2.32 -9.25
CA VAL B 123 -20.70 -1.17 -9.26
C VAL B 123 -21.17 -0.90 -7.83
N LYS B 124 -20.98 0.34 -7.36
CA LYS B 124 -21.46 0.71 -6.04
C LYS B 124 -22.98 0.74 -6.02
N ALA B 125 -23.55 0.33 -4.89
CA ALA B 125 -25.00 0.18 -4.79
C ALA B 125 -25.48 0.77 -3.47
N ASN B 126 -26.79 0.79 -3.30
CA ASN B 126 -27.41 1.36 -2.11
C ASN B 126 -27.10 0.50 -0.88
N GLU B 127 -27.58 0.96 0.27
CA GLU B 127 -27.39 0.26 1.53
C GLU B 127 -28.56 -0.68 1.77
N GLY B 128 -28.28 -1.98 1.78
CA GLY B 128 -29.28 -2.99 2.08
C GLY B 128 -29.79 -3.78 0.90
N THR B 129 -29.23 -3.60 -0.30
CA THR B 129 -29.65 -4.31 -1.49
C THR B 129 -28.49 -5.10 -2.05
N VAL B 130 -28.74 -6.35 -2.47
CA VAL B 130 -27.71 -7.24 -2.97
C VAL B 130 -27.88 -7.40 -4.48
N GLY B 131 -26.79 -7.22 -5.21
CA GLY B 131 -26.74 -7.57 -6.62
C GLY B 131 -27.37 -6.60 -7.58
N VAL B 132 -27.93 -5.48 -7.10
CA VAL B 132 -28.58 -4.52 -7.98
C VAL B 132 -27.80 -3.21 -7.97
N SER B 133 -28.22 -2.26 -8.79
CA SER B 133 -27.55 -0.97 -8.89
C SER B 133 -28.14 -0.01 -7.86
N ALA B 134 -27.78 1.27 -7.97
CA ALA B 134 -28.22 2.29 -7.03
C ALA B 134 -29.59 2.87 -7.36
N ALA B 135 -30.22 2.42 -8.44
CA ALA B 135 -31.50 2.95 -8.85
C ALA B 135 -32.68 2.22 -8.20
N THR B 136 -32.43 1.19 -7.39
CA THR B 136 -33.48 0.44 -6.74
C THR B 136 -33.64 0.90 -5.30
N GLU B 137 -34.88 0.91 -4.82
CA GLU B 137 -35.20 1.27 -3.46
C GLU B 137 -35.34 0.01 -2.61
N ARG B 138 -34.90 0.10 -1.36
CA ARG B 138 -34.92 -1.06 -0.47
C ARG B 138 -36.35 -1.51 -0.20
N SER B 139 -36.54 -2.82 -0.08
CA SER B 139 -37.84 -3.43 0.21
C SER B 139 -38.89 -3.10 -0.85
N ARG B 140 -38.47 -3.05 -2.11
CA ARG B 140 -39.39 -2.83 -3.23
C ARG B 140 -38.94 -3.68 -4.40
N CYS B 141 -39.77 -4.64 -4.79
CA CYS B 141 -39.37 -5.64 -5.77
C CYS B 141 -39.64 -5.24 -7.22
N ASN B 142 -40.48 -4.22 -7.46
CA ASN B 142 -40.74 -3.80 -8.83
C ASN B 142 -39.71 -2.82 -9.35
N THR B 143 -38.78 -2.36 -8.52
CA THR B 143 -37.66 -1.55 -8.97
C THR B 143 -36.43 -2.39 -9.29
N THR B 144 -36.47 -3.70 -9.05
CA THR B 144 -35.34 -4.57 -9.35
C THR B 144 -35.21 -4.85 -10.84
N GLN B 145 -36.33 -4.91 -11.56
CA GLN B 145 -36.31 -5.32 -12.96
C GLN B 145 -35.55 -4.29 -13.80
N GLY B 146 -34.58 -4.78 -14.58
CA GLY B 146 -33.79 -3.94 -15.43
C GLY B 146 -32.63 -3.23 -14.76
N ASN B 147 -32.44 -3.43 -13.45
CA ASN B 147 -31.37 -2.79 -12.70
C ASN B 147 -30.41 -3.80 -12.09
N GLU B 148 -30.35 -5.00 -12.66
CA GLU B 148 -29.55 -6.09 -12.12
C GLU B 148 -28.13 -6.06 -12.69
N VAL B 149 -27.17 -6.48 -11.86
CA VAL B 149 -25.76 -6.48 -12.23
C VAL B 149 -25.18 -7.84 -11.91
N THR B 150 -24.41 -8.40 -12.85
CA THR B 150 -23.82 -9.72 -12.69
C THR B 150 -22.43 -9.61 -12.08
N SER B 151 -22.11 -10.55 -11.20
CA SER B 151 -20.88 -10.52 -10.42
C SER B 151 -19.74 -11.18 -11.19
N ILE B 152 -18.56 -11.25 -10.54
CA ILE B 152 -17.39 -11.86 -11.15
C ILE B 152 -17.53 -13.37 -11.26
N LEU B 153 -18.40 -13.97 -10.44
CA LEU B 153 -18.61 -15.41 -10.52
C LEU B 153 -19.21 -15.80 -11.86
N ARG B 154 -20.15 -15.01 -12.37
CA ARG B 154 -20.71 -15.27 -13.69
C ARG B 154 -19.67 -15.13 -14.78
N TRP B 155 -18.79 -14.13 -14.67
CA TRP B 155 -17.73 -13.96 -15.65
C TRP B 155 -16.79 -15.17 -15.65
N ALA B 156 -16.44 -15.67 -14.46
CA ALA B 156 -15.58 -16.83 -14.37
C ALA B 156 -16.27 -18.07 -14.94
N LYS B 157 -17.55 -18.25 -14.64
CA LYS B 157 -18.27 -19.44 -15.11
C LYS B 157 -18.47 -19.41 -16.62
N ASP B 158 -18.69 -18.23 -17.19
CA ASP B 158 -18.92 -18.12 -18.63
C ASP B 158 -17.67 -18.33 -19.46
N ALA B 159 -16.49 -18.31 -18.85
CA ALA B 159 -15.24 -18.55 -19.55
C ALA B 159 -14.78 -20.00 -19.47
N GLY B 160 -15.55 -20.87 -18.82
CA GLY B 160 -15.19 -22.27 -18.67
C GLY B 160 -14.48 -22.62 -17.40
N LYS B 161 -14.34 -21.68 -16.46
CA LYS B 161 -13.63 -21.95 -15.22
C LYS B 161 -14.55 -22.63 -14.21
N SER B 162 -13.95 -23.13 -13.13
CA SER B 162 -14.67 -23.74 -12.03
C SER B 162 -15.05 -22.68 -11.01
N VAL B 163 -16.03 -23.00 -10.16
CA VAL B 163 -16.61 -22.04 -9.23
C VAL B 163 -16.69 -22.66 -7.84
N GLY B 164 -16.18 -21.95 -6.85
CA GLY B 164 -16.28 -22.40 -5.47
C GLY B 164 -16.57 -21.29 -4.49
N ILE B 165 -17.48 -21.53 -3.56
CA ILE B 165 -17.82 -20.60 -2.49
C ILE B 165 -17.66 -21.33 -1.17
N VAL B 166 -16.79 -20.82 -0.31
CA VAL B 166 -16.54 -21.39 1.02
C VAL B 166 -16.77 -20.30 2.04
N THR B 167 -17.67 -20.53 2.99
CA THR B 167 -18.00 -19.54 4.00
C THR B 167 -18.15 -20.22 5.35
N THR B 168 -17.85 -19.47 6.41
CA THR B 168 -18.13 -19.91 7.77
C THR B 168 -19.48 -19.42 8.27
N THR B 169 -20.15 -18.56 7.52
CA THR B 169 -21.51 -18.10 7.82
C THR B 169 -22.49 -18.84 6.91
N ARG B 170 -23.74 -18.40 6.92
CA ARG B 170 -24.74 -19.00 6.05
C ARG B 170 -24.35 -18.80 4.58
N VAL B 171 -24.72 -19.78 3.75
CA VAL B 171 -24.46 -19.66 2.32
C VAL B 171 -25.32 -18.57 1.69
N ASN B 172 -26.43 -18.19 2.33
CA ASN B 172 -27.29 -17.13 1.83
C ASN B 172 -27.17 -15.87 2.68
N HIS B 173 -25.99 -15.60 3.22
CA HIS B 173 -25.73 -14.35 3.92
C HIS B 173 -25.43 -13.27 2.89
N ALA B 174 -25.31 -12.03 3.37
CA ALA B 174 -25.13 -10.90 2.46
C ALA B 174 -23.86 -11.04 1.63
N THR B 175 -22.73 -11.30 2.29
CA THR B 175 -21.45 -11.38 1.59
C THR B 175 -21.41 -12.46 0.52
N PRO B 176 -21.85 -13.70 0.76
CA PRO B 176 -21.85 -14.68 -0.34
C PRO B 176 -22.96 -14.44 -1.34
N SER B 177 -24.15 -14.04 -0.89
CA SER B 177 -25.28 -13.89 -1.80
C SER B 177 -25.12 -12.71 -2.74
N ALA B 178 -24.20 -11.78 -2.44
CA ALA B 178 -23.96 -10.71 -3.41
C ALA B 178 -23.29 -11.20 -4.69
N ALA B 179 -23.01 -12.51 -4.82
CA ALA B 179 -22.35 -13.06 -5.99
C ALA B 179 -23.26 -13.86 -6.90
N TYR B 180 -24.43 -14.27 -6.43
CA TYR B 180 -25.36 -15.04 -7.26
C TYR B 180 -26.80 -14.54 -7.20
N ALA B 181 -27.14 -13.62 -6.31
CA ALA B 181 -28.50 -13.19 -6.09
C ALA B 181 -28.69 -11.73 -6.48
N HIS B 182 -29.91 -11.39 -6.91
CA HIS B 182 -30.31 -10.02 -7.23
C HIS B 182 -31.59 -9.75 -6.45
N SER B 183 -31.46 -9.28 -5.22
CA SER B 183 -32.59 -9.04 -4.35
C SER B 183 -32.56 -7.62 -3.81
N ALA B 184 -33.74 -7.11 -3.46
CA ALA B 184 -33.88 -5.74 -2.99
C ALA B 184 -33.85 -5.64 -1.47
N ASP B 185 -33.57 -6.73 -0.77
CA ASP B 185 -33.47 -6.71 0.68
C ASP B 185 -32.58 -7.86 1.13
N ARG B 186 -31.79 -7.60 2.18
CA ARG B 186 -30.92 -8.64 2.72
C ARG B 186 -31.71 -9.64 3.55
N ASP B 187 -32.70 -9.18 4.29
CA ASP B 187 -33.43 -9.98 5.28
C ASP B 187 -34.38 -10.97 4.66
N TRP B 188 -34.36 -11.19 3.35
CA TRP B 188 -35.23 -12.18 2.71
C TRP B 188 -34.48 -13.49 2.50
N TYR B 189 -34.09 -14.12 3.62
CA TYR B 189 -33.35 -15.37 3.55
C TYR B 189 -34.20 -16.51 2.99
N SER B 190 -35.49 -16.51 3.28
CA SER B 190 -36.39 -17.56 2.81
C SER B 190 -37.77 -16.94 2.60
N ASP B 191 -38.63 -17.70 1.91
CA ASP B 191 -39.98 -17.21 1.63
C ASP B 191 -40.82 -17.05 2.89
N ASN B 192 -40.39 -17.66 4.00
CA ASN B 192 -41.06 -17.42 5.28
C ASN B 192 -40.87 -15.98 5.74
N GLU B 193 -39.74 -15.38 5.41
CA GLU B 193 -39.36 -14.05 5.90
C GLU B 193 -39.78 -12.94 4.96
N MET B 194 -40.45 -13.25 3.85
CA MET B 194 -40.83 -12.19 2.93
C MET B 194 -42.26 -11.73 3.18
N PRO B 195 -42.53 -10.43 3.03
CA PRO B 195 -43.89 -9.95 3.23
C PRO B 195 -44.81 -10.46 2.13
N PRO B 196 -46.11 -10.55 2.40
CA PRO B 196 -47.05 -11.03 1.36
C PRO B 196 -47.06 -10.16 0.12
N GLU B 197 -46.86 -8.85 0.26
CA GLU B 197 -46.87 -7.96 -0.91
C GLU B 197 -45.72 -8.29 -1.86
N ALA B 198 -44.56 -8.65 -1.32
CA ALA B 198 -43.42 -9.02 -2.17
C ALA B 198 -43.64 -10.38 -2.81
N LEU B 199 -44.26 -11.32 -2.08
CA LEU B 199 -44.51 -12.64 -2.65
C LEU B 199 -45.56 -12.57 -3.76
N SER B 200 -46.54 -11.67 -3.62
CA SER B 200 -47.59 -11.55 -4.63
C SER B 200 -47.10 -10.98 -5.94
N GLN B 201 -45.90 -10.39 -5.97
CA GLN B 201 -45.36 -9.77 -7.18
C GLN B 201 -44.34 -10.65 -7.89
N GLY B 202 -44.31 -11.95 -7.59
CA GLY B 202 -43.36 -12.85 -8.23
C GLY B 202 -41.92 -12.54 -7.91
N CYS B 203 -41.61 -12.26 -6.65
CA CYS B 203 -40.28 -11.89 -6.22
C CYS B 203 -39.70 -13.03 -5.37
N LYS B 204 -38.50 -13.47 -5.71
CA LYS B 204 -37.91 -14.66 -5.11
C LYS B 204 -36.95 -14.31 -3.98
N ASP B 205 -36.76 -15.27 -3.07
CA ASP B 205 -35.86 -15.12 -1.95
C ASP B 205 -34.44 -15.52 -2.36
N ILE B 206 -33.54 -15.61 -1.39
CA ILE B 206 -32.14 -15.86 -1.71
C ILE B 206 -31.83 -17.36 -1.77
N ALA B 207 -32.48 -18.15 -0.93
CA ALA B 207 -32.25 -19.60 -0.96
C ALA B 207 -32.67 -20.20 -2.29
N TYR B 208 -33.80 -19.75 -2.82
CA TYR B 208 -34.24 -20.20 -4.15
C TYR B 208 -33.25 -19.79 -5.23
N GLN B 209 -32.77 -18.55 -5.16
CA GLN B 209 -31.84 -18.05 -6.17
C GLN B 209 -30.47 -18.72 -6.08
N LEU B 210 -30.10 -19.25 -4.91
CA LEU B 210 -28.84 -19.99 -4.82
C LEU B 210 -28.86 -21.21 -5.73
N MET B 211 -30.03 -21.85 -5.87
CA MET B 211 -30.13 -23.08 -6.63
C MET B 211 -30.65 -22.86 -8.05
N HIS B 212 -31.35 -21.76 -8.32
CA HIS B 212 -32.01 -21.56 -9.60
C HIS B 212 -31.40 -20.42 -10.42
N ASN B 213 -30.20 -19.95 -10.09
CA ASN B 213 -29.56 -18.89 -10.84
C ASN B 213 -28.36 -19.40 -11.62
N ILE B 214 -27.38 -19.99 -10.94
CA ILE B 214 -26.26 -20.67 -11.58
C ILE B 214 -26.37 -22.13 -11.18
N ARG B 215 -26.66 -22.99 -12.15
CA ARG B 215 -26.92 -24.39 -11.90
C ARG B 215 -25.67 -25.26 -12.00
N ASP B 216 -24.50 -24.65 -12.16
CA ASP B 216 -23.25 -25.38 -12.29
C ASP B 216 -22.18 -24.84 -11.36
N ILE B 217 -22.58 -24.43 -10.16
CA ILE B 217 -21.61 -24.05 -9.14
C ILE B 217 -20.97 -25.33 -8.60
N ASP B 218 -19.65 -25.42 -8.65
CA ASP B 218 -18.98 -26.69 -8.36
C ASP B 218 -18.95 -26.96 -6.85
N VAL B 219 -18.33 -26.07 -6.08
CA VAL B 219 -18.14 -26.32 -4.65
C VAL B 219 -18.91 -25.29 -3.84
N ILE B 220 -19.72 -25.77 -2.90
CA ILE B 220 -20.40 -24.92 -1.93
C ILE B 220 -20.10 -25.44 -0.54
N MET B 221 -19.65 -24.55 0.35
CA MET B 221 -19.34 -24.90 1.74
C MET B 221 -19.90 -23.83 2.65
N GLY B 222 -20.66 -24.24 3.66
CA GLY B 222 -21.13 -23.28 4.65
C GLY B 222 -22.23 -23.87 5.52
N GLY B 223 -22.95 -22.98 6.19
CA GLY B 223 -24.09 -23.36 7.00
C GLY B 223 -25.40 -23.00 6.35
N GLY B 224 -26.45 -23.01 7.16
CA GLY B 224 -27.78 -22.64 6.69
C GLY B 224 -28.58 -23.81 6.17
N ARG B 225 -28.64 -24.89 6.96
CA ARG B 225 -29.32 -26.10 6.53
C ARG B 225 -30.82 -26.06 6.77
N LYS B 226 -31.31 -25.10 7.55
CA LYS B 226 -32.74 -25.03 7.84
C LYS B 226 -33.52 -24.19 6.84
N TYR B 227 -32.85 -23.51 5.93
CA TYR B 227 -33.50 -22.77 4.86
C TYR B 227 -33.69 -23.61 3.61
N MET B 228 -33.30 -24.88 3.64
CA MET B 228 -33.32 -25.73 2.46
C MET B 228 -34.39 -26.81 2.54
N TYR B 229 -35.19 -26.84 3.60
CA TYR B 229 -36.13 -27.90 3.88
C TYR B 229 -37.51 -27.32 4.12
N PRO B 230 -38.57 -28.11 3.90
CA PRO B 230 -39.92 -27.61 4.16
C PRO B 230 -40.13 -27.33 5.64
N LYS B 231 -41.23 -26.61 5.91
CA LYS B 231 -41.53 -26.17 7.26
C LYS B 231 -41.80 -27.35 8.19
N ASN B 232 -41.39 -27.20 9.45
CA ASN B 232 -41.63 -28.19 10.51
C ASN B 232 -41.05 -29.55 10.14
N LYS B 233 -39.80 -29.56 9.66
CA LYS B 233 -39.07 -30.77 9.37
C LYS B 233 -37.90 -30.90 10.35
N THR B 234 -37.83 -32.03 11.05
CA THR B 234 -36.81 -32.22 12.06
C THR B 234 -35.41 -32.27 11.45
N ASP B 235 -34.44 -31.73 12.18
CA ASP B 235 -33.07 -31.71 11.72
C ASP B 235 -32.42 -33.07 11.94
N VAL B 236 -31.17 -33.20 11.47
CA VAL B 236 -30.43 -34.45 11.62
C VAL B 236 -29.49 -34.41 12.82
N GLU B 237 -28.73 -33.31 12.97
CA GLU B 237 -27.84 -33.20 14.12
C GLU B 237 -28.62 -32.96 15.41
N TYR B 238 -29.61 -32.06 15.37
CA TYR B 238 -30.37 -31.65 16.55
C TYR B 238 -31.80 -32.14 16.39
N GLU B 239 -32.10 -33.29 17.00
CA GLU B 239 -33.44 -33.86 16.88
C GLU B 239 -34.47 -33.08 17.70
N SER B 240 -34.11 -32.73 18.94
CA SER B 240 -35.06 -32.13 19.87
C SER B 240 -35.09 -30.61 19.81
N ASP B 241 -34.18 -29.99 19.05
CA ASP B 241 -34.12 -28.54 18.99
C ASP B 241 -35.20 -28.00 18.05
N GLU B 242 -36.06 -27.13 18.57
CA GLU B 242 -37.16 -26.56 17.80
C GLU B 242 -36.73 -25.34 16.99
N LYS B 243 -35.52 -24.84 17.18
CA LYS B 243 -35.01 -23.71 16.40
C LYS B 243 -34.32 -24.17 15.12
N ALA B 244 -33.99 -25.45 15.00
CA ALA B 244 -33.25 -25.98 13.86
C ALA B 244 -34.15 -26.60 12.81
N ARG B 245 -35.47 -26.46 12.93
CA ARG B 245 -36.38 -27.05 11.96
C ARG B 245 -36.39 -26.24 10.67
N GLY B 246 -37.03 -26.78 9.64
CA GLY B 246 -37.12 -26.10 8.37
C GLY B 246 -38.01 -24.88 8.43
N THR B 247 -37.89 -24.03 7.41
CA THR B 247 -38.62 -22.76 7.37
C THR B 247 -39.35 -22.48 6.08
N ARG B 248 -39.11 -23.23 5.00
CA ARG B 248 -39.73 -22.94 3.72
C ARG B 248 -41.23 -23.21 3.77
N LEU B 249 -42.03 -22.21 3.40
CA LEU B 249 -43.47 -22.38 3.29
C LEU B 249 -43.90 -22.95 1.95
N ASP B 250 -43.01 -22.99 0.97
CA ASP B 250 -43.33 -23.52 -0.35
C ASP B 250 -43.42 -25.04 -0.36
N GLY B 251 -42.84 -25.71 0.63
CA GLY B 251 -42.80 -27.15 0.62
C GLY B 251 -41.82 -27.74 -0.35
N LEU B 252 -40.81 -26.98 -0.76
CA LEU B 252 -39.85 -27.41 -1.76
C LEU B 252 -38.54 -27.77 -1.08
N ASP B 253 -38.05 -28.98 -1.35
CA ASP B 253 -36.78 -29.45 -0.80
C ASP B 253 -35.66 -29.01 -1.72
N LEU B 254 -34.93 -27.97 -1.32
CA LEU B 254 -33.90 -27.42 -2.20
C LEU B 254 -32.69 -28.34 -2.28
N VAL B 255 -32.40 -29.11 -1.24
CA VAL B 255 -31.32 -30.10 -1.32
C VAL B 255 -31.68 -31.17 -2.35
N ASP B 256 -32.94 -31.61 -2.36
CA ASP B 256 -33.37 -32.60 -3.34
C ASP B 256 -33.32 -32.06 -4.76
N THR B 257 -33.75 -30.81 -4.96
CA THR B 257 -33.74 -30.24 -6.30
C THR B 257 -32.34 -29.81 -6.74
N TRP B 258 -31.38 -29.71 -5.82
CA TRP B 258 -30.00 -29.49 -6.23
C TRP B 258 -29.45 -30.71 -6.94
N LYS B 259 -29.86 -31.91 -6.53
CA LYS B 259 -29.50 -33.13 -7.25
C LYS B 259 -30.55 -33.48 -8.30
N SER B 260 -30.92 -32.48 -9.09
CA SER B 260 -31.80 -32.68 -10.24
C SER B 260 -31.39 -31.85 -11.44
N PHE B 261 -30.51 -30.87 -11.29
CA PHE B 261 -30.08 -30.01 -12.37
C PHE B 261 -28.71 -30.42 -12.91
N LYS B 262 -28.24 -31.61 -12.56
CA LYS B 262 -26.91 -32.04 -12.92
C LYS B 262 -26.97 -33.37 -13.67
N PRO B 263 -26.03 -33.62 -14.59
CA PRO B 263 -26.11 -34.83 -15.41
C PRO B 263 -26.03 -36.09 -14.58
N ARG B 264 -26.74 -37.12 -15.03
CA ARG B 264 -26.83 -38.37 -14.28
C ARG B 264 -25.52 -39.16 -14.29
N TYR B 265 -24.57 -38.83 -15.17
CA TYR B 265 -23.28 -39.50 -15.21
C TYR B 265 -22.23 -38.79 -14.37
N LYS B 266 -22.61 -37.74 -13.64
CA LYS B 266 -21.70 -37.04 -12.74
C LYS B 266 -21.90 -37.53 -11.31
N HIS B 267 -21.12 -36.97 -10.39
CA HIS B 267 -21.14 -37.38 -8.99
C HIS B 267 -21.48 -36.19 -8.10
N SER B 268 -22.51 -36.35 -7.27
CA SER B 268 -22.93 -35.35 -6.30
C SER B 268 -23.13 -36.04 -4.95
N HIS B 269 -22.69 -35.38 -3.88
CA HIS B 269 -22.57 -36.06 -2.59
C HIS B 269 -23.46 -35.48 -1.50
N PHE B 270 -23.39 -34.17 -1.25
CA PHE B 270 -24.09 -33.53 -0.12
C PHE B 270 -23.66 -34.15 1.21
N ILE B 271 -22.41 -33.89 1.55
CA ILE B 271 -21.91 -34.21 2.88
C ILE B 271 -22.46 -33.18 3.88
N TRP B 272 -22.54 -33.58 5.15
CA TRP B 272 -23.00 -32.63 6.17
C TRP B 272 -22.23 -32.72 7.49
N ASN B 273 -21.09 -33.42 7.54
CA ASN B 273 -20.26 -33.40 8.73
C ASN B 273 -18.81 -33.63 8.34
N ARG B 274 -17.93 -33.60 9.34
CA ARG B 274 -16.49 -33.69 9.11
C ARG B 274 -16.04 -35.11 8.78
N THR B 275 -16.70 -36.12 9.33
CA THR B 275 -16.31 -37.50 9.05
C THR B 275 -16.47 -37.82 7.58
N GLU B 276 -17.57 -37.36 6.96
CA GLU B 276 -17.75 -37.55 5.53
C GLU B 276 -16.81 -36.68 4.72
N LEU B 277 -16.51 -35.48 5.20
CA LEU B 277 -15.59 -34.60 4.47
C LEU B 277 -14.19 -35.22 4.39
N LEU B 278 -13.71 -35.78 5.49
CA LEU B 278 -12.40 -36.43 5.47
C LEU B 278 -12.53 -37.92 5.17
N THR B 279 -13.34 -38.24 4.14
CA THR B 279 -13.40 -39.58 3.61
C THR B 279 -13.57 -39.56 2.09
N LEU B 280 -13.60 -38.39 1.48
CA LEU B 280 -13.88 -38.26 0.06
C LEU B 280 -12.64 -38.58 -0.77
N ASP B 281 -12.86 -38.81 -2.06
CA ASP B 281 -11.78 -38.91 -3.05
C ASP B 281 -11.99 -37.79 -4.06
N PRO B 282 -11.25 -36.68 -3.96
CA PRO B 282 -11.47 -35.56 -4.89
C PRO B 282 -11.28 -35.92 -6.36
N HIS B 283 -10.67 -37.06 -6.66
CA HIS B 283 -10.59 -37.53 -8.04
C HIS B 283 -11.87 -38.20 -8.50
N ASN B 284 -12.84 -38.43 -7.60
CA ASN B 284 -14.11 -39.02 -7.95
C ASN B 284 -15.29 -38.14 -7.59
N VAL B 285 -15.06 -36.85 -7.34
CA VAL B 285 -16.12 -35.91 -6.97
C VAL B 285 -16.10 -34.75 -7.96
N ASP B 286 -17.28 -34.41 -8.48
CA ASP B 286 -17.43 -33.31 -9.42
C ASP B 286 -18.19 -32.12 -8.87
N TYR B 287 -19.30 -32.37 -8.17
CA TYR B 287 -20.10 -31.32 -7.55
C TYR B 287 -20.28 -31.64 -6.09
N LEU B 288 -20.06 -30.66 -5.21
CA LEU B 288 -20.12 -30.87 -3.77
C LEU B 288 -20.87 -29.74 -3.09
N LEU B 289 -21.79 -30.09 -2.21
CA LEU B 289 -22.55 -29.16 -1.39
C LEU B 289 -22.40 -29.57 0.06
N GLY B 290 -21.92 -28.66 0.89
CA GLY B 290 -21.75 -28.96 2.31
C GLY B 290 -22.45 -27.94 3.20
N LEU B 291 -23.44 -28.41 3.95
CA LEU B 291 -24.17 -27.59 4.90
C LEU B 291 -23.98 -28.24 6.27
N PHE B 292 -23.11 -27.65 7.09
CA PHE B 292 -22.69 -28.26 8.34
C PHE B 292 -23.46 -27.79 9.56
N GLU B 293 -24.14 -26.65 9.49
CA GLU B 293 -24.87 -26.11 10.63
C GLU B 293 -26.23 -25.61 10.19
N PRO B 294 -27.23 -25.68 11.07
CA PRO B 294 -28.54 -25.08 10.73
C PRO B 294 -28.48 -23.59 10.47
N GLY B 295 -27.60 -22.87 11.16
CA GLY B 295 -27.44 -21.46 10.91
C GLY B 295 -25.98 -21.08 10.68
N ASP B 296 -25.49 -20.12 11.46
CA ASP B 296 -24.07 -19.79 11.38
C ASP B 296 -23.24 -20.87 12.04
N MET B 297 -22.07 -21.14 11.47
CA MET B 297 -21.16 -22.10 12.07
C MET B 297 -20.58 -21.55 13.37
N GLN B 298 -20.22 -22.45 14.27
CA GLN B 298 -19.80 -22.05 15.61
C GLN B 298 -18.46 -21.33 15.56
N TYR B 299 -18.15 -20.64 16.67
CA TYR B 299 -16.87 -19.97 16.80
C TYR B 299 -15.74 -20.99 16.86
N GLU B 300 -14.51 -20.50 16.62
CA GLU B 300 -13.35 -21.38 16.68
C GLU B 300 -13.10 -21.89 18.09
N LEU B 301 -13.39 -21.08 19.11
CA LEU B 301 -13.22 -21.52 20.49
C LEU B 301 -14.32 -22.48 20.92
N ASN B 302 -15.51 -22.38 20.32
CA ASN B 302 -16.65 -23.22 20.67
C ASN B 302 -16.85 -24.37 19.70
N ARG B 303 -15.94 -24.56 18.75
CA ARG B 303 -16.11 -25.59 17.75
C ARG B 303 -15.95 -26.98 18.35
N ASN B 304 -16.52 -27.98 17.67
CA ASN B 304 -16.50 -29.36 18.13
C ASN B 304 -15.43 -30.12 17.36
N ASN B 305 -14.78 -31.08 18.05
CA ASN B 305 -13.77 -31.91 17.39
C ASN B 305 -14.33 -32.66 16.20
N VAL B 306 -15.45 -33.37 16.40
CA VAL B 306 -15.78 -34.48 15.53
C VAL B 306 -16.71 -34.05 14.40
N THR B 307 -17.78 -33.34 14.74
CA THR B 307 -18.87 -33.12 13.79
C THR B 307 -18.84 -31.73 13.16
N ASP B 308 -17.68 -31.08 13.12
CA ASP B 308 -17.59 -29.77 12.49
C ASP B 308 -16.18 -29.51 12.00
N PRO B 309 -15.99 -29.27 10.69
CA PRO B 309 -14.65 -29.00 10.17
C PRO B 309 -14.27 -27.53 10.25
N SER B 310 -12.97 -27.29 10.38
CA SER B 310 -12.45 -25.93 10.42
C SER B 310 -12.38 -25.35 9.02
N LEU B 311 -12.01 -24.06 8.94
CA LEU B 311 -11.93 -23.40 7.65
C LEU B 311 -10.79 -23.95 6.80
N SER B 312 -9.68 -24.35 7.44
CA SER B 312 -8.51 -24.83 6.70
C SER B 312 -8.82 -26.12 5.94
N GLU B 313 -9.48 -27.07 6.60
CA GLU B 313 -9.82 -28.33 5.95
C GLU B 313 -10.78 -28.11 4.79
N MET B 314 -11.79 -27.26 4.98
CA MET B 314 -12.74 -26.98 3.91
C MET B 314 -12.06 -26.32 2.72
N VAL B 315 -11.17 -25.36 2.99
CA VAL B 315 -10.45 -24.70 1.91
C VAL B 315 -9.58 -25.70 1.16
N VAL B 316 -8.91 -26.59 1.90
CA VAL B 316 -8.03 -27.57 1.26
C VAL B 316 -8.83 -28.50 0.35
N VAL B 317 -9.96 -29.00 0.84
CA VAL B 317 -10.76 -29.92 0.03
C VAL B 317 -11.34 -29.20 -1.18
N ALA B 318 -11.80 -27.96 -0.99
CA ALA B 318 -12.34 -27.20 -2.11
C ALA B 318 -11.29 -26.97 -3.18
N ILE B 319 -10.07 -26.62 -2.78
CA ILE B 319 -9.00 -26.40 -3.75
C ILE B 319 -8.65 -27.69 -4.47
N GLN B 320 -8.58 -28.81 -3.74
CA GLN B 320 -8.27 -30.08 -4.39
C GLN B 320 -9.34 -30.47 -5.39
N ILE B 321 -10.60 -30.18 -5.10
CA ILE B 321 -11.67 -30.49 -6.06
C ILE B 321 -11.59 -29.56 -7.27
N LEU B 322 -11.38 -28.26 -7.04
CA LEU B 322 -11.40 -27.30 -8.14
C LEU B 322 -10.15 -27.36 -9.01
N ARG B 323 -9.07 -27.95 -8.51
CA ARG B 323 -7.80 -27.97 -9.23
C ARG B 323 -7.83 -28.82 -10.49
N LYS B 324 -8.84 -29.68 -10.67
CA LYS B 324 -8.85 -30.60 -11.79
C LYS B 324 -9.13 -29.93 -13.13
N ASN B 325 -9.75 -28.75 -13.13
CA ASN B 325 -10.10 -28.09 -14.37
C ASN B 325 -8.84 -27.58 -15.06
N PRO B 326 -8.61 -27.91 -16.33
CA PRO B 326 -7.44 -27.41 -17.05
C PRO B 326 -7.55 -25.97 -17.52
N LYS B 327 -8.59 -25.24 -17.09
CA LYS B 327 -8.75 -23.84 -17.46
C LYS B 327 -8.72 -22.90 -16.27
N GLY B 328 -8.60 -23.42 -15.06
CA GLY B 328 -8.52 -22.61 -13.86
C GLY B 328 -9.77 -22.72 -13.01
N PHE B 329 -9.82 -21.90 -11.96
CA PHE B 329 -10.96 -21.87 -11.07
C PHE B 329 -11.03 -20.51 -10.40
N PHE B 330 -12.20 -20.21 -9.84
CA PHE B 330 -12.38 -19.03 -8.99
C PHE B 330 -12.98 -19.48 -7.67
N LEU B 331 -12.25 -19.23 -6.59
CA LEU B 331 -12.66 -19.63 -5.25
C LEU B 331 -12.84 -18.38 -4.39
N LEU B 332 -13.97 -18.30 -3.70
CA LEU B 332 -14.28 -17.18 -2.82
C LEU B 332 -14.39 -17.71 -1.39
N VAL B 333 -13.41 -17.37 -0.56
CA VAL B 333 -13.37 -17.79 0.83
C VAL B 333 -13.73 -16.61 1.71
N GLU B 334 -14.65 -16.83 2.66
CA GLU B 334 -15.23 -15.74 3.46
C GLU B 334 -15.21 -16.13 4.93
N GLY B 335 -14.30 -15.55 5.69
CA GLY B 335 -14.25 -15.73 7.13
C GLY B 335 -15.09 -14.70 7.86
N GLY B 336 -16.42 -14.89 7.84
CA GLY B 336 -17.32 -13.85 8.27
C GLY B 336 -17.77 -13.87 9.72
N ARG B 337 -17.05 -14.56 10.59
CA ARG B 337 -17.37 -14.55 12.01
C ARG B 337 -16.61 -13.47 12.78
N ILE B 338 -15.67 -12.78 12.14
CA ILE B 338 -15.01 -11.63 12.77
C ILE B 338 -16.02 -10.53 13.03
N ASP B 339 -16.90 -10.26 12.07
CA ASP B 339 -17.92 -9.24 12.25
C ASP B 339 -18.87 -9.60 13.38
N HIS B 340 -19.28 -10.86 13.47
CA HIS B 340 -20.19 -11.27 14.53
C HIS B 340 -19.49 -11.22 15.89
N GLY B 341 -18.20 -11.53 15.93
CA GLY B 341 -17.46 -11.42 17.18
C GLY B 341 -17.30 -9.99 17.64
N HIS B 342 -17.07 -9.07 16.69
CA HIS B 342 -16.91 -7.66 17.05
C HIS B 342 -18.24 -7.02 17.43
N HIS B 343 -19.33 -7.43 16.79
CA HIS B 343 -20.63 -6.80 17.05
C HIS B 343 -21.08 -7.01 18.48
N GLU B 344 -20.66 -8.12 19.11
CA GLU B 344 -21.05 -8.42 20.48
C GLU B 344 -20.10 -7.82 21.51
N GLY B 345 -18.99 -7.23 21.09
CA GLY B 345 -18.04 -6.67 22.01
C GLY B 345 -17.02 -7.63 22.58
N LYS B 346 -16.95 -8.86 22.04
CA LYS B 346 -16.00 -9.86 22.51
C LYS B 346 -14.81 -9.87 21.56
N ALA B 347 -13.68 -9.34 22.03
CA ALA B 347 -12.50 -9.19 21.19
C ALA B 347 -11.76 -10.51 20.98
N LYS B 348 -11.77 -11.39 21.99
CA LYS B 348 -11.00 -12.63 21.87
C LYS B 348 -11.53 -13.50 20.74
N GLN B 349 -12.85 -13.61 20.62
CA GLN B 349 -13.44 -14.42 19.56
C GLN B 349 -13.08 -13.88 18.18
N ALA B 350 -13.18 -12.56 18.00
CA ALA B 350 -12.84 -11.96 16.71
C ALA B 350 -11.38 -12.16 16.36
N LEU B 351 -10.49 -11.97 17.35
CA LEU B 351 -9.06 -12.11 17.07
C LEU B 351 -8.70 -13.56 16.75
N HIS B 352 -9.32 -14.51 17.44
CA HIS B 352 -9.05 -15.92 17.13
C HIS B 352 -9.60 -16.31 15.77
N GLU B 353 -10.75 -15.74 15.37
CA GLU B 353 -11.25 -15.97 14.03
C GLU B 353 -10.29 -15.40 12.98
N ALA B 354 -9.71 -14.24 13.26
CA ALA B 354 -8.72 -13.68 12.35
C ALA B 354 -7.49 -14.57 12.24
N VAL B 355 -7.05 -15.14 13.36
CA VAL B 355 -5.90 -16.05 13.34
C VAL B 355 -6.22 -17.29 12.51
N GLU B 356 -7.43 -17.85 12.67
CA GLU B 356 -7.82 -19.00 11.87
C GLU B 356 -7.89 -18.64 10.38
N MET B 357 -8.36 -17.44 10.07
CA MET B 357 -8.38 -16.98 8.68
C MET B 357 -6.97 -16.92 8.11
N ASP B 358 -6.02 -16.43 8.92
CA ASP B 358 -4.63 -16.38 8.49
C ASP B 358 -4.07 -17.78 8.24
N ARG B 359 -4.40 -18.73 9.12
CA ARG B 359 -3.95 -20.11 8.93
C ARG B 359 -4.51 -20.69 7.63
N ALA B 360 -5.78 -20.41 7.33
CA ALA B 360 -6.37 -20.87 6.09
C ALA B 360 -5.66 -20.25 4.88
N ILE B 361 -5.31 -18.96 4.98
CA ILE B 361 -4.56 -18.31 3.91
C ILE B 361 -3.23 -19.02 3.69
N GLY B 362 -2.54 -19.37 4.78
CA GLY B 362 -1.28 -20.08 4.65
C GLY B 362 -1.43 -21.44 3.98
N GLN B 363 -2.45 -22.21 4.39
CA GLN B 363 -2.68 -23.51 3.78
C GLN B 363 -2.97 -23.39 2.28
N ALA B 364 -3.85 -22.46 1.92
CA ALA B 364 -4.21 -22.29 0.52
C ALA B 364 -3.02 -21.84 -0.31
N GLY B 365 -2.20 -20.95 0.23
CA GLY B 365 -0.98 -20.56 -0.47
C GLY B 365 -0.02 -21.72 -0.63
N SER B 366 0.04 -22.61 0.36
CA SER B 366 0.89 -23.80 0.24
C SER B 366 0.41 -24.71 -0.88
N LEU B 367 -0.91 -24.87 -1.01
CA LEU B 367 -1.43 -25.81 -2.02
C LEU B 367 -1.11 -25.36 -3.44
N THR B 368 -1.29 -24.07 -3.75
CA THR B 368 -1.18 -23.59 -5.10
C THR B 368 0.23 -23.04 -5.37
N SER B 369 0.42 -22.43 -6.53
CA SER B 369 1.70 -21.83 -6.92
C SER B 369 1.47 -20.38 -7.34
N SER B 370 2.43 -19.52 -6.99
CA SER B 370 2.28 -18.09 -7.21
C SER B 370 2.61 -17.66 -8.63
N GLU B 371 3.09 -18.56 -9.48
CA GLU B 371 3.47 -18.17 -10.83
C GLU B 371 2.25 -17.95 -11.72
N ASP B 372 1.13 -18.63 -11.43
CA ASP B 372 -0.07 -18.47 -12.24
C ASP B 372 -1.35 -18.39 -11.41
N THR B 373 -1.27 -17.93 -10.17
CA THR B 373 -2.43 -17.79 -9.31
C THR B 373 -2.40 -16.40 -8.67
N LEU B 374 -3.51 -15.69 -8.77
CA LEU B 374 -3.64 -14.36 -8.19
C LEU B 374 -4.44 -14.46 -6.90
N THR B 375 -3.78 -14.21 -5.77
CA THR B 375 -4.40 -14.26 -4.46
C THR B 375 -4.59 -12.84 -3.94
N VAL B 376 -5.82 -12.51 -3.56
CA VAL B 376 -6.17 -11.18 -3.06
C VAL B 376 -6.86 -11.33 -1.72
N VAL B 377 -6.27 -10.78 -0.67
CA VAL B 377 -6.88 -10.74 0.66
C VAL B 377 -7.41 -9.34 0.89
N THR B 378 -8.67 -9.23 1.29
CA THR B 378 -9.31 -7.93 1.41
C THR B 378 -10.33 -7.96 2.55
N ALA B 379 -10.93 -6.80 2.80
CA ALA B 379 -12.00 -6.66 3.77
C ALA B 379 -13.02 -5.68 3.20
N ASP B 380 -14.21 -5.68 3.80
CA ASP B 380 -15.29 -4.83 3.31
C ASP B 380 -15.52 -3.58 4.15
N HIS B 381 -15.24 -3.62 5.44
CA HIS B 381 -15.38 -2.44 6.30
C HIS B 381 -14.49 -2.64 7.52
N SER B 382 -14.69 -1.79 8.53
CA SER B 382 -13.94 -1.87 9.76
C SER B 382 -14.83 -1.42 10.91
N HIS B 383 -14.41 -1.77 12.13
CA HIS B 383 -15.17 -1.48 13.33
C HIS B 383 -14.48 -0.36 14.12
N VAL B 384 -15.01 -0.09 15.32
CA VAL B 384 -14.47 0.93 16.19
C VAL B 384 -13.57 0.32 17.28
N PHE B 385 -13.08 -0.89 17.04
CA PHE B 385 -12.09 -1.52 17.91
C PHE B 385 -10.82 -0.68 17.99
N THR B 386 -10.32 -0.47 19.20
CA THR B 386 -9.03 0.19 19.39
C THR B 386 -8.29 -0.48 20.55
N PHE B 387 -6.97 -0.35 20.53
CA PHE B 387 -6.17 -0.84 21.64
C PHE B 387 -4.94 0.05 21.80
N GLY B 388 -4.47 0.15 23.04
CA GLY B 388 -3.28 0.91 23.36
C GLY B 388 -3.41 1.73 24.62
N GLY B 389 -2.49 1.50 25.56
CA GLY B 389 -2.48 2.21 26.82
C GLY B 389 -1.07 2.48 27.31
N TYR B 390 -0.12 2.58 26.38
CA TYR B 390 1.31 2.64 26.70
C TYR B 390 1.78 1.34 27.33
N THR B 391 1.31 0.22 26.81
CA THR B 391 1.65 -1.08 27.37
C THR B 391 3.10 -1.44 27.06
N PRO B 392 3.77 -2.13 27.98
CA PRO B 392 5.17 -2.50 27.76
C PRO B 392 5.29 -3.65 26.78
N ARG B 393 6.53 -3.88 26.34
CA ARG B 393 6.80 -4.95 25.40
C ARG B 393 6.53 -6.32 26.03
N GLY B 394 5.90 -7.19 25.26
CA GLY B 394 5.56 -8.52 25.74
C GLY B 394 4.30 -8.58 26.57
N ASN B 395 3.62 -7.47 26.79
CA ASN B 395 2.38 -7.47 27.56
C ASN B 395 1.30 -8.24 26.80
N SER B 396 0.50 -9.00 27.56
CA SER B 396 -0.61 -9.72 26.95
C SER B 396 -1.61 -8.75 26.35
N ILE B 397 -2.10 -9.07 25.15
CA ILE B 397 -2.98 -8.15 24.45
C ILE B 397 -4.34 -8.03 25.12
N PHE B 398 -4.68 -8.96 26.02
CA PHE B 398 -5.91 -8.88 26.79
C PHE B 398 -5.65 -8.46 28.23
N GLY B 399 -4.55 -7.76 28.49
CA GLY B 399 -4.15 -7.40 29.84
C GLY B 399 -4.38 -5.94 30.16
N LEU B 400 -4.20 -5.63 31.44
CA LEU B 400 -4.42 -4.29 31.97
C LEU B 400 -3.34 -3.33 31.47
N ALA B 401 -3.63 -2.04 31.59
CA ALA B 401 -2.67 -1.00 31.29
C ALA B 401 -1.73 -0.80 32.48
N PRO B 402 -0.49 -0.38 32.24
CA PRO B 402 0.48 -0.30 33.33
C PRO B 402 0.08 0.64 34.46
N MET B 403 -0.61 1.73 34.16
CA MET B 403 -0.95 2.75 35.15
C MET B 403 -2.45 2.79 35.39
N LEU B 404 -2.81 3.18 36.60
CA LEU B 404 -4.21 3.39 36.93
C LEU B 404 -4.72 4.68 36.29
N SER B 405 -6.04 4.85 36.32
CA SER B 405 -6.64 6.06 35.78
C SER B 405 -6.25 7.27 36.63
N ASP B 406 -6.09 8.42 35.98
CA ASP B 406 -5.65 9.63 36.67
C ASP B 406 -6.77 10.25 37.50
N THR B 407 -8.03 10.01 37.15
CA THR B 407 -9.16 10.70 37.76
C THR B 407 -9.82 9.90 38.87
N ASP B 408 -10.30 8.69 38.57
CA ASP B 408 -11.03 7.88 39.53
C ASP B 408 -10.19 6.77 40.14
N LYS B 409 -8.94 6.60 39.68
CA LYS B 409 -7.99 5.66 40.29
C LYS B 409 -8.50 4.22 40.23
N LYS B 410 -8.74 3.75 39.01
CA LYS B 410 -9.15 2.38 38.76
C LYS B 410 -8.43 1.85 37.53
N PRO B 411 -8.14 0.55 37.49
CA PRO B 411 -7.44 -0.01 36.34
C PRO B 411 -8.34 -0.07 35.11
N PHE B 412 -7.70 -0.01 33.94
CA PHE B 412 -8.40 -0.12 32.67
C PHE B 412 -7.61 -0.99 31.72
N THR B 413 -8.32 -1.73 30.88
CA THR B 413 -7.70 -2.65 29.94
C THR B 413 -7.18 -1.92 28.71
N ALA B 414 -6.36 -2.61 27.92
CA ALA B 414 -5.81 -2.02 26.71
C ALA B 414 -6.83 -1.99 25.58
N ILE B 415 -7.71 -2.97 25.50
CA ILE B 415 -8.68 -3.08 24.41
C ILE B 415 -9.94 -2.31 24.78
N LEU B 416 -10.32 -1.36 23.94
CA LEU B 416 -11.50 -0.53 24.17
C LEU B 416 -12.30 -0.39 22.89
N TYR B 417 -13.61 -0.35 23.05
CA TYR B 417 -14.54 -0.19 21.94
C TYR B 417 -15.17 1.19 21.98
N GLY B 418 -15.43 1.75 20.80
CA GLY B 418 -16.08 3.05 20.75
C GLY B 418 -17.47 3.03 21.34
N ASN B 419 -18.24 2.00 21.02
CA ASN B 419 -19.60 1.85 21.52
C ASN B 419 -20.00 0.38 21.44
N GLY B 420 -20.95 -0.02 22.29
CA GLY B 420 -21.42 -1.38 22.28
C GLY B 420 -22.08 -1.78 23.59
N PRO B 421 -22.23 -3.08 23.80
CA PRO B 421 -22.85 -3.56 25.05
C PRO B 421 -21.89 -3.70 26.22
N GLY B 422 -20.62 -3.32 26.06
CA GLY B 422 -19.67 -3.40 27.15
C GLY B 422 -19.73 -2.24 28.12
N TYR B 423 -20.51 -1.21 27.84
CA TYR B 423 -20.62 -0.04 28.72
C TYR B 423 -21.26 -0.46 30.03
N LYS B 424 -20.47 -0.43 31.11
CA LYS B 424 -20.96 -0.81 32.43
C LYS B 424 -20.69 0.32 33.41
N VAL B 425 -21.73 0.70 34.16
CA VAL B 425 -21.61 1.66 35.26
C VAL B 425 -22.44 1.14 36.43
N VAL B 426 -21.76 0.75 37.51
CA VAL B 426 -22.42 0.08 38.63
C VAL B 426 -22.61 1.11 39.75
N GLY B 427 -23.80 1.71 39.79
CA GLY B 427 -24.18 2.60 40.86
C GLY B 427 -23.77 4.05 40.68
N GLY B 428 -23.02 4.38 39.64
CA GLY B 428 -22.61 5.75 39.42
C GLY B 428 -21.13 5.87 39.07
N GLU B 429 -20.41 4.75 39.18
CA GLU B 429 -18.99 4.70 38.86
C GLU B 429 -18.76 3.53 37.91
N ARG B 430 -17.79 3.69 37.02
CA ARG B 430 -17.52 2.63 36.06
C ARG B 430 -16.93 1.41 36.76
N GLU B 431 -16.96 0.28 36.06
CA GLU B 431 -16.62 -1.00 36.67
C GLU B 431 -15.15 -1.04 37.07
N ASN B 432 -14.88 -1.63 38.23
CA ASN B 432 -13.51 -1.87 38.70
C ASN B 432 -13.05 -3.19 38.09
N VAL B 433 -12.24 -3.11 37.05
CA VAL B 433 -11.83 -4.28 36.28
C VAL B 433 -11.09 -5.31 37.12
N SER B 434 -10.40 -4.88 38.18
CA SER B 434 -9.60 -5.79 38.99
C SER B 434 -10.43 -6.81 39.75
N MET B 435 -11.75 -6.65 39.81
CA MET B 435 -12.61 -7.62 40.48
C MET B 435 -12.99 -8.81 39.59
N VAL B 436 -13.09 -8.61 38.29
CA VAL B 436 -13.66 -9.62 37.41
C VAL B 436 -12.55 -10.30 36.62
N ASP B 437 -12.90 -11.41 35.97
CA ASP B 437 -11.95 -12.18 35.16
C ASP B 437 -11.93 -11.60 33.75
N TYR B 438 -10.96 -10.73 33.49
CA TYR B 438 -10.85 -10.04 32.21
C TYR B 438 -10.16 -10.86 31.14
N ALA B 439 -9.75 -12.09 31.43
CA ALA B 439 -9.15 -12.98 30.45
C ALA B 439 -10.10 -14.07 29.98
N HIS B 440 -11.39 -13.94 30.27
CA HIS B 440 -12.37 -14.95 29.91
C HIS B 440 -12.61 -14.96 28.40
N ASN B 441 -13.30 -16.00 27.94
CA ASN B 441 -13.65 -16.11 26.53
C ASN B 441 -14.80 -15.17 26.16
N ASN B 442 -15.69 -14.88 27.10
CA ASN B 442 -16.90 -14.11 26.85
C ASN B 442 -16.89 -12.80 27.63
N TYR B 443 -15.75 -12.11 27.63
CA TYR B 443 -15.62 -10.83 28.31
C TYR B 443 -15.77 -9.70 27.29
N GLN B 444 -16.58 -8.70 27.62
CA GLN B 444 -16.87 -7.58 26.74
C GLN B 444 -16.15 -6.34 27.28
N ALA B 445 -15.31 -5.73 26.45
CA ALA B 445 -14.54 -4.57 26.85
C ALA B 445 -15.45 -3.36 27.01
N GLN B 446 -14.99 -2.41 27.85
CA GLN B 446 -15.79 -1.23 28.14
C GLN B 446 -15.85 -0.30 26.94
N SER B 447 -16.94 0.46 26.87
CA SER B 447 -17.23 1.31 25.72
C SER B 447 -17.74 2.67 26.21
N ALA B 448 -17.95 3.58 25.26
CA ALA B 448 -18.33 4.95 25.57
C ALA B 448 -19.83 5.20 25.50
N VAL B 449 -20.52 4.55 24.56
CA VAL B 449 -21.95 4.72 24.35
C VAL B 449 -22.61 3.36 24.54
N PRO B 450 -23.66 3.26 25.36
CA PRO B 450 -24.32 1.96 25.56
C PRO B 450 -25.27 1.64 24.41
N LEU B 451 -24.98 0.56 23.69
CA LEU B 451 -25.81 0.10 22.59
C LEU B 451 -26.00 -1.41 22.72
N ARG B 452 -26.98 -1.94 21.98
CA ARG B 452 -27.16 -3.39 21.94
C ARG B 452 -26.10 -4.06 21.08
N HIS B 453 -25.58 -3.35 20.08
CA HIS B 453 -24.61 -3.93 19.16
C HIS B 453 -23.59 -2.88 18.74
N GLU B 454 -22.32 -3.31 18.72
CA GLU B 454 -21.23 -2.48 18.23
C GLU B 454 -21.40 -2.19 16.73
N THR B 455 -21.24 -0.92 16.35
CA THR B 455 -21.52 -0.47 15.00
C THR B 455 -20.31 -0.68 14.09
N HIS B 456 -20.34 -0.11 12.90
CA HIS B 456 -19.25 -0.20 11.94
C HIS B 456 -18.34 1.02 12.05
N GLY B 457 -17.41 1.15 11.11
CA GLY B 457 -16.53 2.30 11.08
C GLY B 457 -16.26 2.72 9.65
N GLY B 458 -15.95 3.99 9.49
CA GLY B 458 -15.74 4.60 8.19
C GLY B 458 -14.32 4.58 7.67
N GLU B 459 -13.40 3.90 8.35
CA GLU B 459 -12.00 3.91 7.94
C GLU B 459 -11.80 3.19 6.61
N ASP B 460 -10.74 3.57 5.90
CA ASP B 460 -10.33 2.84 4.71
C ASP B 460 -9.75 1.48 5.11
N VAL B 461 -9.83 0.53 4.18
CA VAL B 461 -9.39 -0.83 4.47
C VAL B 461 -8.16 -1.14 3.64
N ALA B 462 -7.41 -2.15 4.07
CA ALA B 462 -6.19 -2.55 3.39
C ALA B 462 -6.43 -3.76 2.52
N VAL B 463 -5.79 -3.78 1.36
CA VAL B 463 -5.92 -4.85 0.38
C VAL B 463 -4.54 -5.40 0.08
N PHE B 464 -4.32 -6.67 0.38
CA PHE B 464 -3.06 -7.35 0.14
C PHE B 464 -3.19 -8.20 -1.12
N SER B 465 -2.18 -8.15 -1.98
CA SER B 465 -2.27 -8.83 -3.27
C SER B 465 -0.98 -9.56 -3.58
N LYS B 466 -1.09 -10.66 -4.33
CA LYS B 466 0.06 -11.44 -4.74
C LYS B 466 -0.28 -12.20 -6.01
N GLY B 467 0.71 -12.37 -6.88
CA GLY B 467 0.54 -13.16 -8.08
C GLY B 467 0.77 -12.40 -9.36
N PRO B 468 0.36 -12.99 -10.48
CA PRO B 468 0.51 -12.31 -11.78
C PRO B 468 -0.32 -11.04 -11.85
N MET B 469 0.31 -9.96 -12.33
CA MET B 469 -0.33 -8.65 -12.47
C MET B 469 -0.94 -8.19 -11.16
N ALA B 470 -0.21 -8.43 -10.07
CA ALA B 470 -0.66 -8.06 -8.73
C ALA B 470 -0.26 -6.64 -8.36
N HIS B 471 0.50 -5.96 -9.19
CA HIS B 471 1.00 -4.62 -8.91
C HIS B 471 0.05 -3.52 -9.38
N LEU B 472 -1.11 -3.88 -9.93
CA LEU B 472 -2.07 -2.89 -10.39
C LEU B 472 -2.96 -2.37 -9.26
N LEU B 473 -2.81 -2.90 -8.06
CA LEU B 473 -3.47 -2.40 -6.86
C LEU B 473 -2.38 -1.72 -6.02
N HIS B 474 -2.19 -0.43 -6.24
CA HIS B 474 -1.02 0.27 -5.74
C HIS B 474 -1.31 1.44 -4.83
N GLY B 475 -2.31 2.26 -5.13
CA GLY B 475 -2.54 3.46 -4.35
C GLY B 475 -3.77 3.42 -3.47
N VAL B 476 -4.38 4.57 -3.23
CA VAL B 476 -5.64 4.67 -2.50
C VAL B 476 -6.74 4.83 -3.54
N HIS B 477 -7.63 3.84 -3.61
CA HIS B 477 -8.62 3.79 -4.67
C HIS B 477 -9.97 3.40 -4.12
N GLU B 478 -10.96 3.35 -5.00
CA GLU B 478 -12.32 2.94 -4.65
C GLU B 478 -12.39 1.42 -4.52
N GLN B 479 -13.48 0.95 -3.91
CA GLN B 479 -13.64 -0.48 -3.71
C GLN B 479 -13.97 -1.19 -5.02
N ASN B 480 -14.83 -0.60 -5.84
CA ASN B 480 -15.26 -1.26 -7.06
C ASN B 480 -14.15 -1.43 -8.08
N TYR B 481 -13.00 -0.79 -7.85
CA TYR B 481 -11.83 -1.02 -8.69
C TYR B 481 -11.26 -2.41 -8.51
N VAL B 482 -11.52 -3.07 -7.38
CA VAL B 482 -10.88 -4.35 -7.09
C VAL B 482 -11.26 -5.45 -8.09
N PRO B 483 -12.55 -5.73 -8.35
CA PRO B 483 -12.86 -6.84 -9.28
C PRO B 483 -12.31 -6.65 -10.68
N HIS B 484 -12.34 -5.41 -11.19
CA HIS B 484 -11.93 -5.17 -12.58
C HIS B 484 -10.51 -5.65 -12.82
N VAL B 485 -9.60 -5.34 -11.91
CA VAL B 485 -8.21 -5.78 -12.05
C VAL B 485 -8.16 -7.29 -12.22
N MET B 486 -8.90 -8.02 -11.38
CA MET B 486 -8.91 -9.48 -11.51
C MET B 486 -9.43 -9.88 -12.88
N ALA B 487 -10.51 -9.24 -13.34
CA ALA B 487 -11.04 -9.54 -14.67
C ALA B 487 -10.00 -9.22 -15.75
N TYR B 488 -9.12 -8.26 -15.50
CA TYR B 488 -8.05 -7.98 -16.44
C TYR B 488 -6.95 -9.02 -16.36
N ALA B 489 -6.66 -9.56 -15.17
CA ALA B 489 -5.54 -10.47 -15.03
C ALA B 489 -5.87 -11.86 -15.56
N ALA B 490 -7.11 -12.31 -15.37
CA ALA B 490 -7.53 -13.63 -15.80
C ALA B 490 -8.06 -13.66 -17.23
N CYS B 491 -8.06 -12.51 -17.92
CA CYS B 491 -8.53 -12.41 -19.30
C CYS B 491 -9.99 -12.86 -19.43
N ILE B 492 -10.83 -12.41 -18.50
CA ILE B 492 -12.26 -12.69 -18.51
C ILE B 492 -13.00 -11.38 -18.32
N GLY B 493 -14.28 -11.38 -18.70
CA GLY B 493 -15.12 -10.22 -18.49
C GLY B 493 -15.27 -9.33 -19.70
N ALA B 494 -15.40 -8.03 -19.48
CA ALA B 494 -15.64 -7.07 -20.55
C ALA B 494 -14.36 -6.45 -21.11
N ASN B 495 -13.22 -6.68 -20.48
CA ASN B 495 -11.94 -6.15 -20.95
C ASN B 495 -11.01 -7.33 -21.23
N LEU B 496 -10.88 -7.68 -22.51
CA LEU B 496 -10.04 -8.79 -22.93
C LEU B 496 -8.77 -8.30 -23.62
N GLY B 497 -8.21 -7.18 -23.16
CA GLY B 497 -7.02 -6.62 -23.77
C GLY B 497 -5.72 -7.26 -23.34
N HIS B 498 -5.76 -8.14 -22.34
CA HIS B 498 -4.53 -8.81 -21.90
C HIS B 498 -4.11 -9.90 -22.89
N CYS B 499 -5.07 -10.53 -23.56
CA CYS B 499 -4.80 -11.61 -24.49
C CYS B 499 -4.62 -11.15 -25.91
N ALA B 500 -4.79 -9.86 -26.18
CA ALA B 500 -4.67 -9.35 -27.55
C ALA B 500 -3.22 -9.47 -28.02
N PRO B 501 -2.97 -9.95 -29.24
CA PRO B 501 -1.62 -10.10 -29.78
C PRO B 501 -0.98 -8.75 -30.13
N GLN C 28 37.52 13.37 -15.50
CA GLN C 28 38.14 14.10 -14.40
C GLN C 28 38.12 15.60 -14.67
N VAL C 29 38.44 16.38 -13.64
CA VAL C 29 38.46 17.83 -13.72
C VAL C 29 39.91 18.28 -13.87
N GLN C 30 40.17 19.14 -14.85
CA GLN C 30 41.52 19.62 -15.11
C GLN C 30 41.48 21.08 -15.52
N LEU C 31 42.44 21.85 -15.00
CA LEU C 31 42.59 23.27 -15.29
C LEU C 31 43.96 23.52 -15.90
N VAL C 32 43.99 24.26 -17.01
CA VAL C 32 45.21 24.49 -17.77
C VAL C 32 45.39 25.98 -17.98
N GLN C 33 46.61 26.46 -17.81
CA GLN C 33 46.94 27.87 -17.96
C GLN C 33 47.89 28.06 -19.15
N SER C 34 48.27 29.31 -19.38
CA SER C 34 49.15 29.67 -20.48
C SER C 34 50.61 29.53 -20.04
N GLY C 35 51.55 29.96 -20.89
CA GLY C 35 52.96 29.86 -20.60
C GLY C 35 53.47 31.05 -19.79
N ALA C 36 54.78 31.02 -19.56
CA ALA C 36 55.42 32.09 -18.79
C ALA C 36 55.42 33.39 -19.59
N GLU C 37 55.23 34.50 -18.88
CA GLU C 37 55.19 35.82 -19.50
C GLU C 37 56.16 36.75 -18.79
N VAL C 38 57.06 37.35 -19.56
CA VAL C 38 58.01 38.33 -19.05
C VAL C 38 57.59 39.70 -19.57
N LYS C 39 57.61 40.70 -18.70
CA LYS C 39 57.11 42.02 -19.03
C LYS C 39 58.08 43.07 -18.50
N LYS C 40 57.65 44.32 -18.54
CA LYS C 40 58.37 45.47 -18.02
C LYS C 40 57.42 46.28 -17.17
N PRO C 41 57.94 47.08 -16.23
CA PRO C 41 57.05 47.88 -15.37
C PRO C 41 56.14 48.79 -16.19
N GLY C 42 54.88 48.87 -15.79
CA GLY C 42 53.91 49.67 -16.50
C GLY C 42 53.00 48.85 -17.39
N ALA C 43 53.57 47.86 -18.07
CA ALA C 43 52.80 47.02 -18.96
C ALA C 43 51.91 46.05 -18.18
N SER C 44 50.76 45.74 -18.76
CA SER C 44 49.80 44.83 -18.14
C SER C 44 50.11 43.39 -18.54
N VAL C 45 49.58 42.46 -17.74
CA VAL C 45 49.75 41.03 -17.97
C VAL C 45 48.40 40.34 -17.82
N LYS C 46 48.13 39.38 -18.69
CA LYS C 46 46.87 38.64 -18.68
C LYS C 46 47.17 37.15 -18.53
N VAL C 47 46.45 36.50 -17.61
CA VAL C 47 46.61 35.07 -17.35
C VAL C 47 45.27 34.39 -17.59
N SER C 48 45.29 33.30 -18.35
CA SER C 48 44.09 32.56 -18.72
C SER C 48 44.09 31.18 -18.07
N CYS C 49 42.91 30.72 -17.69
CA CYS C 49 42.74 29.42 -17.06
C CYS C 49 41.50 28.76 -17.65
N LYS C 50 41.71 27.65 -18.35
CA LYS C 50 40.62 26.92 -19.00
C LYS C 50 40.36 25.63 -18.23
N ALA C 51 39.10 25.40 -17.88
CA ALA C 51 38.69 24.28 -17.04
C ALA C 51 37.84 23.30 -17.84
N SER C 52 38.05 22.01 -17.60
CA SER C 52 37.29 20.97 -18.27
C SER C 52 36.94 19.86 -17.29
N GLY C 53 35.78 19.26 -17.50
CA GLY C 53 35.34 18.13 -16.69
C GLY C 53 34.15 18.39 -15.78
N TYR C 54 33.53 19.56 -15.86
CA TYR C 54 32.40 19.89 -14.99
C TYR C 54 31.59 21.00 -15.63
N THR C 55 30.44 21.29 -15.01
CA THR C 55 29.59 22.39 -15.46
C THR C 55 30.20 23.70 -15.00
N PHE C 56 30.61 24.53 -15.96
CA PHE C 56 31.45 25.69 -15.65
C PHE C 56 30.72 26.69 -14.75
N THR C 57 29.42 26.90 -14.97
CA THR C 57 28.69 27.94 -14.25
C THR C 57 28.37 27.56 -12.81
N SER C 58 28.64 26.32 -12.40
CA SER C 58 28.25 25.85 -11.08
C SER C 58 29.27 26.15 -9.99
N TYR C 59 30.48 26.61 -10.35
CA TYR C 59 31.53 26.83 -9.37
C TYR C 59 32.31 28.09 -9.71
N GLY C 60 32.92 28.68 -8.69
CA GLY C 60 33.72 29.88 -8.85
C GLY C 60 35.20 29.57 -8.97
N ILE C 61 35.96 30.59 -9.35
CA ILE C 61 37.39 30.47 -9.58
C ILE C 61 38.12 31.52 -8.75
N SER C 62 39.12 31.09 -7.98
CA SER C 62 39.93 31.96 -7.15
C SER C 62 41.33 32.03 -7.72
N TRP C 63 42.01 33.16 -7.49
CA TRP C 63 43.36 33.38 -7.98
C TRP C 63 44.31 33.55 -6.81
N VAL C 64 45.34 32.71 -6.77
CA VAL C 64 46.31 32.68 -5.69
C VAL C 64 47.68 33.02 -6.26
N ARG C 65 48.53 33.63 -5.44
CA ARG C 65 49.88 34.00 -5.84
C ARG C 65 50.89 33.43 -4.85
N GLN C 66 52.03 32.98 -5.36
CA GLN C 66 53.12 32.48 -4.53
C GLN C 66 54.42 33.11 -4.99
N ALA C 67 55.02 33.92 -4.14
CA ALA C 67 56.31 34.51 -4.42
C ALA C 67 57.42 33.47 -4.27
N PRO C 68 58.57 33.69 -4.91
CA PRO C 68 59.68 32.72 -4.77
C PRO C 68 60.28 32.74 -3.38
N GLY C 69 60.05 31.67 -2.62
CA GLY C 69 60.60 31.53 -1.29
C GLY C 69 59.67 31.91 -0.15
N GLN C 70 58.54 32.55 -0.45
CA GLN C 70 57.58 32.96 0.56
C GLN C 70 56.29 32.15 0.43
N GLY C 71 55.33 32.47 1.29
CA GLY C 71 54.09 31.71 1.37
C GLY C 71 53.06 32.17 0.36
N LEU C 72 51.93 31.47 0.37
CA LEU C 72 50.86 31.74 -0.57
C LEU C 72 50.16 33.06 -0.25
N GLU C 73 49.68 33.72 -1.30
CA GLU C 73 48.99 35.00 -1.18
C GLU C 73 47.73 34.97 -2.04
N TRP C 74 46.68 35.63 -1.55
CA TRP C 74 45.37 35.59 -2.16
C TRP C 74 45.07 36.93 -2.84
N MET C 75 44.50 36.86 -4.05
CA MET C 75 44.14 38.05 -4.81
C MET C 75 42.64 38.29 -4.89
N GLY C 76 41.84 37.25 -5.09
CA GLY C 76 40.41 37.39 -5.15
C GLY C 76 39.78 36.16 -5.80
N TRP C 77 38.47 36.27 -6.04
CA TRP C 77 37.81 35.26 -6.86
C TRP C 77 36.72 35.90 -7.68
N ILE C 78 36.19 35.10 -8.60
CA ILE C 78 35.06 35.48 -9.46
C ILE C 78 34.11 34.29 -9.55
N SER C 79 32.82 34.55 -9.43
CA SER C 79 31.80 33.52 -9.55
C SER C 79 31.40 33.38 -11.01
N ALA C 80 31.31 32.13 -11.47
CA ALA C 80 31.00 31.84 -12.87
C ALA C 80 29.51 31.78 -13.16
N TYR C 81 28.67 32.02 -12.16
CA TYR C 81 27.21 32.00 -12.34
C TYR C 81 26.64 33.40 -12.54
N ASN C 82 26.99 34.35 -11.67
CA ASN C 82 26.47 35.71 -11.75
C ASN C 82 27.51 36.75 -12.07
N GLY C 83 28.80 36.40 -12.07
CA GLY C 83 29.85 37.32 -12.43
C GLY C 83 30.35 38.22 -11.33
N ASN C 84 29.84 38.07 -10.10
CA ASN C 84 30.30 38.90 -8.99
C ASN C 84 31.75 38.57 -8.65
N THR C 85 32.54 39.61 -8.37
CA THR C 85 33.96 39.47 -8.14
C THR C 85 34.35 40.07 -6.81
N ASN C 86 35.38 39.50 -6.19
CA ASN C 86 35.98 40.03 -4.97
C ASN C 86 37.48 40.09 -5.16
N TYR C 87 38.08 41.23 -4.80
CA TYR C 87 39.52 41.44 -4.93
C TYR C 87 40.12 41.75 -3.57
N ALA C 88 41.41 41.44 -3.43
CA ALA C 88 42.12 41.74 -2.20
C ALA C 88 42.34 43.24 -2.07
N GLN C 89 42.35 43.72 -0.81
CA GLN C 89 42.52 45.14 -0.56
C GLN C 89 43.92 45.62 -0.96
N LYS C 90 44.93 44.78 -0.77
CA LYS C 90 46.30 45.16 -1.11
C LYS C 90 46.44 45.42 -2.61
N LEU C 91 45.85 44.57 -3.44
CA LEU C 91 45.99 44.66 -4.88
C LEU C 91 44.77 45.26 -5.57
N GLN C 92 43.88 45.90 -4.82
CA GLN C 92 42.72 46.54 -5.42
C GLN C 92 43.15 47.72 -6.27
N GLY C 93 42.39 47.96 -7.35
CA GLY C 93 42.73 48.99 -8.31
C GLY C 93 43.68 48.56 -9.40
N ARG C 94 44.15 47.30 -9.38
CA ARG C 94 45.03 46.79 -10.40
C ARG C 94 44.62 45.42 -10.95
N VAL C 95 43.80 44.65 -10.23
CA VAL C 95 43.39 43.31 -10.64
C VAL C 95 41.97 43.38 -11.18
N THR C 96 41.76 42.82 -12.37
CA THR C 96 40.42 42.66 -12.91
C THR C 96 40.22 41.21 -13.32
N MET C 97 39.02 40.69 -13.10
CA MET C 97 38.71 39.28 -13.32
C MET C 97 37.49 39.17 -14.23
N THR C 98 37.61 38.35 -15.27
CA THR C 98 36.52 38.13 -16.21
C THR C 98 36.33 36.64 -16.43
N THR C 99 35.12 36.27 -16.82
CA THR C 99 34.79 34.88 -17.10
C THR C 99 34.04 34.79 -18.43
N ASP C 100 34.25 33.70 -19.14
CA ASP C 100 33.59 33.45 -20.42
C ASP C 100 33.08 32.01 -20.40
N THR C 101 31.76 31.86 -20.21
CA THR C 101 31.17 30.53 -20.12
C THR C 101 31.01 29.86 -21.47
N SER C 102 31.05 30.62 -22.57
CA SER C 102 30.92 30.02 -23.89
C SER C 102 32.11 29.11 -24.18
N THR C 103 33.32 29.58 -23.92
CA THR C 103 34.53 28.78 -24.07
C THR C 103 35.04 28.24 -22.74
N SER C 104 34.35 28.52 -21.64
CA SER C 104 34.71 28.02 -20.31
C SER C 104 36.13 28.42 -19.93
N THR C 105 36.34 29.73 -19.81
CA THR C 105 37.65 30.26 -19.46
C THR C 105 37.50 31.34 -18.40
N ALA C 106 38.57 31.53 -17.62
CA ALA C 106 38.66 32.60 -16.64
C ALA C 106 39.93 33.38 -16.87
N TYR C 107 39.81 34.70 -16.97
CA TYR C 107 40.93 35.58 -17.25
C TYR C 107 41.16 36.52 -16.08
N MET C 108 42.43 36.73 -15.74
CA MET C 108 42.83 37.66 -14.71
C MET C 108 43.87 38.61 -15.30
N GLU C 109 43.60 39.91 -15.23
CA GLU C 109 44.49 40.92 -15.80
C GLU C 109 45.02 41.81 -14.69
N LEU C 110 46.33 42.06 -14.71
CA LEU C 110 47.00 42.92 -13.75
C LEU C 110 47.69 44.06 -14.48
N ARG C 111 47.68 45.23 -13.86
CA ARG C 111 48.18 46.45 -14.48
C ARG C 111 49.27 47.06 -13.60
N SER C 112 50.14 47.85 -14.24
CA SER C 112 51.19 48.60 -13.55
C SER C 112 52.09 47.67 -12.73
N LEU C 113 52.78 46.78 -13.45
CA LEU C 113 53.64 45.81 -12.80
C LEU C 113 54.81 46.49 -12.10
N ARG C 114 55.21 45.94 -10.97
CA ARG C 114 56.33 46.44 -10.18
C ARG C 114 57.44 45.39 -10.14
N SER C 115 58.54 45.75 -9.47
CA SER C 115 59.68 44.85 -9.35
C SER C 115 59.41 43.67 -8.43
N ASP C 116 58.34 43.73 -7.63
CA ASP C 116 58.02 42.66 -6.69
C ASP C 116 56.78 41.87 -7.10
N ASP C 117 56.42 41.92 -8.39
CA ASP C 117 55.28 41.17 -8.90
C ASP C 117 55.66 39.82 -9.50
N THR C 118 56.95 39.48 -9.53
CA THR C 118 57.37 38.19 -10.05
C THR C 118 56.96 37.08 -9.10
N ALA C 119 56.24 36.09 -9.61
CA ALA C 119 55.67 35.04 -8.76
C ALA C 119 55.00 34.00 -9.65
N VAL C 120 54.45 32.96 -9.00
CA VAL C 120 53.69 31.92 -9.67
C VAL C 120 52.22 32.14 -9.35
N TYR C 121 51.40 32.23 -10.40
CA TYR C 121 49.97 32.50 -10.27
C TYR C 121 49.19 31.22 -10.52
N TYR C 122 48.26 30.90 -9.62
CA TYR C 122 47.46 29.68 -9.68
C TYR C 122 45.99 30.03 -9.77
N CYS C 123 45.26 29.28 -10.58
CA CYS C 123 43.80 29.34 -10.61
C CYS C 123 43.27 28.10 -9.90
N ALA C 124 42.41 28.31 -8.92
CA ALA C 124 41.89 27.23 -8.09
C ALA C 124 40.38 27.23 -8.12
N ARG C 125 39.78 26.05 -7.93
CA ARG C 125 38.34 25.89 -7.93
C ARG C 125 37.85 25.55 -6.54
N ASP C 126 36.72 26.13 -6.15
CA ASP C 126 36.14 25.85 -4.86
C ASP C 126 35.54 24.44 -4.83
N LYS C 127 34.98 24.07 -3.69
CA LYS C 127 34.49 22.71 -3.50
C LYS C 127 33.01 22.56 -3.81
N GLY C 128 32.19 23.55 -3.51
CA GLY C 128 30.76 23.41 -3.71
C GLY C 128 29.97 24.69 -3.63
N TRP C 129 28.73 24.58 -3.12
CA TRP C 129 27.83 25.73 -3.09
C TRP C 129 28.24 26.73 -2.02
N ASN C 130 28.24 26.31 -0.75
CA ASN C 130 28.58 27.19 0.35
C ASN C 130 30.04 27.11 0.75
N SER C 131 30.83 26.26 0.09
CA SER C 131 32.25 26.10 0.42
C SER C 131 33.09 26.69 -0.72
N GLU C 132 33.27 28.01 -0.68
CA GLU C 132 34.17 28.69 -1.60
C GLU C 132 35.45 29.15 -0.92
N GLY C 133 35.71 28.69 0.30
CA GLY C 133 36.97 28.99 0.97
C GLY C 133 37.93 27.83 0.90
N SER C 134 37.47 26.71 0.36
CA SER C 134 38.27 25.49 0.22
C SER C 134 38.59 25.28 -1.24
N LEU C 135 39.86 25.50 -1.60
CA LEU C 135 40.32 25.39 -2.98
C LEU C 135 40.72 23.94 -3.26
N GLU C 136 39.87 23.22 -4.00
CA GLU C 136 40.05 21.79 -4.19
C GLU C 136 40.98 21.46 -5.36
N TYR C 137 40.64 21.92 -6.56
CA TYR C 137 41.42 21.65 -7.76
C TYR C 137 42.22 22.89 -8.12
N TRP C 138 43.51 22.70 -8.42
CA TRP C 138 44.43 23.79 -8.67
C TRP C 138 45.03 23.68 -10.07
N GLY C 139 45.42 24.82 -10.61
CA GLY C 139 46.06 24.87 -11.92
C GLY C 139 47.52 24.53 -11.85
N GLN C 140 48.15 24.46 -13.03
CA GLN C 140 49.55 24.10 -13.13
C GLN C 140 50.47 25.20 -12.61
N GLY C 141 50.01 26.44 -12.59
CA GLY C 141 50.83 27.55 -12.11
C GLY C 141 51.63 28.22 -13.21
N THR C 142 51.37 29.50 -13.43
CA THR C 142 52.05 30.27 -14.46
C THR C 142 53.10 31.17 -13.81
N LEU C 143 54.34 31.06 -14.27
CA LEU C 143 55.43 31.85 -13.73
C LEU C 143 55.52 33.19 -14.45
N VAL C 144 55.57 34.28 -13.70
CA VAL C 144 55.66 35.63 -14.25
C VAL C 144 56.88 36.31 -13.66
N THR C 145 57.76 36.81 -14.54
CA THR C 145 58.99 37.47 -14.16
C THR C 145 58.93 38.92 -14.61
N VAL C 146 59.33 39.84 -13.74
CA VAL C 146 59.35 41.25 -14.07
C VAL C 146 60.76 41.81 -13.86
N ASP C 164 42.84 42.12 9.94
CA ASP C 164 42.66 40.81 9.32
C ASP C 164 43.01 39.69 10.30
N ILE C 165 42.60 38.47 9.96
CA ILE C 165 42.86 37.32 10.82
C ILE C 165 44.27 36.81 10.51
N VAL C 166 45.19 36.98 11.47
CA VAL C 166 46.55 36.52 11.31
C VAL C 166 46.63 35.06 11.71
N MET C 167 47.18 34.22 10.83
CA MET C 167 47.26 32.79 11.04
C MET C 167 48.69 32.43 11.35
N THR C 168 48.92 31.83 12.53
CA THR C 168 50.25 31.47 12.98
C THR C 168 50.39 29.96 13.02
N GLN C 169 51.57 29.47 12.64
CA GLN C 169 51.81 28.04 12.53
C GLN C 169 53.05 27.65 13.34
N SER C 170 52.94 26.54 14.07
CA SER C 170 54.05 26.05 14.87
C SER C 170 54.17 24.55 14.70
N PRO C 171 55.40 24.00 14.71
CA PRO C 171 56.66 24.74 14.77
C PRO C 171 57.10 25.27 13.41
N SER C 172 58.13 26.14 13.39
CA SER C 172 58.60 26.70 12.14
C SER C 172 59.16 25.61 11.21
N SER C 173 59.91 24.67 11.77
CA SER C 173 60.48 23.57 11.00
C SER C 173 60.67 22.38 11.92
N VAL C 174 60.15 21.22 11.50
CA VAL C 174 60.20 20.01 12.30
C VAL C 174 60.87 18.91 11.49
N SER C 175 61.75 18.14 12.14
CA SER C 175 62.47 17.05 11.52
C SER C 175 62.09 15.75 12.21
N ALA C 176 61.78 14.72 11.43
CA ALA C 176 61.37 13.44 11.98
C ALA C 176 61.81 12.33 11.03
N SER C 177 61.88 11.11 11.57
CA SER C 177 62.24 9.94 10.79
C SER C 177 60.99 9.27 10.23
N VAL C 178 61.21 8.28 9.37
CA VAL C 178 60.09 7.57 8.74
C VAL C 178 59.38 6.71 9.78
N GLY C 179 58.05 6.72 9.73
CA GLY C 179 57.25 5.92 10.63
C GLY C 179 56.90 6.59 11.95
N ASP C 180 57.38 7.81 12.18
CA ASP C 180 57.12 8.50 13.44
C ASP C 180 55.75 9.18 13.41
N ARG C 181 55.42 9.86 14.49
CA ARG C 181 54.18 10.61 14.62
C ARG C 181 54.51 12.08 14.84
N VAL C 182 53.85 12.96 14.08
CA VAL C 182 54.10 14.39 14.19
C VAL C 182 52.77 15.13 14.35
N THR C 183 52.84 16.30 14.97
CA THR C 183 51.67 17.13 15.20
C THR C 183 52.05 18.59 14.95
N ILE C 184 51.23 19.30 14.18
CA ILE C 184 51.47 20.68 13.81
C ILE C 184 50.27 21.51 14.24
N THR C 185 50.52 22.65 14.88
CA THR C 185 49.47 23.48 15.45
C THR C 185 49.30 24.76 14.66
N CYS C 186 48.05 25.18 14.50
CA CYS C 186 47.70 26.42 13.81
C CYS C 186 46.77 27.23 14.70
N ARG C 187 47.07 28.51 14.84
CA ARG C 187 46.35 29.41 15.72
C ARG C 187 45.86 30.63 14.94
N ALA C 188 44.63 31.06 15.24
CA ALA C 188 44.04 32.22 14.59
C ALA C 188 43.95 33.37 15.57
N SER C 189 43.98 34.60 15.04
CA SER C 189 43.86 35.78 15.89
C SER C 189 42.44 35.97 16.41
N GLN C 190 41.45 35.35 15.78
CA GLN C 190 40.05 35.45 16.21
C GLN C 190 39.41 34.08 16.09
N GLY C 191 38.29 33.92 16.79
CA GLY C 191 37.52 32.70 16.68
C GLY C 191 36.94 32.52 15.30
N ILE C 192 37.27 31.40 14.65
CA ILE C 192 36.85 31.15 13.27
C ILE C 192 35.93 29.95 13.16
N SER C 193 35.41 29.46 14.27
CA SER C 193 34.52 28.29 14.31
C SER C 193 35.27 27.11 13.69
N ASN C 194 34.64 26.35 12.80
CA ASN C 194 35.26 25.18 12.18
C ASN C 194 35.71 25.44 10.75
N TRP C 195 35.90 26.69 10.36
CA TRP C 195 36.34 27.04 9.01
C TRP C 195 37.86 27.05 8.99
N LEU C 196 38.45 25.92 8.63
CA LEU C 196 39.90 25.84 8.46
C LEU C 196 40.21 24.75 7.43
N GLY C 197 41.25 24.97 6.65
CA GLY C 197 41.69 23.99 5.69
C GLY C 197 43.18 23.78 5.76
N TRP C 198 43.60 22.53 5.50
CA TRP C 198 44.99 22.12 5.55
C TRP C 198 45.45 21.73 4.15
N TYR C 199 46.57 22.31 3.72
CA TYR C 199 47.14 22.06 2.40
C TYR C 199 48.56 21.53 2.51
N GLN C 200 48.96 20.75 1.52
CA GLN C 200 50.30 20.20 1.42
C GLN C 200 50.91 20.59 0.08
N GLN C 201 52.15 21.10 0.12
CA GLN C 201 52.87 21.47 -1.09
C GLN C 201 54.26 20.83 -1.06
N LYS C 202 54.51 19.95 -2.02
CA LYS C 202 55.86 19.49 -2.28
C LYS C 202 56.56 20.48 -3.19
N PRO C 203 57.90 20.52 -3.17
CA PRO C 203 58.63 21.48 -4.01
C PRO C 203 58.28 21.31 -5.49
N GLY C 204 58.00 22.44 -6.14
CA GLY C 204 57.68 22.42 -7.55
C GLY C 204 56.34 21.84 -7.90
N LYS C 205 55.38 21.86 -6.97
CA LYS C 205 54.06 21.30 -7.22
C LYS C 205 53.00 22.21 -6.64
N ALA C 206 51.79 22.08 -7.19
CA ALA C 206 50.66 22.86 -6.71
C ALA C 206 50.19 22.35 -5.35
N PRO C 207 49.58 23.22 -4.53
CA PRO C 207 49.04 22.76 -3.25
C PRO C 207 47.92 21.76 -3.42
N LYS C 208 47.80 20.85 -2.45
CA LYS C 208 46.78 19.81 -2.46
C LYS C 208 45.94 19.92 -1.20
N LEU C 209 44.63 19.82 -1.34
CA LEU C 209 43.73 19.88 -0.21
C LEU C 209 43.68 18.55 0.51
N LEU C 210 43.88 18.58 1.83
CA LEU C 210 43.86 17.38 2.66
C LEU C 210 42.65 17.33 3.57
N ILE C 211 42.44 18.36 4.40
CA ILE C 211 41.36 18.39 5.38
C ILE C 211 40.63 19.72 5.26
N TYR C 212 39.31 19.66 5.14
CA TYR C 212 38.45 20.82 5.13
C TYR C 212 37.50 20.76 6.32
N GLY C 213 37.23 21.90 6.93
CA GLY C 213 36.41 21.93 8.13
C GLY C 213 37.13 21.49 9.38
N ALA C 214 38.44 21.26 9.32
CA ALA C 214 39.29 20.92 10.45
C ALA C 214 39.00 19.53 11.01
N SER C 215 37.98 18.85 10.49
CA SER C 215 37.64 17.52 10.97
C SER C 215 37.23 16.54 9.87
N SER C 216 37.15 16.97 8.61
CA SER C 216 36.67 16.12 7.54
C SER C 216 37.81 15.85 6.56
N LEU C 217 38.00 14.59 6.20
CA LEU C 217 39.06 14.18 5.31
C LEU C 217 38.58 14.24 3.86
N GLN C 218 39.37 14.88 3.01
CA GLN C 218 39.03 14.97 1.60
C GLN C 218 39.10 13.59 0.94
N SER C 219 38.15 13.32 0.06
CA SER C 219 38.11 12.05 -0.65
C SER C 219 39.36 11.88 -1.50
N GLY C 220 39.99 10.71 -1.43
CA GLY C 220 41.23 10.46 -2.11
C GLY C 220 42.47 10.64 -1.27
N VAL C 221 42.33 10.87 0.03
CA VAL C 221 43.46 11.09 0.93
C VAL C 221 43.50 9.94 1.93
N PRO C 222 44.67 9.40 2.25
CA PRO C 222 44.74 8.31 3.23
C PRO C 222 44.24 8.75 4.60
N SER C 223 43.68 7.79 5.34
CA SER C 223 43.14 8.04 6.67
C SER C 223 44.23 8.30 7.71
N ARG C 224 45.51 8.22 7.32
CA ARG C 224 46.58 8.46 8.28
C ARG C 224 46.55 9.88 8.81
N PHE C 225 46.31 10.86 7.94
CA PHE C 225 46.20 12.24 8.38
C PHE C 225 44.94 12.44 9.22
N SER C 226 45.06 13.22 10.29
CA SER C 226 43.92 13.55 11.13
C SER C 226 43.95 15.03 11.46
N GLY C 227 42.76 15.60 11.61
CA GLY C 227 42.63 17.00 12.00
C GLY C 227 41.69 17.15 13.16
N SER C 228 42.05 18.05 14.08
CA SER C 228 41.26 18.27 15.28
C SER C 228 41.41 19.71 15.73
N GLY C 229 40.68 20.08 16.76
CA GLY C 229 40.71 21.43 17.29
C GLY C 229 39.54 22.26 16.77
N SER C 230 39.39 23.43 17.38
CA SER C 230 38.26 24.30 17.07
C SER C 230 38.43 25.62 17.79
N GLY C 231 37.84 26.67 17.24
CA GLY C 231 37.89 27.97 17.87
C GLY C 231 39.13 28.75 17.51
N THR C 232 40.13 28.70 18.39
CA THR C 232 41.39 29.40 18.19
C THR C 232 42.55 28.46 17.88
N ASP C 233 42.55 27.25 18.43
CA ASP C 233 43.64 26.30 18.25
C ASP C 233 43.18 25.11 17.42
N PHE C 234 43.99 24.71 16.45
CA PHE C 234 43.75 23.53 15.62
C PHE C 234 45.04 22.75 15.50
N THR C 235 44.90 21.44 15.29
CA THR C 235 46.05 20.55 15.17
C THR C 235 45.86 19.60 13.99
N LEU C 236 46.97 19.30 13.32
CA LEU C 236 47.03 18.29 12.27
C LEU C 236 48.05 17.25 12.67
N THR C 237 47.65 15.98 12.67
CA THR C 237 48.47 14.90 13.19
C THR C 237 48.68 13.84 12.12
N ILE C 238 49.93 13.36 12.04
CA ILE C 238 50.31 12.23 11.20
C ILE C 238 50.81 11.13 12.13
N SER C 239 50.06 10.04 12.20
CA SER C 239 50.41 8.94 13.11
C SER C 239 51.64 8.19 12.61
N SER C 240 51.66 7.87 11.31
CA SER C 240 52.77 7.14 10.70
C SER C 240 53.30 7.96 9.53
N LEU C 241 54.62 8.12 9.48
CA LEU C 241 55.27 8.93 8.46
C LEU C 241 55.85 8.03 7.36
N GLN C 242 55.77 8.50 6.13
CA GLN C 242 56.22 7.78 4.95
C GLN C 242 57.14 8.66 4.14
N PRO C 243 58.02 8.07 3.31
CA PRO C 243 58.93 8.88 2.50
C PRO C 243 58.22 9.80 1.52
N GLU C 244 56.96 9.52 1.16
CA GLU C 244 56.21 10.34 0.24
C GLU C 244 55.35 11.39 0.95
N ASP C 245 55.68 11.71 2.20
CA ASP C 245 54.92 12.70 2.97
C ASP C 245 55.80 13.83 3.50
N PHE C 246 56.91 14.11 2.84
CA PHE C 246 57.81 15.21 3.23
C PHE C 246 57.50 16.40 2.34
N ALA C 247 56.94 17.46 2.92
CA ALA C 247 56.52 18.63 2.17
C ALA C 247 56.29 19.77 3.15
N THR C 248 55.71 20.88 2.66
CA THR C 248 55.39 22.04 3.47
C THR C 248 53.89 22.13 3.64
N TYR C 249 53.43 22.36 4.88
CA TYR C 249 52.01 22.32 5.20
C TYR C 249 51.52 23.72 5.54
N PHE C 250 50.31 24.04 5.06
CA PHE C 250 49.69 25.34 5.28
C PHE C 250 48.32 25.16 5.89
N CYS C 251 47.91 26.14 6.69
CA CYS C 251 46.55 26.22 7.21
C CYS C 251 45.94 27.55 6.78
N GLN C 252 44.75 27.50 6.19
CA GLN C 252 44.09 28.71 5.69
C GLN C 252 42.67 28.79 6.25
N GLN C 253 42.25 29.99 6.62
CA GLN C 253 40.93 30.22 7.19
C GLN C 253 39.96 30.70 6.13
N ALA C 254 38.71 30.29 6.27
CA ALA C 254 37.64 30.67 5.36
C ALA C 254 36.53 31.44 6.08
N TYR C 255 36.89 32.13 7.16
CA TYR C 255 35.89 32.84 7.95
C TYR C 255 35.55 34.19 7.34
N SER C 256 36.53 35.09 7.24
CA SER C 256 36.30 36.44 6.77
C SER C 256 37.35 36.82 5.73
N LEU C 257 36.94 37.65 4.78
CA LEU C 257 37.84 38.14 3.76
C LEU C 257 38.84 39.12 4.35
N PRO C 258 40.08 39.14 3.86
CA PRO C 258 40.64 38.26 2.82
C PRO C 258 41.01 36.89 3.37
N LEU C 259 41.06 35.88 2.50
CA LEU C 259 41.51 34.56 2.93
C LEU C 259 43.01 34.60 3.21
N THR C 260 43.40 34.09 4.37
CA THR C 260 44.78 34.16 4.84
C THR C 260 45.35 32.76 4.97
N PHE C 261 46.56 32.56 4.44
CA PHE C 261 47.25 31.29 4.49
C PHE C 261 48.27 31.28 5.63
N GLY C 262 48.59 30.09 6.10
CA GLY C 262 49.56 29.94 7.16
C GLY C 262 50.97 30.20 6.68
N GLY C 263 51.88 30.34 7.65
CA GLY C 263 53.28 30.60 7.32
C GLY C 263 53.99 29.41 6.73
N GLY C 264 53.54 28.20 7.00
CA GLY C 264 54.16 27.01 6.45
C GLY C 264 55.11 26.32 7.39
N THR C 265 54.98 25.00 7.52
CA THR C 265 55.86 24.19 8.35
C THR C 265 56.60 23.21 7.46
N LYS C 266 57.94 23.25 7.52
CA LYS C 266 58.78 22.42 6.66
C LYS C 266 59.07 21.11 7.39
N LEU C 267 58.42 20.04 6.94
CA LEU C 267 58.59 18.72 7.54
C LEU C 267 59.74 18.03 6.81
N GLU C 268 60.96 18.18 7.36
CA GLU C 268 62.15 17.65 6.72
C GLU C 268 62.34 16.18 7.09
N ILE C 269 63.41 15.58 6.57
CA ILE C 269 63.73 14.20 6.85
C ILE C 269 64.96 14.10 7.74
N GLN D 28 -6.09 -23.27 -36.89
CA GLN D 28 -6.77 -23.56 -35.62
C GLN D 28 -6.97 -25.05 -35.43
N VAL D 29 -7.97 -25.42 -34.64
CA VAL D 29 -8.27 -26.82 -34.36
C VAL D 29 -8.87 -27.46 -35.60
N GLN D 30 -8.37 -28.62 -35.97
CA GLN D 30 -8.85 -29.33 -37.15
C GLN D 30 -8.70 -30.83 -36.94
N LEU D 31 -9.70 -31.58 -37.40
CA LEU D 31 -9.75 -33.03 -37.27
C LEU D 31 -9.88 -33.64 -38.66
N VAL D 32 -9.05 -34.65 -38.94
CA VAL D 32 -8.99 -35.27 -40.26
C VAL D 32 -9.11 -36.78 -40.10
N GLN D 33 -9.89 -37.40 -40.98
CA GLN D 33 -10.12 -38.83 -40.95
C GLN D 33 -9.53 -39.48 -42.21
N SER D 34 -9.75 -40.80 -42.32
CA SER D 34 -9.22 -41.57 -43.43
C SER D 34 -10.25 -41.61 -44.57
N GLY D 35 -10.00 -42.46 -45.57
CA GLY D 35 -10.87 -42.58 -46.71
C GLY D 35 -12.00 -43.57 -46.48
N ALA D 36 -12.74 -43.82 -47.56
CA ALA D 36 -13.88 -44.71 -47.50
C ALA D 36 -13.44 -46.17 -47.32
N GLU D 37 -14.34 -46.97 -46.75
CA GLU D 37 -14.08 -48.38 -46.48
C GLU D 37 -15.23 -49.19 -47.05
N VAL D 38 -14.97 -49.89 -48.16
CA VAL D 38 -15.96 -50.80 -48.75
C VAL D 38 -15.68 -52.19 -48.19
N LYS D 39 -16.52 -52.64 -47.27
CA LYS D 39 -16.27 -53.85 -46.52
C LYS D 39 -17.23 -54.97 -46.95
N LYS D 40 -17.14 -56.08 -46.23
CA LYS D 40 -17.97 -57.27 -46.41
C LYS D 40 -18.51 -57.68 -45.06
N PRO D 41 -19.71 -58.25 -45.01
CA PRO D 41 -20.27 -58.67 -43.71
C PRO D 41 -19.34 -59.64 -42.99
N GLY D 42 -19.17 -59.42 -41.69
CA GLY D 42 -18.29 -60.20 -40.86
C GLY D 42 -16.89 -59.62 -40.73
N ALA D 43 -16.52 -58.69 -41.58
CA ALA D 43 -15.20 -58.09 -41.54
C ALA D 43 -15.19 -56.82 -40.71
N SER D 44 -14.17 -56.68 -39.86
CA SER D 44 -14.02 -55.51 -39.02
C SER D 44 -13.58 -54.32 -39.86
N VAL D 45 -13.89 -53.12 -39.37
CA VAL D 45 -13.51 -51.86 -40.02
C VAL D 45 -12.92 -50.93 -38.98
N LYS D 46 -11.85 -50.24 -39.35
CA LYS D 46 -11.16 -49.32 -38.45
C LYS D 46 -11.21 -47.91 -39.03
N VAL D 47 -11.59 -46.94 -38.19
CA VAL D 47 -11.68 -45.55 -38.57
C VAL D 47 -10.76 -44.74 -37.66
N SER D 48 -9.94 -43.89 -38.26
CA SER D 48 -8.95 -43.10 -37.52
C SER D 48 -9.27 -41.62 -37.66
N CYS D 49 -9.04 -40.86 -36.58
CA CYS D 49 -9.30 -39.44 -36.55
C CYS D 49 -8.15 -38.76 -35.85
N LYS D 50 -7.43 -37.90 -36.58
CA LYS D 50 -6.26 -37.20 -36.07
C LYS D 50 -6.60 -35.73 -35.87
N ALA D 51 -6.29 -35.21 -34.70
CA ALA D 51 -6.63 -33.84 -34.30
C ALA D 51 -5.37 -33.01 -34.17
N SER D 52 -5.46 -31.73 -34.54
CA SER D 52 -4.34 -30.82 -34.44
C SER D 52 -4.83 -29.43 -34.05
N GLY D 53 -4.02 -28.73 -33.25
CA GLY D 53 -4.31 -27.37 -32.86
C GLY D 53 -4.61 -27.16 -31.39
N TYR D 54 -4.49 -28.19 -30.56
CA TYR D 54 -4.80 -28.07 -29.14
C TYR D 54 -4.08 -29.16 -28.38
N THR D 55 -4.12 -29.07 -27.05
CA THR D 55 -3.54 -30.10 -26.20
C THR D 55 -4.44 -31.32 -26.20
N PHE D 56 -3.91 -32.44 -26.70
CA PHE D 56 -4.75 -33.61 -26.98
C PHE D 56 -5.38 -34.17 -25.71
N THR D 57 -4.63 -34.20 -24.60
CA THR D 57 -5.10 -34.84 -23.39
C THR D 57 -6.16 -34.04 -22.63
N SER D 58 -6.43 -32.81 -23.05
CA SER D 58 -7.35 -31.95 -22.31
C SER D 58 -8.80 -32.07 -22.75
N TYR D 59 -9.09 -32.81 -23.83
CA TYR D 59 -10.43 -32.91 -24.36
C TYR D 59 -10.73 -34.35 -24.77
N GLY D 60 -12.01 -34.73 -24.67
CA GLY D 60 -12.44 -36.04 -25.08
C GLY D 60 -12.97 -36.05 -26.51
N ILE D 61 -13.10 -37.26 -27.06
CA ILE D 61 -13.52 -37.44 -28.45
C ILE D 61 -14.76 -38.31 -28.46
N SER D 62 -15.83 -37.82 -29.06
CA SER D 62 -17.08 -38.56 -29.22
C SER D 62 -17.22 -39.00 -30.67
N TRP D 63 -18.01 -40.05 -30.88
CA TRP D 63 -18.23 -40.61 -32.21
C TRP D 63 -19.70 -40.63 -32.54
N VAL D 64 -20.05 -40.07 -33.70
CA VAL D 64 -21.43 -39.94 -34.14
C VAL D 64 -21.59 -40.67 -35.47
N ARG D 65 -22.79 -41.17 -35.72
CA ARG D 65 -23.10 -41.87 -36.96
C ARG D 65 -24.32 -41.23 -37.60
N GLN D 66 -24.32 -41.16 -38.94
CA GLN D 66 -25.47 -40.65 -39.68
C GLN D 66 -25.77 -41.58 -40.85
N ALA D 67 -26.95 -42.18 -40.83
CA ALA D 67 -27.39 -43.00 -41.95
C ALA D 67 -27.75 -42.10 -43.13
N PRO D 68 -27.77 -42.65 -44.35
CA PRO D 68 -28.09 -41.81 -45.51
C PRO D 68 -29.55 -41.41 -45.55
N GLY D 69 -29.84 -40.13 -45.26
CA GLY D 69 -31.18 -39.61 -45.26
C GLY D 69 -31.91 -39.66 -43.94
N GLN D 70 -31.31 -40.22 -42.90
CA GLN D 70 -31.92 -40.28 -41.58
C GLN D 70 -31.14 -39.41 -40.60
N GLY D 71 -31.57 -39.41 -39.34
CA GLY D 71 -31.01 -38.54 -38.34
C GLY D 71 -29.71 -39.06 -37.74
N LEU D 72 -29.09 -38.22 -36.93
CA LEU D 72 -27.83 -38.55 -36.31
C LEU D 72 -28.02 -39.61 -35.23
N GLU D 73 -26.98 -40.44 -35.05
CA GLU D 73 -26.98 -41.50 -34.05
C GLU D 73 -25.65 -41.50 -33.31
N TRP D 74 -25.71 -41.83 -32.02
CA TRP D 74 -24.57 -41.74 -31.13
C TRP D 74 -24.03 -43.13 -30.84
N MET D 75 -22.71 -43.25 -30.77
CA MET D 75 -22.04 -44.51 -30.48
C MET D 75 -21.31 -44.53 -29.15
N GLY D 76 -20.63 -43.45 -28.81
CA GLY D 76 -19.94 -43.38 -27.53
C GLY D 76 -18.91 -42.27 -27.54
N TRP D 77 -18.09 -42.24 -26.49
CA TRP D 77 -16.93 -41.38 -26.48
C TRP D 77 -15.80 -42.01 -25.68
N ILE D 78 -14.62 -41.40 -25.80
CA ILE D 78 -13.43 -41.81 -25.08
C ILE D 78 -12.72 -40.54 -24.59
N SER D 79 -12.27 -40.57 -23.34
CA SER D 79 -11.54 -39.45 -22.76
C SER D 79 -10.05 -39.63 -23.05
N ALA D 80 -9.41 -38.55 -23.50
CA ALA D 80 -8.00 -38.60 -23.88
C ALA D 80 -7.07 -38.40 -22.69
N TYR D 81 -7.59 -38.19 -21.50
CA TYR D 81 -6.76 -37.99 -20.31
C TYR D 81 -6.53 -39.28 -19.54
N ASN D 82 -7.61 -40.01 -19.23
CA ASN D 82 -7.51 -41.23 -18.46
C ASN D 82 -7.91 -42.48 -19.24
N GLY D 83 -8.46 -42.34 -20.44
CA GLY D 83 -8.78 -43.49 -21.27
C GLY D 83 -10.12 -44.15 -21.00
N ASN D 84 -10.93 -43.61 -20.08
CA ASN D 84 -12.24 -44.19 -19.82
C ASN D 84 -13.15 -44.01 -21.02
N THR D 85 -13.90 -45.07 -21.35
CA THR D 85 -14.73 -45.10 -22.54
C THR D 85 -16.18 -45.39 -22.17
N ASN D 86 -17.09 -44.80 -22.94
CA ASN D 86 -18.51 -45.07 -22.83
C ASN D 86 -19.05 -45.46 -24.20
N TYR D 87 -19.79 -46.56 -24.27
CA TYR D 87 -20.36 -47.06 -25.51
C TYR D 87 -21.88 -47.09 -25.41
N ALA D 88 -22.53 -46.93 -26.56
CA ALA D 88 -23.99 -47.05 -26.61
C ALA D 88 -24.41 -48.49 -26.36
N GLN D 89 -25.54 -48.66 -25.67
CA GLN D 89 -26.01 -50.00 -25.34
C GLN D 89 -26.45 -50.77 -26.58
N LYS D 90 -26.98 -50.08 -27.59
CA LYS D 90 -27.39 -50.75 -28.82
C LYS D 90 -26.20 -51.39 -29.52
N LEU D 91 -25.08 -50.68 -29.59
CA LEU D 91 -23.90 -51.15 -30.30
C LEU D 91 -22.83 -51.72 -29.38
N GLN D 92 -23.16 -51.97 -28.11
CA GLN D 92 -22.20 -52.55 -27.19
C GLN D 92 -21.83 -53.96 -27.62
N GLY D 93 -20.58 -54.34 -27.36
CA GLY D 93 -20.07 -55.62 -27.78
C GLY D 93 -19.52 -55.66 -29.19
N ARG D 94 -19.53 -54.53 -29.91
CA ARG D 94 -19.00 -54.46 -31.26
C ARG D 94 -18.12 -53.25 -31.52
N VAL D 95 -18.12 -52.25 -30.62
CA VAL D 95 -17.36 -51.02 -30.83
C VAL D 95 -16.21 -50.98 -29.82
N THR D 96 -15.01 -50.74 -30.32
CA THR D 96 -13.83 -50.57 -29.48
C THR D 96 -13.21 -49.23 -29.78
N MET D 97 -13.00 -48.42 -28.75
CA MET D 97 -12.46 -47.07 -28.89
C MET D 97 -11.11 -46.99 -28.21
N THR D 98 -10.09 -46.54 -28.95
CA THR D 98 -8.74 -46.41 -28.43
C THR D 98 -8.20 -45.02 -28.75
N THR D 99 -7.24 -44.58 -27.94
CA THR D 99 -6.60 -43.29 -28.14
C THR D 99 -5.10 -43.43 -28.01
N ASP D 100 -4.38 -42.61 -28.78
CA ASP D 100 -2.92 -42.61 -28.75
C ASP D 100 -2.46 -41.15 -28.68
N THR D 101 -1.96 -40.74 -27.51
CA THR D 101 -1.56 -39.36 -27.30
C THR D 101 -0.19 -39.05 -27.91
N SER D 102 0.61 -40.07 -28.23
CA SER D 102 1.92 -39.82 -28.84
C SER D 102 1.77 -39.18 -30.21
N THR D 103 0.91 -39.75 -31.05
CA THR D 103 0.59 -39.18 -32.35
C THR D 103 -0.74 -38.43 -32.36
N SER D 104 -1.43 -38.37 -31.22
CA SER D 104 -2.68 -37.64 -31.07
C SER D 104 -3.73 -38.13 -32.07
N THR D 105 -4.13 -39.39 -31.90
CA THR D 105 -5.12 -40.00 -32.78
C THR D 105 -6.15 -40.75 -31.95
N ALA D 106 -7.35 -40.91 -32.52
CA ALA D 106 -8.42 -41.69 -31.93
C ALA D 106 -8.91 -42.71 -32.94
N TYR D 107 -9.07 -43.95 -32.50
CA TYR D 107 -9.43 -45.05 -33.38
C TYR D 107 -10.72 -45.72 -32.91
N MET D 108 -11.58 -46.03 -33.87
CA MET D 108 -12.71 -46.92 -33.68
C MET D 108 -12.49 -48.22 -34.45
N GLU D 109 -12.78 -49.33 -33.81
CA GLU D 109 -12.85 -50.63 -34.46
C GLU D 109 -14.25 -51.18 -34.31
N LEU D 110 -14.85 -51.58 -35.43
CA LEU D 110 -16.18 -52.16 -35.45
C LEU D 110 -16.11 -53.58 -36.01
N ARG D 111 -16.84 -54.49 -35.39
CA ARG D 111 -16.78 -55.91 -35.71
C ARG D 111 -18.15 -56.41 -36.13
N SER D 112 -18.15 -57.51 -36.90
CA SER D 112 -19.37 -58.19 -37.34
C SER D 112 -20.31 -57.22 -38.04
N LEU D 113 -19.83 -56.68 -39.16
CA LEU D 113 -20.61 -55.70 -39.91
C LEU D 113 -21.86 -56.33 -40.49
N ARG D 114 -22.96 -55.60 -40.42
CA ARG D 114 -24.25 -56.05 -40.93
C ARG D 114 -24.59 -55.30 -42.21
N SER D 115 -25.70 -55.71 -42.84
CA SER D 115 -26.13 -55.08 -44.08
C SER D 115 -26.63 -53.66 -43.88
N ASP D 116 -26.93 -53.27 -42.64
CA ASP D 116 -27.44 -51.93 -42.34
C ASP D 116 -26.43 -51.10 -41.56
N ASP D 117 -25.15 -51.30 -41.82
CA ASP D 117 -24.08 -50.53 -41.17
C ASP D 117 -23.52 -49.43 -42.06
N THR D 118 -23.99 -49.31 -43.30
CA THR D 118 -23.52 -48.26 -44.18
C THR D 118 -24.00 -46.90 -43.68
N ALA D 119 -23.07 -45.95 -43.54
CA ALA D 119 -23.39 -44.66 -42.94
C ALA D 119 -22.19 -43.73 -43.13
N VAL D 120 -22.25 -42.57 -42.48
CA VAL D 120 -21.15 -41.62 -42.40
C VAL D 120 -20.78 -41.47 -40.93
N TYR D 121 -19.51 -41.70 -40.61
CA TYR D 121 -19.01 -41.67 -39.24
C TYR D 121 -18.24 -40.39 -39.01
N TYR D 122 -18.55 -39.69 -37.91
CA TYR D 122 -17.93 -38.42 -37.58
C TYR D 122 -17.26 -38.52 -36.22
N CYS D 123 -16.08 -37.92 -36.11
CA CYS D 123 -15.39 -37.74 -34.84
C CYS D 123 -15.56 -36.29 -34.42
N ALA D 124 -16.05 -36.08 -33.20
CA ALA D 124 -16.33 -34.73 -32.70
C ALA D 124 -15.59 -34.51 -31.39
N ARG D 125 -15.28 -33.25 -31.12
CA ARG D 125 -14.57 -32.87 -29.91
C ARG D 125 -15.49 -32.07 -29.00
N ASP D 126 -15.47 -32.39 -27.71
CA ASP D 126 -16.31 -31.71 -26.74
C ASP D 126 -15.80 -30.28 -26.54
N LYS D 127 -16.50 -29.53 -25.70
CA LYS D 127 -16.23 -28.11 -25.52
C LYS D 127 -15.26 -27.80 -24.39
N GLY D 128 -15.33 -28.54 -23.28
CA GLY D 128 -14.47 -28.21 -22.15
C GLY D 128 -14.44 -29.26 -21.06
N TRP D 129 -14.36 -28.82 -19.81
CA TRP D 129 -14.22 -29.75 -18.69
C TRP D 129 -15.54 -30.44 -18.36
N ASN D 130 -16.55 -29.67 -17.96
CA ASN D 130 -17.84 -30.24 -17.62
C ASN D 130 -18.85 -30.15 -18.75
N SER D 131 -18.52 -29.44 -19.83
CA SER D 131 -19.38 -29.38 -21.02
C SER D 131 -18.93 -30.40 -22.06
N GLU D 132 -18.99 -31.67 -21.66
CA GLU D 132 -18.54 -32.77 -22.50
C GLU D 132 -19.66 -33.38 -23.32
N GLY D 133 -20.87 -32.82 -23.26
CA GLY D 133 -21.97 -33.29 -24.05
C GLY D 133 -22.25 -32.43 -25.26
N SER D 134 -21.49 -31.35 -25.41
CA SER D 134 -21.65 -30.40 -26.50
C SER D 134 -20.51 -30.61 -27.49
N LEU D 135 -20.83 -31.11 -28.67
CA LEU D 135 -19.83 -31.43 -29.69
C LEU D 135 -19.53 -30.17 -30.50
N GLU D 136 -18.37 -29.57 -30.23
CA GLU D 136 -18.03 -28.27 -30.81
C GLU D 136 -17.38 -28.41 -32.19
N TYR D 137 -16.24 -29.10 -32.25
CA TYR D 137 -15.51 -29.27 -33.50
C TYR D 137 -15.76 -30.66 -34.05
N TRP D 138 -16.06 -30.74 -35.34
CA TRP D 138 -16.46 -31.98 -35.99
C TRP D 138 -15.48 -32.33 -37.09
N GLY D 139 -15.36 -33.63 -37.35
CA GLY D 139 -14.51 -34.11 -38.43
C GLY D 139 -15.18 -33.98 -39.78
N GLN D 140 -14.42 -34.33 -40.82
CA GLN D 140 -14.90 -34.19 -42.19
C GLN D 140 -15.76 -35.37 -42.63
N GLY D 141 -15.92 -36.40 -41.80
CA GLY D 141 -16.84 -37.48 -42.10
C GLY D 141 -16.25 -38.56 -42.98
N THR D 142 -16.40 -39.82 -42.56
CA THR D 142 -15.92 -40.97 -43.33
C THR D 142 -17.12 -41.78 -43.78
N LEU D 143 -17.25 -41.98 -45.08
CA LEU D 143 -18.38 -42.71 -45.66
C LEU D 143 -18.02 -44.18 -45.70
N VAL D 144 -18.69 -44.99 -44.88
CA VAL D 144 -18.46 -46.43 -44.81
C VAL D 144 -19.62 -47.12 -45.50
N THR D 145 -19.32 -47.90 -46.54
CA THR D 145 -20.31 -48.64 -47.31
C THR D 145 -20.13 -50.12 -47.08
N VAL D 146 -21.22 -50.81 -46.74
CA VAL D 146 -21.20 -52.24 -46.53
C VAL D 146 -21.99 -52.91 -47.65
N SER D 147 -21.58 -54.13 -48.00
CA SER D 147 -22.24 -54.87 -49.07
C SER D 147 -23.43 -55.66 -48.53
N SER D 163 -35.20 -46.75 -20.99
CA SER D 163 -35.70 -45.52 -20.38
C SER D 163 -34.94 -44.30 -20.93
N ASP D 164 -34.56 -44.38 -22.20
CA ASP D 164 -33.85 -43.28 -22.82
C ASP D 164 -34.76 -42.09 -23.04
N ILE D 165 -34.18 -40.89 -22.99
CA ILE D 165 -34.94 -39.67 -23.19
C ILE D 165 -35.25 -39.52 -24.67
N VAL D 166 -36.54 -39.43 -25.01
CA VAL D 166 -36.97 -39.29 -26.40
C VAL D 166 -37.13 -37.80 -26.69
N MET D 167 -36.48 -37.33 -27.75
CA MET D 167 -36.47 -35.93 -28.11
C MET D 167 -37.35 -35.75 -29.35
N THR D 168 -38.40 -34.94 -29.22
CA THR D 168 -39.32 -34.68 -30.32
C THR D 168 -39.16 -33.24 -30.78
N GLN D 169 -39.25 -33.02 -32.09
CA GLN D 169 -39.01 -31.69 -32.64
C GLN D 169 -40.13 -31.35 -33.62
N SER D 170 -40.62 -30.11 -33.53
CA SER D 170 -41.73 -29.66 -34.35
C SER D 170 -41.46 -28.27 -34.90
N PRO D 171 -41.90 -27.97 -36.13
CA PRO D 171 -42.48 -28.94 -37.06
C PRO D 171 -41.42 -29.75 -37.81
N SER D 172 -41.79 -30.35 -38.93
CA SER D 172 -40.88 -31.21 -39.70
C SER D 172 -40.44 -30.62 -41.02
N SER D 173 -41.33 -29.92 -41.73
CA SER D 173 -41.05 -29.39 -43.06
C SER D 173 -41.53 -27.94 -43.18
N VAL D 174 -41.15 -27.12 -42.20
CA VAL D 174 -41.58 -25.73 -42.19
C VAL D 174 -40.98 -24.99 -43.38
N SER D 175 -41.79 -24.16 -44.03
CA SER D 175 -41.36 -23.35 -45.16
C SER D 175 -41.45 -21.87 -44.79
N ALA D 176 -40.56 -21.08 -45.39
CA ALA D 176 -40.51 -19.65 -45.12
C ALA D 176 -39.87 -18.96 -46.31
N SER D 177 -39.63 -17.66 -46.16
CA SER D 177 -39.00 -16.83 -47.17
C SER D 177 -37.89 -16.01 -46.53
N VAL D 178 -37.12 -15.32 -47.38
CA VAL D 178 -36.00 -14.53 -46.89
C VAL D 178 -36.52 -13.33 -46.10
N GLY D 179 -35.88 -13.05 -44.96
CA GLY D 179 -36.23 -11.93 -44.13
C GLY D 179 -37.34 -12.19 -43.13
N ASP D 180 -37.93 -13.37 -43.13
CA ASP D 180 -39.02 -13.68 -42.21
C ASP D 180 -38.48 -14.11 -40.85
N ARG D 181 -39.40 -14.44 -39.95
CA ARG D 181 -39.07 -14.94 -38.62
C ARG D 181 -39.66 -16.33 -38.46
N VAL D 182 -38.85 -17.27 -37.96
CA VAL D 182 -39.27 -18.65 -37.81
C VAL D 182 -38.92 -19.13 -36.40
N THR D 183 -39.72 -20.07 -35.89
CA THR D 183 -39.49 -20.65 -34.57
C THR D 183 -39.65 -22.16 -34.65
N ILE D 184 -38.83 -22.88 -33.91
CA ILE D 184 -38.83 -24.34 -33.88
C ILE D 184 -38.84 -24.79 -32.42
N THR D 185 -39.65 -25.79 -32.11
CA THR D 185 -39.83 -26.25 -30.74
C THR D 185 -39.25 -27.65 -30.58
N CYS D 186 -38.61 -27.90 -29.43
CA CYS D 186 -38.06 -29.21 -29.09
C CYS D 186 -38.53 -29.59 -27.70
N ARG D 187 -39.05 -30.81 -27.56
CA ARG D 187 -39.63 -31.30 -26.32
C ARG D 187 -38.92 -32.57 -25.90
N ALA D 188 -38.68 -32.70 -24.59
CA ALA D 188 -38.03 -33.87 -24.02
C ALA D 188 -39.03 -34.68 -23.21
N SER D 189 -38.79 -35.99 -23.15
CA SER D 189 -39.66 -36.86 -22.36
C SER D 189 -39.51 -36.63 -20.86
N GLN D 190 -38.36 -36.13 -20.42
CA GLN D 190 -38.10 -35.87 -19.02
C GLN D 190 -37.48 -34.49 -18.89
N GLY D 191 -37.59 -33.92 -17.69
CA GLY D 191 -36.94 -32.65 -17.40
C GLY D 191 -35.44 -32.75 -17.48
N ILE D 192 -34.82 -31.93 -18.32
CA ILE D 192 -33.38 -32.00 -18.57
C ILE D 192 -32.67 -30.73 -18.11
N SER D 193 -33.33 -29.91 -17.28
CA SER D 193 -32.78 -28.64 -16.80
C SER D 193 -32.44 -27.79 -18.02
N ASN D 194 -31.23 -27.26 -18.14
CA ASN D 194 -30.84 -26.43 -19.28
C ASN D 194 -29.79 -27.10 -20.15
N TRP D 195 -29.71 -28.43 -20.13
CA TRP D 195 -28.75 -29.16 -20.96
C TRP D 195 -29.41 -29.45 -22.31
N LEU D 196 -29.23 -28.54 -23.25
CA LEU D 196 -29.71 -28.75 -24.61
C LEU D 196 -28.81 -27.97 -25.57
N GLY D 197 -28.62 -28.54 -26.76
CA GLY D 197 -27.84 -27.88 -27.78
C GLY D 197 -28.54 -27.92 -29.12
N TRP D 198 -28.31 -26.90 -29.93
CA TRP D 198 -28.92 -26.76 -31.24
C TRP D 198 -27.85 -26.84 -32.31
N TYR D 199 -28.05 -27.74 -33.28
CA TYR D 199 -27.11 -27.98 -34.36
C TYR D 199 -27.75 -27.68 -35.71
N GLN D 200 -26.93 -27.19 -36.64
CA GLN D 200 -27.35 -26.92 -38.01
C GLN D 200 -26.51 -27.76 -38.97
N GLN D 201 -27.18 -28.43 -39.91
CA GLN D 201 -26.49 -29.23 -40.91
C GLN D 201 -27.07 -28.93 -42.28
N LYS D 202 -26.21 -28.48 -43.19
CA LYS D 202 -26.54 -28.31 -44.59
C LYS D 202 -26.26 -29.59 -45.36
N PRO D 203 -26.90 -29.79 -46.51
CA PRO D 203 -26.66 -31.03 -47.27
C PRO D 203 -25.20 -31.18 -47.64
N GLY D 204 -24.63 -32.34 -47.31
CA GLY D 204 -23.26 -32.64 -47.64
C GLY D 204 -22.21 -32.02 -46.74
N LYS D 205 -22.60 -31.50 -45.57
CA LYS D 205 -21.65 -30.86 -44.66
C LYS D 205 -21.87 -31.38 -43.24
N ALA D 206 -20.83 -31.23 -42.43
CA ALA D 206 -20.89 -31.68 -41.05
C ALA D 206 -21.78 -30.75 -40.22
N PRO D 207 -22.42 -31.28 -39.17
CA PRO D 207 -23.24 -30.42 -38.31
C PRO D 207 -22.39 -29.37 -37.59
N LYS D 208 -23.03 -28.24 -37.31
CA LYS D 208 -22.37 -27.09 -36.67
C LYS D 208 -23.11 -26.72 -35.40
N LEU D 209 -22.36 -26.51 -34.32
CA LEU D 209 -22.97 -26.09 -33.06
C LEU D 209 -23.35 -24.62 -33.13
N LEU D 210 -24.57 -24.31 -32.70
CA LEU D 210 -25.07 -22.94 -32.68
C LEU D 210 -25.28 -22.43 -31.26
N ILE D 211 -26.10 -23.13 -30.47
CA ILE D 211 -26.45 -22.70 -29.12
C ILE D 211 -26.24 -23.86 -28.16
N TYR D 212 -25.54 -23.61 -27.07
CA TYR D 212 -25.33 -24.59 -26.01
C TYR D 212 -25.92 -24.05 -24.71
N GLY D 213 -26.52 -24.94 -23.92
CA GLY D 213 -27.19 -24.52 -22.72
C GLY D 213 -28.56 -23.91 -22.93
N ALA D 214 -29.06 -23.92 -24.17
CA ALA D 214 -30.39 -23.45 -24.55
C ALA D 214 -30.52 -21.93 -24.42
N SER D 215 -29.48 -21.26 -23.93
CA SER D 215 -29.54 -19.81 -23.80
C SER D 215 -28.24 -19.10 -24.14
N SER D 216 -27.16 -19.82 -24.45
CA SER D 216 -25.86 -19.22 -24.71
C SER D 216 -25.48 -19.41 -26.17
N LEU D 217 -25.10 -18.32 -26.82
CA LEU D 217 -24.73 -18.34 -28.23
C LEU D 217 -23.25 -18.67 -28.38
N GLN D 218 -22.94 -19.64 -29.23
CA GLN D 218 -21.56 -20.01 -29.48
C GLN D 218 -20.82 -18.87 -30.18
N SER D 219 -19.57 -18.65 -29.79
CA SER D 219 -18.77 -17.58 -30.36
C SER D 219 -18.60 -17.78 -31.86
N GLY D 220 -18.78 -16.70 -32.62
CA GLY D 220 -18.70 -16.72 -34.06
C GLY D 220 -20.05 -16.84 -34.76
N VAL D 221 -21.06 -17.33 -34.05
CA VAL D 221 -22.42 -17.45 -34.60
C VAL D 221 -23.06 -16.07 -34.60
N PRO D 222 -23.76 -15.67 -35.67
CA PRO D 222 -24.44 -14.37 -35.66
C PRO D 222 -25.49 -14.31 -34.56
N SER D 223 -25.70 -13.09 -34.06
CA SER D 223 -26.64 -12.86 -32.97
C SER D 223 -28.09 -12.98 -33.40
N ARG D 224 -28.36 -13.23 -34.68
CA ARG D 224 -29.73 -13.38 -35.15
C ARG D 224 -30.42 -14.57 -34.51
N PHE D 225 -29.71 -15.69 -34.38
CA PHE D 225 -30.27 -16.87 -33.75
C PHE D 225 -30.48 -16.63 -32.25
N SER D 226 -31.56 -17.17 -31.71
CA SER D 226 -31.82 -17.08 -30.28
C SER D 226 -32.40 -18.40 -29.79
N GLY D 227 -32.12 -18.71 -28.53
CA GLY D 227 -32.66 -19.90 -27.90
C GLY D 227 -33.23 -19.57 -26.55
N SER D 228 -34.30 -20.29 -26.19
CA SER D 228 -34.99 -20.01 -24.94
C SER D 228 -35.71 -21.26 -24.45
N GLY D 229 -36.11 -21.23 -23.20
CA GLY D 229 -36.85 -22.31 -22.59
C GLY D 229 -36.00 -23.10 -21.61
N SER D 230 -36.69 -23.83 -20.73
CA SER D 230 -36.03 -24.68 -19.75
C SER D 230 -37.01 -25.75 -19.32
N GLY D 231 -36.47 -26.85 -18.79
CA GLY D 231 -37.31 -27.94 -18.33
C GLY D 231 -37.63 -28.95 -19.40
N THR D 232 -38.81 -28.82 -20.01
CA THR D 232 -39.29 -29.76 -21.02
C THR D 232 -39.37 -29.17 -22.41
N ASP D 233 -39.87 -27.94 -22.56
CA ASP D 233 -40.10 -27.33 -23.86
C ASP D 233 -39.06 -26.25 -24.11
N PHE D 234 -38.44 -26.29 -25.29
CA PHE D 234 -37.42 -25.32 -25.68
C PHE D 234 -37.76 -24.78 -27.07
N THR D 235 -37.31 -23.55 -27.33
CA THR D 235 -37.57 -22.89 -28.61
C THR D 235 -36.29 -22.30 -29.17
N LEU D 236 -36.15 -22.39 -30.50
CA LEU D 236 -35.08 -21.73 -31.25
C LEU D 236 -35.72 -20.82 -32.28
N THR D 237 -35.31 -19.56 -32.29
CA THR D 237 -35.95 -18.53 -33.10
C THR D 237 -34.93 -17.83 -33.99
N ILE D 238 -35.33 -17.61 -35.24
CA ILE D 238 -34.58 -16.78 -36.18
C ILE D 238 -35.46 -15.57 -36.48
N SER D 239 -35.02 -14.39 -36.05
CA SER D 239 -35.81 -13.18 -36.23
C SER D 239 -35.81 -12.73 -37.68
N SER D 240 -34.63 -12.72 -38.31
CA SER D 240 -34.48 -12.29 -39.70
C SER D 240 -33.78 -13.40 -40.47
N LEU D 241 -34.52 -14.09 -41.33
CA LEU D 241 -33.97 -15.19 -42.10
C LEU D 241 -33.06 -14.67 -43.21
N GLN D 242 -32.10 -15.49 -43.59
CA GLN D 242 -31.12 -15.16 -44.62
C GLN D 242 -31.03 -16.28 -45.64
N PRO D 243 -30.62 -15.96 -46.87
CA PRO D 243 -30.51 -17.02 -47.89
C PRO D 243 -29.49 -18.10 -47.56
N GLU D 244 -28.55 -17.84 -46.65
CA GLU D 244 -27.54 -18.80 -46.28
C GLU D 244 -27.88 -19.56 -45.01
N ASP D 245 -29.14 -19.49 -44.55
CA ASP D 245 -29.57 -20.16 -43.33
C ASP D 245 -30.60 -21.26 -43.60
N PHE D 246 -30.65 -21.78 -44.82
CA PHE D 246 -31.56 -22.86 -45.17
C PHE D 246 -30.83 -24.19 -44.96
N ALA D 247 -31.26 -24.95 -43.96
CA ALA D 247 -30.60 -26.20 -43.60
C ALA D 247 -31.53 -27.01 -42.70
N THR D 248 -31.00 -28.08 -42.11
CA THR D 248 -31.74 -28.94 -41.21
C THR D 248 -31.23 -28.73 -39.79
N TYR D 249 -32.16 -28.61 -38.83
CA TYR D 249 -31.82 -28.26 -37.46
C TYR D 249 -32.13 -29.41 -36.52
N PHE D 250 -31.23 -29.64 -35.56
CA PHE D 250 -31.34 -30.72 -34.59
C PHE D 250 -31.23 -30.17 -33.18
N CYS D 251 -31.90 -30.82 -32.24
CA CYS D 251 -31.74 -30.54 -30.82
C CYS D 251 -31.22 -31.79 -30.12
N GLN D 252 -30.14 -31.63 -29.35
CA GLN D 252 -29.48 -32.74 -28.69
C GLN D 252 -29.38 -32.48 -27.20
N GLN D 253 -29.79 -33.48 -26.41
CA GLN D 253 -29.77 -33.36 -24.95
C GLN D 253 -28.49 -33.96 -24.39
N ALA D 254 -27.99 -33.35 -23.31
CA ALA D 254 -26.78 -33.80 -22.64
C ALA D 254 -27.05 -34.16 -21.18
N TYR D 255 -28.26 -34.62 -20.88
CA TYR D 255 -28.61 -34.94 -19.50
C TYR D 255 -28.11 -36.31 -19.08
N SER D 256 -28.56 -37.36 -19.76
CA SER D 256 -28.21 -38.72 -19.38
C SER D 256 -27.88 -39.54 -20.62
N LEU D 257 -27.02 -40.54 -20.44
CA LEU D 257 -26.64 -41.41 -21.53
C LEU D 257 -27.79 -42.37 -21.87
N PRO D 258 -27.93 -42.76 -23.15
CA PRO D 258 -27.13 -42.28 -24.28
C PRO D 258 -27.59 -40.91 -24.79
N LEU D 259 -26.67 -40.16 -25.40
CA LEU D 259 -27.03 -38.87 -25.96
C LEU D 259 -27.97 -39.04 -27.13
N THR D 260 -29.03 -38.24 -27.17
CA THR D 260 -30.10 -38.38 -28.15
C THR D 260 -30.21 -37.10 -28.97
N PHE D 261 -30.34 -37.26 -30.28
CA PHE D 261 -30.50 -36.15 -31.20
C PHE D 261 -31.95 -36.01 -31.63
N GLY D 262 -32.32 -34.80 -32.04
CA GLY D 262 -33.67 -34.55 -32.51
C GLY D 262 -33.93 -35.16 -33.86
N GLY D 263 -35.21 -35.21 -34.22
CA GLY D 263 -35.61 -35.78 -35.50
C GLY D 263 -35.23 -34.94 -36.70
N GLY D 264 -35.04 -33.64 -36.51
CA GLY D 264 -34.64 -32.77 -37.60
C GLY D 264 -35.80 -32.02 -38.22
N THR D 265 -35.63 -30.71 -38.43
CA THR D 265 -36.64 -29.87 -39.07
C THR D 265 -36.04 -29.29 -40.34
N LYS D 266 -36.67 -29.57 -41.48
CA LYS D 266 -36.18 -29.15 -42.77
C LYS D 266 -36.73 -27.76 -43.09
N LEU D 267 -35.90 -26.75 -42.94
CA LEU D 267 -36.29 -25.36 -43.20
C LEU D 267 -36.02 -25.06 -44.67
N GLU D 268 -37.05 -25.24 -45.50
CA GLU D 268 -36.93 -25.10 -46.95
C GLU D 268 -37.25 -23.67 -47.38
N ILE D 269 -37.00 -23.40 -48.66
CA ILE D 269 -37.28 -22.09 -49.23
C ILE D 269 -38.51 -22.15 -50.13
#